data_2B4G
#
_entry.id   2B4G
#
_cell.length_a   81.605
_cell.length_b   162.630
_cell.length_c   163.070
_cell.angle_alpha   90.00
_cell.angle_beta   90.00
_cell.angle_gamma   90.00
#
_symmetry.space_group_name_H-M   'C 2 2 21'
#
loop_
_entity.id
_entity.type
_entity.pdbx_description
1 polymer 'dihydroorotate dehydrogenase'
2 non-polymer 'BROMIDE ION'
3 non-polymer 'FLAVIN MONONUCLEOTIDE'
4 non-polymer 'OROTIC ACID'
5 non-polymer GLYCEROL
6 water water
#
_entity_poly.entity_id   1
_entity_poly.type   'polypeptide(L)'
_entity_poly.pdbx_seq_one_letter_code
;GPGSMSLKVNILGHEFSNPFMNAAGVLCTTEEDLRRMTESESGSLIGKSCTLAPRTGNPEPRYFGLPLGSINSMGLPNLG
VDFYLSYAAQTHDYSRKPLFLSMSGLSVEESVEMVKKLVPITKEKGTILELNLSCPNVPGKPQVGYDFDTTRTYLQKVSE
AYGLPFGVKMPPYFDIAHFDMAAAVLNDFPLVKFITCVNSIGNGLVIDPANETVVIKPKQGFGGLGGKYVLPTALANVNA
FFRRCPDKLVFGCGGVYSGEEAFLHILAGASMVQVGTALHDEGPIIFARLNKELQEIMTNKGYKTLDEFRGRVKTMD
;
_entity_poly.pdbx_strand_id   A,B,C,D
#
loop_
_chem_comp.id
_chem_comp.type
_chem_comp.name
_chem_comp.formula
BR non-polymer 'BROMIDE ION' 'Br -1'
FMN non-polymer 'FLAVIN MONONUCLEOTIDE' 'C17 H21 N4 O9 P'
GOL non-polymer GLYCEROL 'C3 H8 O3'
ORO non-polymer 'OROTIC ACID' 'C5 H4 N2 O4'
#
# COMPACT_ATOMS: atom_id res chain seq x y z
N SER A 6 21.40 -22.36 17.84
CA SER A 6 20.06 -22.95 17.49
C SER A 6 19.62 -22.44 16.12
N LEU A 7 19.34 -21.14 16.01
CA LEU A 7 19.08 -20.53 14.70
C LEU A 7 20.40 -20.04 14.03
N LYS A 8 21.53 -20.21 14.72
CA LYS A 8 22.77 -19.62 14.26
C LYS A 8 23.24 -20.12 12.89
N VAL A 9 23.95 -19.23 12.18
CA VAL A 9 24.57 -19.53 10.89
C VAL A 9 26.02 -19.04 10.93
N ASN A 10 26.96 -19.91 10.55
CA ASN A 10 28.36 -19.60 10.53
C ASN A 10 28.93 -19.80 9.12
N ILE A 11 28.92 -18.72 8.33
CA ILE A 11 29.34 -18.74 6.93
C ILE A 11 30.09 -17.44 6.64
N LEU A 12 30.87 -17.45 5.56
CA LEU A 12 31.51 -16.24 5.04
C LEU A 12 32.42 -15.47 6.02
N GLY A 13 32.95 -16.18 7.03
CA GLY A 13 33.83 -15.56 8.03
C GLY A 13 33.06 -14.84 9.11
N HIS A 14 31.77 -15.14 9.23
CA HIS A 14 30.87 -14.39 10.10
C HIS A 14 29.99 -15.35 10.88
N GLU A 15 29.61 -14.96 12.10
CA GLU A 15 28.51 -15.63 12.82
C GLU A 15 27.24 -14.78 12.79
N PHE A 16 26.15 -15.40 12.35
CA PHE A 16 24.85 -14.76 12.32
C PHE A 16 24.01 -15.38 13.43
N SER A 17 23.25 -14.54 14.11
CA SER A 17 22.39 -14.99 15.22
C SER A 17 21.21 -15.87 14.75
N ASN A 18 20.79 -15.63 13.51
CA ASN A 18 19.65 -16.31 12.90
C ASN A 18 19.76 -16.11 11.40
N PRO A 19 18.98 -16.86 10.60
CA PRO A 19 19.21 -16.76 9.15
C PRO A 19 18.54 -15.56 8.46
N PHE A 20 17.72 -14.78 9.18
CA PHE A 20 16.85 -13.79 8.54
C PHE A 20 17.52 -12.44 8.27
N MET A 21 17.18 -11.86 7.13
CA MET A 21 17.57 -10.48 6.80
C MET A 21 16.50 -9.89 5.86
N ASN A 22 16.53 -8.57 5.69
CA ASN A 22 15.75 -7.97 4.63
C ASN A 22 16.23 -8.42 3.24
N ALA A 23 15.32 -8.36 2.28
CA ALA A 23 15.69 -8.49 0.89
C ALA A 23 16.22 -7.13 0.45
N ALA A 24 17.20 -7.13 -0.44
CA ALA A 24 17.71 -5.85 -0.97
C ALA A 24 16.56 -4.98 -1.50
N GLY A 25 16.61 -3.69 -1.19
CA GLY A 25 15.58 -2.73 -1.60
C GLY A 25 14.42 -2.51 -0.65
N VAL A 26 14.22 -3.43 0.29
CA VAL A 26 13.18 -3.28 1.31
C VAL A 26 13.78 -2.81 2.63
N LEU A 27 13.27 -1.70 3.16
CA LEU A 27 13.74 -1.08 4.40
C LEU A 27 15.26 -0.93 4.52
N CYS A 28 15.88 -0.28 3.54
CA CYS A 28 17.34 -0.22 3.51
C CYS A 28 17.89 0.86 2.61
N THR A 29 17.16 1.95 2.43
CA THR A 29 17.58 3.02 1.54
C THR A 29 18.22 4.17 2.30
N THR A 30 17.63 4.55 3.42
CA THR A 30 18.11 5.67 4.22
C THR A 30 18.85 5.16 5.45
N GLU A 31 19.57 6.06 6.10
CA GLU A 31 20.22 5.75 7.34
C GLU A 31 19.22 5.26 8.39
N GLU A 32 18.06 5.92 8.48
CA GLU A 32 17.01 5.52 9.42
C GLU A 32 16.46 4.10 9.14
N ASP A 33 16.31 3.77 7.86
CA ASP A 33 15.91 2.42 7.44
C ASP A 33 16.91 1.40 7.98
N LEU A 34 18.18 1.62 7.65
CA LEU A 34 19.27 0.75 8.07
C LEU A 34 19.44 0.68 9.60
N ARG A 35 19.22 1.80 10.30
CA ARG A 35 19.17 1.80 11.79
C ARG A 35 18.08 0.86 12.32
N ARG A 36 16.89 0.97 11.74
CA ARG A 36 15.75 0.14 12.15
C ARG A 36 15.98 -1.36 11.84
N MET A 37 16.59 -1.65 10.70
CA MET A 37 17.01 -3.02 10.39
C MET A 37 18.04 -3.53 11.38
N THR A 38 19.00 -2.68 11.75
CA THR A 38 20.04 -3.06 12.71
C THR A 38 19.46 -3.25 14.12
N GLU A 39 18.55 -2.38 14.51
CA GLU A 39 17.79 -2.55 15.76
C GLU A 39 16.87 -3.76 15.80
N SER A 40 16.42 -4.24 14.64
CA SER A 40 15.52 -5.39 14.57
C SER A 40 16.18 -6.68 15.07
N GLU A 41 15.36 -7.71 15.17
CA GLU A 41 15.83 -9.03 15.56
C GLU A 41 16.48 -9.82 14.42
N SER A 42 16.57 -9.22 13.22
CA SER A 42 17.17 -9.89 12.07
C SER A 42 18.62 -10.35 12.32
N GLY A 43 18.98 -11.45 11.69
CA GLY A 43 20.37 -11.93 11.75
C GLY A 43 21.33 -11.04 10.97
N SER A 44 20.84 -10.46 9.86
CA SER A 44 21.64 -9.52 9.10
C SER A 44 20.80 -8.46 8.45
N LEU A 45 21.41 -7.70 7.55
CA LEU A 45 20.71 -6.70 6.77
C LEU A 45 21.55 -6.37 5.55
N ILE A 46 20.90 -5.86 4.54
CA ILE A 46 21.59 -5.51 3.30
C ILE A 46 21.11 -4.16 2.79
N GLY A 47 22.03 -3.37 2.25
CA GLY A 47 21.69 -2.06 1.75
C GLY A 47 20.94 -2.14 0.43
N LYS A 48 20.22 -1.05 0.13
CA LYS A 48 19.55 -0.86 -1.15
C LYS A 48 20.56 -1.00 -2.29
N SER A 49 20.16 -1.68 -3.37
CA SER A 49 20.97 -1.70 -4.58
C SER A 49 21.28 -0.27 -4.99
N CYS A 50 22.56 0.05 -5.00
CA CYS A 50 23.01 1.42 -5.21
C CYS A 50 23.70 1.57 -6.55
N THR A 51 23.81 2.82 -6.97
CA THR A 51 24.45 3.22 -8.21
C THR A 51 25.49 4.26 -7.82
N LEU A 52 26.37 4.62 -8.74
CA LEU A 52 27.51 5.49 -8.39
C LEU A 52 27.02 6.89 -7.95
N ALA A 53 26.09 7.42 -8.73
CA ALA A 53 25.40 8.66 -8.41
C ALA A 53 24.04 8.36 -7.80
N PRO A 54 23.54 9.26 -6.94
CA PRO A 54 22.14 9.17 -6.50
C PRO A 54 21.16 9.04 -7.66
N ARG A 55 20.11 8.26 -7.45
CA ARG A 55 19.04 8.05 -8.45
C ARG A 55 17.69 8.40 -7.85
N THR A 56 16.88 9.12 -8.62
CA THR A 56 15.53 9.46 -8.19
C THR A 56 14.58 8.26 -8.39
N GLY A 57 14.88 7.41 -9.38
CA GLY A 57 14.05 6.25 -9.66
C GLY A 57 12.94 6.55 -10.66
N ASN A 58 11.96 5.64 -10.74
CA ASN A 58 10.87 5.75 -11.71
C ASN A 58 9.70 6.60 -11.16
N PRO A 59 8.79 7.08 -12.02
CA PRO A 59 7.66 7.86 -11.47
C PRO A 59 6.65 7.03 -10.65
N GLU A 60 5.84 7.71 -9.83
CA GLU A 60 4.90 7.08 -8.90
C GLU A 60 3.45 7.05 -9.47
N PRO A 61 2.64 6.05 -9.08
CA PRO A 61 2.97 4.99 -8.13
C PRO A 61 3.89 3.96 -8.77
N ARG A 62 4.83 3.46 -7.99
CA ARG A 62 5.80 2.49 -8.46
C ARG A 62 5.93 1.27 -7.53
N TYR A 63 5.20 1.29 -6.41
CA TYR A 63 4.94 0.11 -5.61
C TYR A 63 3.43 -0.03 -5.42
N PHE A 64 2.95 -1.26 -5.56
CA PHE A 64 1.57 -1.54 -5.23
C PHE A 64 1.47 -2.85 -4.47
N GLY A 65 0.93 -2.76 -3.26
CA GLY A 65 0.75 -3.91 -2.39
C GLY A 65 -0.52 -4.62 -2.78
N LEU A 66 -0.46 -5.95 -2.66
CA LEU A 66 -1.46 -6.87 -3.22
C LEU A 66 -1.84 -7.95 -2.23
N PRO A 67 -3.07 -8.46 -2.31
CA PRO A 67 -3.41 -9.57 -1.41
C PRO A 67 -2.43 -10.73 -1.39
N LEU A 68 -1.89 -11.09 -2.56
CA LEU A 68 -0.95 -12.23 -2.65
C LEU A 68 0.51 -11.81 -2.83
N GLY A 69 0.81 -10.52 -2.69
CA GLY A 69 2.18 -10.09 -2.64
C GLY A 69 2.40 -8.63 -2.98
N SER A 70 3.24 -8.41 -3.99
CA SER A 70 3.62 -7.06 -4.39
C SER A 70 3.99 -7.01 -5.87
N ILE A 71 3.78 -5.84 -6.47
CA ILE A 71 4.35 -5.50 -7.76
C ILE A 71 5.13 -4.16 -7.62
N ASN A 72 6.32 -4.09 -8.20
CA ASN A 72 7.14 -2.89 -8.06
C ASN A 72 7.92 -2.59 -9.32
N SER A 73 8.07 -1.28 -9.58
CA SER A 73 9.01 -0.81 -10.57
C SER A 73 9.77 0.42 -10.02
N MET A 74 10.51 0.23 -8.94
CA MET A 74 11.14 1.36 -8.23
C MET A 74 12.10 2.14 -9.15
N GLY A 75 12.92 1.41 -9.89
CA GLY A 75 13.91 1.99 -10.77
C GLY A 75 15.19 2.34 -10.05
N LEU A 76 15.56 1.57 -9.03
CA LEU A 76 16.78 1.76 -8.26
C LEU A 76 16.95 3.16 -7.64
N PRO A 77 15.91 3.66 -6.95
CA PRO A 77 16.06 4.90 -6.21
C PRO A 77 17.00 4.65 -5.04
N ASN A 78 18.05 5.45 -4.93
CA ASN A 78 19.04 5.26 -3.87
C ASN A 78 19.88 6.51 -3.65
N LEU A 79 20.52 6.57 -2.49
CA LEU A 79 21.29 7.77 -2.09
C LEU A 79 22.69 7.86 -2.70
N GLY A 80 23.08 6.89 -3.52
CA GLY A 80 24.38 6.92 -4.19
C GLY A 80 25.42 6.15 -3.40
N VAL A 81 26.37 5.53 -4.09
CA VAL A 81 27.30 4.59 -3.46
C VAL A 81 28.05 5.17 -2.26
N ASP A 82 28.43 6.45 -2.35
CA ASP A 82 29.15 7.12 -1.26
C ASP A 82 28.42 7.00 0.07
N PHE A 83 27.08 7.11 0.06
CA PHE A 83 26.32 6.98 1.30
C PHE A 83 26.44 5.59 1.89
N TYR A 84 26.24 4.55 1.07
CA TYR A 84 26.27 3.15 1.55
C TYR A 84 27.66 2.74 2.03
N LEU A 85 28.68 3.28 1.36
CA LEU A 85 30.07 3.04 1.73
C LEU A 85 30.38 3.72 3.07
N SER A 86 29.99 4.97 3.22
CA SER A 86 30.10 5.67 4.52
C SER A 86 29.32 4.96 5.63
N TYR A 87 28.09 4.53 5.34
CA TYR A 87 27.30 3.78 6.33
C TYR A 87 28.09 2.54 6.82
N ALA A 88 28.71 1.83 5.87
CA ALA A 88 29.44 0.57 6.13
C ALA A 88 30.75 0.80 6.87
N ALA A 89 31.44 1.89 6.55
CA ALA A 89 32.73 2.20 7.18
C ALA A 89 32.62 2.93 8.52
N GLN A 90 31.57 3.74 8.70
CA GLN A 90 31.51 4.71 9.80
C GLN A 90 30.31 4.60 10.75
N THR A 91 29.13 4.23 10.25
CA THR A 91 27.90 4.24 11.05
C THR A 91 27.50 2.85 11.58
N HIS A 92 27.56 1.82 10.74
CA HIS A 92 26.95 0.56 11.10
C HIS A 92 27.58 -0.07 12.34
N ASP A 93 26.74 -0.60 13.22
CA ASP A 93 27.20 -1.31 14.42
C ASP A 93 27.40 -2.81 14.11
N TYR A 94 28.66 -3.17 13.92
CA TYR A 94 29.02 -4.55 13.61
C TYR A 94 28.97 -5.48 14.82
N SER A 95 28.90 -4.91 16.02
CA SER A 95 28.61 -5.70 17.23
C SER A 95 27.14 -6.22 17.21
N ARG A 96 26.23 -5.51 16.55
CA ARG A 96 24.82 -5.92 16.47
C ARG A 96 24.64 -7.08 15.49
N LYS A 97 25.19 -6.92 14.29
CA LYS A 97 25.09 -7.92 13.23
C LYS A 97 25.97 -7.56 12.05
N PRO A 98 26.28 -8.56 11.20
CA PRO A 98 27.02 -8.29 9.97
C PRO A 98 26.20 -7.52 8.92
N LEU A 99 26.90 -6.85 8.02
CA LEU A 99 26.25 -6.00 7.01
C LEU A 99 26.63 -6.45 5.60
N PHE A 100 25.61 -6.55 4.74
CA PHE A 100 25.77 -6.69 3.30
C PHE A 100 25.44 -5.35 2.66
N LEU A 101 26.10 -5.07 1.54
CA LEU A 101 25.70 -4.02 0.59
C LEU A 101 25.40 -4.65 -0.77
N SER A 102 24.26 -4.26 -1.34
CA SER A 102 23.93 -4.62 -2.73
C SER A 102 24.41 -3.52 -3.65
N MET A 103 25.10 -3.90 -4.74
CA MET A 103 25.57 -2.95 -5.76
C MET A 103 24.92 -3.29 -7.11
N SER A 104 24.40 -2.26 -7.78
CA SER A 104 23.65 -2.46 -9.02
C SER A 104 24.04 -1.42 -10.07
N GLY A 105 25.32 -1.45 -10.48
CA GLY A 105 25.76 -0.63 -11.61
C GLY A 105 24.92 -0.96 -12.83
N LEU A 106 24.60 0.05 -13.62
CA LEU A 106 23.81 -0.16 -14.83
C LEU A 106 24.68 -0.50 -16.03
N SER A 107 26.01 -0.47 -15.84
CA SER A 107 26.99 -1.01 -16.79
C SER A 107 28.05 -1.78 -16.00
N VAL A 108 28.85 -2.63 -16.67
CA VAL A 108 30.01 -3.23 -15.99
C VAL A 108 30.94 -2.16 -15.44
N GLU A 109 31.15 -1.11 -16.22
CA GLU A 109 32.13 -0.07 -15.85
C GLU A 109 31.74 0.59 -14.54
N GLU A 110 30.44 0.85 -14.38
CA GLU A 110 29.91 1.40 -13.15
C GLU A 110 30.08 0.41 -12.00
N SER A 111 29.75 -0.86 -12.23
CA SER A 111 29.90 -1.88 -11.19
C SER A 111 31.36 -2.07 -10.76
N VAL A 112 32.27 -2.00 -11.72
CA VAL A 112 33.69 -2.09 -11.44
C VAL A 112 34.15 -0.90 -10.55
N GLU A 113 33.73 0.30 -10.93
CA GLU A 113 34.07 1.49 -10.18
C GLU A 113 33.60 1.42 -8.73
N MET A 114 32.36 0.96 -8.56
CA MET A 114 31.75 0.81 -7.24
C MET A 114 32.43 -0.26 -6.35
N VAL A 115 32.67 -1.45 -6.88
CA VAL A 115 33.30 -2.51 -6.08
C VAL A 115 34.74 -2.20 -5.67
N LYS A 116 35.43 -1.41 -6.49
CA LYS A 116 36.79 -0.95 -6.15
C LYS A 116 36.79 -0.07 -4.88
N LYS A 117 35.80 0.81 -4.75
CA LYS A 117 35.64 1.61 -3.54
C LYS A 117 35.37 0.75 -2.31
N LEU A 118 34.65 -0.35 -2.49
CA LEU A 118 34.26 -1.24 -1.38
C LEU A 118 35.43 -2.04 -0.79
N VAL A 119 36.45 -2.33 -1.61
CA VAL A 119 37.55 -3.21 -1.20
C VAL A 119 38.13 -2.89 0.21
N PRO A 120 38.64 -1.65 0.41
CA PRO A 120 39.22 -1.32 1.72
C PRO A 120 38.24 -1.46 2.88
N ILE A 121 36.95 -1.25 2.61
CA ILE A 121 35.96 -1.28 3.68
C ILE A 121 35.62 -2.72 4.05
N THR A 122 35.58 -3.61 3.05
CA THR A 122 35.45 -5.02 3.32
C THR A 122 36.67 -5.54 4.13
N LYS A 123 37.88 -5.16 3.73
CA LYS A 123 39.08 -5.60 4.45
C LYS A 123 39.12 -5.13 5.92
N GLU A 124 38.67 -3.90 6.16
CA GLU A 124 38.70 -3.32 7.51
C GLU A 124 37.49 -3.68 8.38
N LYS A 125 36.26 -3.56 7.84
CA LYS A 125 35.03 -3.85 8.60
C LYS A 125 34.34 -5.19 8.31
N GLY A 126 34.73 -5.87 7.23
CA GLY A 126 34.11 -7.16 6.87
C GLY A 126 32.80 -7.07 6.12
N THR A 127 32.51 -5.89 5.55
CA THR A 127 31.29 -5.67 4.77
C THR A 127 31.22 -6.64 3.57
N ILE A 128 30.04 -7.25 3.37
CA ILE A 128 29.84 -8.28 2.33
C ILE A 128 29.12 -7.72 1.11
N LEU A 129 29.61 -8.10 -0.07
CA LEU A 129 29.01 -7.69 -1.35
C LEU A 129 28.02 -8.73 -1.88
N GLU A 130 26.82 -8.27 -2.23
CA GLU A 130 25.88 -9.00 -3.10
C GLU A 130 25.79 -8.19 -4.40
N LEU A 131 26.21 -8.78 -5.51
CA LEU A 131 26.18 -8.09 -6.81
C LEU A 131 24.84 -8.33 -7.48
N ASN A 132 24.09 -7.26 -7.77
CA ASN A 132 22.74 -7.40 -8.34
C ASN A 132 22.83 -7.57 -9.85
N LEU A 133 22.40 -8.74 -10.30
CA LEU A 133 22.43 -9.10 -11.71
C LEU A 133 21.02 -9.34 -12.23
N SER A 134 20.01 -8.76 -11.58
CA SER A 134 18.63 -9.10 -11.93
C SER A 134 17.58 -7.99 -11.72
N CYS A 135 17.99 -6.73 -11.78
CA CYS A 135 17.02 -5.62 -11.78
C CYS A 135 16.13 -5.71 -13.01
N PRO A 136 14.81 -5.91 -12.81
CA PRO A 136 13.93 -5.96 -13.97
C PRO A 136 13.19 -4.66 -14.30
N ASN A 137 13.61 -3.54 -13.70
CA ASN A 137 12.80 -2.31 -13.68
C ASN A 137 13.39 -1.05 -14.32
N VAL A 138 14.57 -1.15 -14.91
CA VAL A 138 15.17 -0.02 -15.61
C VAL A 138 15.03 -0.21 -17.12
N PRO A 139 14.26 0.68 -17.81
CA PRO A 139 14.09 0.63 -19.27
C PRO A 139 15.39 0.68 -20.08
N GLY A 140 15.52 -0.28 -21.00
CA GLY A 140 16.69 -0.39 -21.85
C GLY A 140 17.85 -1.14 -21.23
N LYS A 141 17.65 -1.64 -20.01
CA LYS A 141 18.71 -2.28 -19.24
C LYS A 141 18.14 -3.60 -18.69
N PRO A 142 18.08 -4.66 -19.54
CA PRO A 142 17.46 -5.91 -19.13
C PRO A 142 18.26 -6.73 -18.12
N GLN A 143 17.58 -7.71 -17.50
CA GLN A 143 18.18 -8.53 -16.45
C GLN A 143 19.46 -9.17 -17.01
N VAL A 144 20.61 -8.76 -16.46
CA VAL A 144 21.91 -9.25 -16.88
C VAL A 144 21.98 -10.77 -16.82
N GLY A 145 21.33 -11.31 -15.78
CA GLY A 145 21.30 -12.75 -15.50
C GLY A 145 20.63 -13.62 -16.56
N TYR A 146 19.85 -12.98 -17.43
CA TYR A 146 19.21 -13.65 -18.58
C TYR A 146 20.08 -13.61 -19.86
N ASP A 147 21.32 -13.13 -19.75
CA ASP A 147 22.28 -13.19 -20.84
C ASP A 147 23.56 -13.74 -20.24
N PHE A 148 23.86 -15.00 -20.53
CA PHE A 148 24.97 -15.67 -19.85
C PHE A 148 26.33 -15.15 -20.33
N ASP A 149 26.40 -14.56 -21.53
CA ASP A 149 27.62 -13.83 -21.94
C ASP A 149 27.85 -12.56 -21.12
N THR A 150 26.81 -11.75 -20.99
CA THR A 150 26.92 -10.54 -20.22
C THR A 150 27.25 -10.88 -18.77
N THR A 151 26.62 -11.93 -18.27
CA THR A 151 26.81 -12.34 -16.88
C THR A 151 28.26 -12.75 -16.63
N ARG A 152 28.85 -13.49 -17.57
CA ARG A 152 30.24 -13.94 -17.43
C ARG A 152 31.18 -12.74 -17.40
N THR A 153 30.92 -11.74 -18.23
CA THR A 153 31.77 -10.53 -18.25
C THR A 153 31.67 -9.73 -16.95
N TYR A 154 30.44 -9.54 -16.43
CA TYR A 154 30.28 -8.90 -15.13
C TYR A 154 31.06 -9.64 -14.06
N LEU A 155 30.90 -10.95 -14.02
CA LEU A 155 31.58 -11.77 -13.02
C LEU A 155 33.10 -11.74 -13.12
N GLN A 156 33.59 -11.68 -14.36
CA GLN A 156 35.03 -11.62 -14.57
C GLN A 156 35.61 -10.27 -14.14
N LYS A 157 34.99 -9.17 -14.58
CA LYS A 157 35.53 -7.85 -14.30
C LYS A 157 35.37 -7.50 -12.82
N VAL A 158 34.26 -7.90 -12.21
CA VAL A 158 34.07 -7.72 -10.76
C VAL A 158 35.01 -8.60 -9.93
N SER A 159 35.26 -9.84 -10.37
CA SER A 159 36.23 -10.73 -9.71
C SER A 159 37.62 -10.09 -9.70
N GLU A 160 38.05 -9.57 -10.86
CA GLU A 160 39.32 -8.86 -10.96
C GLU A 160 39.36 -7.58 -10.11
N ALA A 161 38.31 -6.77 -10.20
CA ALA A 161 38.27 -5.48 -9.54
C ALA A 161 38.13 -5.58 -8.01
N TYR A 162 37.33 -6.53 -7.52
CA TYR A 162 37.05 -6.66 -6.08
C TYR A 162 38.03 -7.65 -5.44
N GLY A 163 38.22 -8.79 -6.08
CA GLY A 163 39.22 -9.76 -5.63
C GLY A 163 38.97 -10.41 -4.27
N LEU A 164 37.75 -10.25 -3.72
CA LEU A 164 37.42 -10.86 -2.44
C LEU A 164 36.13 -11.65 -2.59
N PRO A 165 35.87 -12.58 -1.66
CA PRO A 165 34.60 -13.31 -1.66
C PRO A 165 33.36 -12.40 -1.83
N PHE A 166 32.44 -12.76 -2.73
CA PHE A 166 31.18 -12.03 -2.88
C PHE A 166 30.02 -12.94 -3.29
N GLY A 167 28.83 -12.37 -3.42
CA GLY A 167 27.65 -13.12 -3.86
C GLY A 167 26.91 -12.44 -4.97
N VAL A 168 25.96 -13.16 -5.58
CA VAL A 168 25.16 -12.64 -6.69
C VAL A 168 23.67 -12.82 -6.45
N LYS A 169 22.91 -11.79 -6.80
CA LYS A 169 21.46 -11.80 -6.76
C LYS A 169 21.02 -12.21 -8.15
N MET A 170 20.45 -13.41 -8.24
CA MET A 170 20.10 -14.01 -9.51
C MET A 170 18.62 -13.81 -9.81
N PRO A 171 18.27 -13.69 -11.11
CA PRO A 171 16.86 -13.67 -11.48
C PRO A 171 16.33 -15.09 -11.39
N PRO A 172 15.00 -15.25 -11.27
CA PRO A 172 14.45 -16.60 -11.31
C PRO A 172 14.49 -17.18 -12.74
N TYR A 173 14.85 -18.46 -12.83
CA TYR A 173 14.84 -19.21 -14.08
C TYR A 173 13.72 -20.25 -13.99
N PHE A 174 13.19 -20.61 -15.17
CA PHE A 174 12.01 -21.45 -15.31
C PHE A 174 12.21 -22.65 -16.25
N ASP A 175 13.46 -22.93 -16.57
CA ASP A 175 13.85 -23.82 -17.65
C ASP A 175 15.10 -24.55 -17.14
N ILE A 176 15.03 -25.89 -17.09
CA ILE A 176 16.14 -26.71 -16.57
C ILE A 176 17.42 -26.38 -17.31
N ALA A 177 17.33 -26.22 -18.63
CA ALA A 177 18.49 -25.79 -19.44
C ALA A 177 19.15 -24.50 -18.92
N HIS A 178 18.35 -23.55 -18.46
CA HIS A 178 18.88 -22.31 -17.90
C HIS A 178 19.44 -22.51 -16.49
N PHE A 179 18.86 -23.42 -15.68
CA PHE A 179 19.48 -23.78 -14.39
C PHE A 179 20.90 -24.30 -14.67
N ASP A 180 21.00 -25.19 -15.66
CA ASP A 180 22.28 -25.82 -15.99
C ASP A 180 23.32 -24.79 -16.47
N MET A 181 22.92 -23.94 -17.42
CA MET A 181 23.81 -22.89 -17.93
C MET A 181 24.24 -21.86 -16.87
N ALA A 182 23.29 -21.39 -16.08
CA ALA A 182 23.57 -20.39 -15.07
C ALA A 182 24.58 -20.94 -14.05
N ALA A 183 24.31 -22.15 -13.58
CA ALA A 183 25.17 -22.76 -12.58
C ALA A 183 26.59 -22.97 -13.14
N ALA A 184 26.68 -23.43 -14.38
CA ALA A 184 27.97 -23.60 -15.03
C ALA A 184 28.78 -22.29 -15.15
N VAL A 185 28.11 -21.18 -15.49
CA VAL A 185 28.77 -19.86 -15.49
C VAL A 185 29.23 -19.49 -14.06
N LEU A 186 28.34 -19.63 -13.08
CA LEU A 186 28.70 -19.30 -11.69
C LEU A 186 29.87 -20.13 -11.17
N ASN A 187 29.88 -21.42 -11.51
CA ASN A 187 30.94 -22.34 -11.06
C ASN A 187 32.32 -22.06 -11.68
N ASP A 188 32.39 -21.18 -12.67
CA ASP A 188 33.70 -20.72 -13.20
C ASP A 188 34.32 -19.55 -12.42
N PHE A 189 33.60 -19.01 -11.43
CA PHE A 189 34.14 -17.93 -10.62
C PHE A 189 34.15 -18.34 -9.14
N PRO A 190 35.33 -18.70 -8.59
CA PRO A 190 35.41 -19.17 -7.20
C PRO A 190 35.13 -18.11 -6.15
N LEU A 191 35.42 -16.85 -6.46
CA LEU A 191 35.10 -15.73 -5.55
C LEU A 191 33.60 -15.58 -5.29
N VAL A 192 32.77 -16.16 -6.18
CA VAL A 192 31.32 -16.20 -5.96
C VAL A 192 31.05 -17.28 -4.92
N LYS A 193 30.85 -16.87 -3.69
CA LYS A 193 30.68 -17.79 -2.55
C LYS A 193 29.22 -18.03 -2.17
N PHE A 194 28.34 -17.11 -2.58
CA PHE A 194 26.90 -17.31 -2.36
C PHE A 194 26.04 -16.85 -3.51
N ILE A 195 24.89 -17.47 -3.64
CA ILE A 195 23.95 -17.22 -4.74
C ILE A 195 22.61 -16.93 -4.09
N THR A 196 22.07 -15.73 -4.35
CA THR A 196 20.78 -15.36 -3.79
C THR A 196 19.70 -15.62 -4.84
N CYS A 197 18.82 -16.55 -4.51
CA CYS A 197 17.71 -16.96 -5.35
C CYS A 197 16.45 -16.63 -4.59
N VAL A 198 15.65 -15.67 -5.04
CA VAL A 198 15.68 -15.03 -6.35
C VAL A 198 15.25 -13.55 -6.26
N ASN A 199 15.55 -12.81 -7.30
CA ASN A 199 14.93 -11.49 -7.51
C ASN A 199 13.46 -11.60 -7.92
N SER A 200 12.76 -10.47 -7.95
CA SER A 200 11.34 -10.47 -8.32
C SER A 200 11.07 -11.17 -9.66
N ILE A 201 9.88 -11.77 -9.81
CA ILE A 201 9.45 -12.29 -11.12
C ILE A 201 9.16 -11.08 -12.02
N GLY A 202 9.99 -10.94 -13.03
CA GLY A 202 10.04 -9.74 -13.82
C GLY A 202 8.84 -9.49 -14.71
N ASN A 203 8.47 -8.22 -14.81
CA ASN A 203 7.54 -7.77 -15.83
C ASN A 203 6.17 -8.44 -15.89
N GLY A 204 5.56 -8.65 -14.72
CA GLY A 204 4.16 -8.98 -14.63
C GLY A 204 3.35 -7.70 -14.76
N LEU A 205 2.03 -7.84 -14.88
CA LEU A 205 1.12 -6.72 -15.11
C LEU A 205 -0.14 -6.89 -14.27
N VAL A 206 -0.44 -5.93 -13.41
CA VAL A 206 -1.64 -5.96 -12.58
C VAL A 206 -2.54 -4.80 -13.00
N ILE A 207 -3.82 -5.10 -13.17
CA ILE A 207 -4.81 -4.13 -13.65
C ILE A 207 -5.95 -4.12 -12.64
N ASP A 208 -6.41 -2.93 -12.25
CA ASP A 208 -7.54 -2.81 -11.34
C ASP A 208 -8.82 -2.86 -12.18
N PRO A 209 -9.74 -3.78 -11.87
CA PRO A 209 -10.98 -3.88 -12.67
C PRO A 209 -11.95 -2.72 -12.43
N ALA A 210 -11.85 -2.07 -11.26
CA ALA A 210 -12.72 -0.92 -10.98
C ALA A 210 -12.52 0.17 -12.03
N ASN A 211 -11.27 0.56 -12.26
CA ASN A 211 -10.99 1.70 -13.14
C ASN A 211 -10.34 1.31 -14.47
N GLU A 212 -10.13 0.01 -14.66
CA GLU A 212 -9.61 -0.53 -15.90
C GLU A 212 -8.22 0.00 -16.18
N THR A 213 -7.52 0.35 -15.10
CA THR A 213 -6.22 0.99 -15.13
C THR A 213 -5.18 0.11 -14.43
N VAL A 214 -3.99 0.05 -15.02
CA VAL A 214 -2.83 -0.56 -14.36
C VAL A 214 -2.57 0.11 -13.01
N VAL A 215 -1.86 -0.56 -12.11
CA VAL A 215 -1.67 -0.10 -10.76
C VAL A 215 -0.34 0.64 -10.51
N ILE A 216 0.63 0.47 -11.40
CA ILE A 216 1.86 1.27 -11.30
C ILE A 216 2.07 2.03 -12.62
N LYS A 217 2.74 3.16 -12.51
CA LYS A 217 2.96 4.10 -13.62
C LYS A 217 4.09 3.65 -14.59
N PRO A 218 5.26 3.23 -14.06
CA PRO A 218 6.39 2.98 -14.96
C PRO A 218 6.14 1.84 -15.94
N LYS A 219 6.72 1.97 -17.13
CA LYS A 219 6.72 0.91 -18.13
C LYS A 219 5.35 0.34 -18.50
N GLN A 220 4.37 1.23 -18.65
CA GLN A 220 2.98 0.84 -18.97
CA GLN A 220 2.97 0.85 -18.96
C GLN A 220 2.36 -0.16 -17.97
N GLY A 221 2.81 -0.10 -16.72
CA GLY A 221 2.27 -0.98 -15.68
C GLY A 221 3.07 -2.22 -15.35
N PHE A 222 4.16 -2.46 -16.09
CA PHE A 222 4.93 -3.70 -15.95
C PHE A 222 5.95 -3.59 -14.80
N GLY A 223 5.88 -4.53 -13.85
CA GLY A 223 6.83 -4.55 -12.74
C GLY A 223 7.14 -5.93 -12.21
N GLY A 224 8.10 -5.99 -11.31
CA GLY A 224 8.49 -7.23 -10.68
C GLY A 224 7.53 -7.69 -9.59
N LEU A 225 7.28 -8.99 -9.55
CA LEU A 225 6.35 -9.62 -8.60
C LEU A 225 7.14 -10.26 -7.46
N GLY A 226 6.65 -10.03 -6.24
CA GLY A 226 7.15 -10.71 -5.02
C GLY A 226 6.00 -11.18 -4.13
N GLY A 227 6.36 -11.90 -3.04
CA GLY A 227 5.37 -12.30 -2.05
C GLY A 227 4.88 -13.70 -2.37
N LYS A 228 3.60 -13.95 -2.12
CA LYS A 228 3.07 -15.33 -2.23
C LYS A 228 3.17 -15.88 -3.66
N TYR A 229 3.10 -14.99 -4.66
CA TYR A 229 3.24 -15.42 -6.06
C TYR A 229 4.53 -16.19 -6.35
N VAL A 230 5.61 -15.88 -5.65
CA VAL A 230 6.93 -16.36 -6.06
CA VAL A 230 6.97 -16.29 -6.00
C VAL A 230 7.49 -17.50 -5.22
N LEU A 231 6.72 -18.01 -4.25
CA LEU A 231 7.31 -19.04 -3.36
C LEU A 231 7.79 -20.31 -4.09
N PRO A 232 6.91 -20.99 -4.84
CA PRO A 232 7.41 -22.13 -5.61
C PRO A 232 8.58 -21.85 -6.59
N THR A 233 8.54 -20.69 -7.23
CA THR A 233 9.65 -20.27 -8.09
C THR A 233 10.94 -20.11 -7.27
N ALA A 234 10.86 -19.45 -6.10
CA ALA A 234 12.03 -19.25 -5.23
C ALA A 234 12.57 -20.59 -4.75
N LEU A 235 11.67 -21.44 -4.24
CA LEU A 235 12.08 -22.72 -3.71
C LEU A 235 12.76 -23.59 -4.75
N ALA A 236 12.24 -23.56 -5.97
CA ALA A 236 12.77 -24.33 -7.09
C ALA A 236 14.16 -23.84 -7.45
N ASN A 237 14.31 -22.53 -7.51
CA ASN A 237 15.62 -21.93 -7.82
C ASN A 237 16.66 -22.21 -6.74
N VAL A 238 16.27 -22.01 -5.48
CA VAL A 238 17.17 -22.37 -4.37
C VAL A 238 17.69 -23.80 -4.51
N ASN A 239 16.76 -24.74 -4.68
CA ASN A 239 17.13 -26.14 -4.73
C ASN A 239 17.92 -26.50 -6.00
N ALA A 240 17.55 -25.89 -7.12
CA ALA A 240 18.31 -26.09 -8.37
C ALA A 240 19.81 -25.73 -8.21
N PHE A 241 20.06 -24.57 -7.62
CA PHE A 241 21.43 -24.10 -7.45
C PHE A 241 22.11 -24.81 -6.31
N PHE A 242 21.36 -25.19 -5.28
CA PHE A 242 21.91 -25.97 -4.17
C PHE A 242 22.52 -27.28 -4.71
N ARG A 243 21.77 -27.92 -5.61
CA ARG A 243 22.21 -29.18 -6.21
C ARG A 243 23.36 -28.96 -7.20
N ARG A 244 23.35 -27.84 -7.92
CA ARG A 244 24.31 -27.64 -9.01
C ARG A 244 25.59 -26.93 -8.58
N CYS A 245 25.54 -26.24 -7.44
CA CYS A 245 26.71 -25.53 -6.93
C CYS A 245 27.04 -25.99 -5.52
N PRO A 246 27.52 -27.24 -5.37
CA PRO A 246 27.81 -27.79 -4.02
C PRO A 246 29.00 -27.13 -3.31
N ASP A 247 29.87 -26.42 -4.04
CA ASP A 247 30.96 -25.74 -3.36
CA ASP A 247 30.99 -25.70 -3.45
CA ASP A 247 31.00 -25.69 -3.47
C ASP A 247 30.60 -24.27 -3.05
N LYS A 248 29.33 -23.90 -3.28
CA LYS A 248 28.86 -22.54 -2.94
C LYS A 248 27.69 -22.60 -1.94
N LEU A 249 27.29 -21.43 -1.44
CA LEU A 249 26.13 -21.31 -0.57
C LEU A 249 24.98 -20.67 -1.33
N VAL A 250 23.75 -20.99 -0.91
CA VAL A 250 22.56 -20.42 -1.50
C VAL A 250 21.79 -19.65 -0.45
N PHE A 251 21.44 -18.41 -0.79
CA PHE A 251 20.49 -17.63 0.01
C PHE A 251 19.15 -17.72 -0.67
N GLY A 252 18.12 -17.95 0.14
CA GLY A 252 16.75 -17.97 -0.33
C GLY A 252 16.10 -16.61 -0.18
N CYS A 253 15.34 -16.21 -1.20
CA CYS A 253 14.57 -14.95 -1.20
C CYS A 253 13.28 -15.13 -2.00
N GLY A 254 12.13 -14.89 -1.38
CA GLY A 254 10.85 -14.97 -2.10
C GLY A 254 9.73 -15.71 -1.36
N GLY A 255 8.68 -15.00 -1.04
CA GLY A 255 7.45 -15.59 -0.50
C GLY A 255 7.48 -15.94 0.98
N VAL A 256 8.47 -15.44 1.71
CA VAL A 256 8.58 -15.76 3.15
C VAL A 256 7.72 -14.79 3.95
N TYR A 257 6.66 -15.32 4.56
CA TYR A 257 5.81 -14.54 5.46
C TYR A 257 5.79 -15.16 6.86
N SER A 258 6.49 -16.26 7.06
CA SER A 258 6.34 -17.05 8.29
C SER A 258 7.52 -17.98 8.46
N GLY A 259 7.64 -18.57 9.65
CA GLY A 259 8.62 -19.62 9.89
C GLY A 259 8.45 -20.86 9.02
N GLU A 260 7.23 -21.20 8.63
CA GLU A 260 7.00 -22.38 7.79
CA GLU A 260 7.00 -22.38 7.78
C GLU A 260 7.67 -22.19 6.41
N GLU A 261 7.52 -20.99 5.84
CA GLU A 261 8.12 -20.73 4.54
C GLU A 261 9.65 -20.66 4.61
N ALA A 262 10.19 -20.17 5.71
CA ALA A 262 11.66 -20.15 5.94
C ALA A 262 12.22 -21.57 6.11
N PHE A 263 11.48 -22.38 6.86
CA PHE A 263 11.77 -23.80 7.00
C PHE A 263 11.88 -24.46 5.62
N LEU A 264 10.92 -24.17 4.73
CA LEU A 264 10.95 -24.72 3.35
C LEU A 264 12.14 -24.25 2.52
N HIS A 265 12.43 -22.95 2.58
CA HIS A 265 13.64 -22.42 1.94
C HIS A 265 14.91 -23.16 2.42
N ILE A 266 15.01 -23.38 3.73
CA ILE A 266 16.19 -24.00 4.31
C ILE A 266 16.25 -25.46 3.88
N LEU A 267 15.11 -26.13 4.00
CA LEU A 267 14.98 -27.51 3.52
C LEU A 267 15.36 -27.64 2.05
N ALA A 268 14.98 -26.67 1.23
CA ALA A 268 15.39 -26.63 -0.17
C ALA A 268 16.89 -26.41 -0.40
N GLY A 269 17.59 -25.83 0.59
CA GLY A 269 19.06 -25.61 0.50
C GLY A 269 19.60 -24.25 1.00
N ALA A 270 18.72 -23.37 1.47
CA ALA A 270 19.08 -21.99 1.83
C ALA A 270 19.89 -21.91 3.11
N SER A 271 20.93 -21.07 3.09
CA SER A 271 21.74 -20.79 4.29
C SER A 271 21.12 -19.59 5.02
N MET A 272 21.00 -18.45 4.34
CA MET A 272 20.25 -17.30 4.85
C MET A 272 18.90 -17.18 4.12
N VAL A 273 17.94 -16.52 4.78
CA VAL A 273 16.60 -16.35 4.24
C VAL A 273 16.24 -14.86 4.22
N GLN A 274 15.93 -14.33 3.02
CA GLN A 274 15.62 -12.90 2.87
C GLN A 274 14.13 -12.66 2.79
N VAL A 275 13.73 -11.53 3.36
CA VAL A 275 12.31 -11.17 3.46
C VAL A 275 12.09 -9.77 2.85
N GLY A 276 11.33 -9.73 1.76
CA GLY A 276 11.00 -8.49 1.09
C GLY A 276 9.60 -7.99 1.36
N THR A 277 8.64 -8.50 0.59
CA THR A 277 7.25 -8.07 0.65
C THR A 277 6.61 -8.11 2.06
N ALA A 278 6.77 -9.22 2.77
CA ALA A 278 6.20 -9.37 4.10
C ALA A 278 6.69 -8.26 5.00
N LEU A 279 7.97 -7.96 4.87
CA LEU A 279 8.60 -6.87 5.64
C LEU A 279 8.06 -5.48 5.25
N HIS A 280 7.87 -5.24 3.95
CA HIS A 280 7.27 -4.00 3.48
C HIS A 280 5.86 -3.83 4.09
N ASP A 281 5.16 -4.97 4.23
CA ASP A 281 3.81 -4.96 4.79
C ASP A 281 3.82 -4.70 6.29
N GLU A 282 4.76 -5.33 6.99
CA GLU A 282 4.63 -5.55 8.44
C GLU A 282 5.58 -4.73 9.28
N GLY A 283 6.77 -4.43 8.72
CA GLY A 283 7.75 -3.63 9.40
C GLY A 283 8.76 -4.55 10.03
N PRO A 284 9.84 -4.00 10.58
CA PRO A 284 10.96 -4.79 11.14
C PRO A 284 10.61 -5.72 12.34
N ILE A 285 9.47 -5.50 12.99
CA ILE A 285 9.02 -6.38 14.09
C ILE A 285 8.75 -7.81 13.62
N ILE A 286 8.52 -8.00 12.31
CA ILE A 286 8.33 -9.32 11.70
C ILE A 286 9.47 -10.32 11.99
N PHE A 287 10.69 -9.80 12.18
CA PHE A 287 11.85 -10.66 12.37
C PHE A 287 11.79 -11.40 13.70
N ALA A 288 11.21 -10.76 14.71
CA ALA A 288 11.05 -11.36 16.03
C ALA A 288 10.04 -12.51 15.95
N ARG A 289 8.97 -12.29 15.20
CA ARG A 289 7.98 -13.31 14.89
C ARG A 289 8.60 -14.48 14.14
N LEU A 290 9.42 -14.17 13.13
CA LEU A 290 10.00 -15.21 12.27
C LEU A 290 10.95 -16.14 13.04
N ASN A 291 11.77 -15.55 13.93
CA ASN A 291 12.66 -16.33 14.81
C ASN A 291 11.88 -17.31 15.68
N LYS A 292 10.80 -16.80 16.26
CA LYS A 292 9.92 -17.58 17.15
C LYS A 292 9.16 -18.71 16.40
N GLU A 293 8.71 -18.42 15.19
CA GLU A 293 8.00 -19.42 14.41
C GLU A 293 8.94 -20.50 13.88
N LEU A 294 10.14 -20.11 13.47
CA LEU A 294 11.11 -21.09 12.96
C LEU A 294 11.59 -22.04 14.06
N GLN A 295 11.84 -21.46 15.25
CA GLN A 295 12.14 -22.26 16.44
C GLN A 295 11.04 -23.25 16.77
N GLU A 296 9.78 -22.79 16.77
CA GLU A 296 8.61 -23.63 17.08
C GLU A 296 8.53 -24.84 16.14
N ILE A 297 8.79 -24.62 14.86
CA ILE A 297 8.78 -25.69 13.86
C ILE A 297 9.92 -26.68 14.09
N MET A 298 11.09 -26.14 14.42
CA MET A 298 12.27 -26.96 14.68
C MET A 298 12.10 -27.83 15.92
N THR A 299 11.52 -27.29 17.00
CA THR A 299 11.26 -28.09 18.21
C THR A 299 10.21 -29.19 17.95
N ASN A 300 9.16 -28.84 17.23
CA ASN A 300 8.15 -29.84 16.87
C ASN A 300 8.74 -31.01 16.07
N LYS A 301 9.74 -30.73 15.25
CA LYS A 301 10.46 -31.75 14.45
C LYS A 301 11.72 -32.32 15.13
N GLY A 302 12.16 -31.71 16.22
CA GLY A 302 13.36 -32.14 16.95
C GLY A 302 14.71 -31.71 16.36
N TYR A 303 14.69 -30.72 15.45
CA TYR A 303 15.93 -30.13 14.96
C TYR A 303 16.46 -29.13 15.98
N LYS A 304 17.77 -29.16 16.22
CA LYS A 304 18.41 -28.23 17.16
C LYS A 304 19.25 -27.19 16.43
N THR A 305 19.54 -27.46 15.16
CA THR A 305 20.30 -26.57 14.32
C THR A 305 19.74 -26.60 12.90
N LEU A 306 20.10 -25.58 12.12
CA LEU A 306 19.65 -25.45 10.74
C LEU A 306 20.32 -26.49 9.83
N ASP A 307 21.60 -26.75 10.06
CA ASP A 307 22.31 -27.74 9.26
C ASP A 307 21.85 -29.19 9.45
N GLU A 308 21.07 -29.44 10.49
CA GLU A 308 20.39 -30.73 10.65
C GLU A 308 19.35 -31.01 9.56
N PHE A 309 18.86 -29.97 8.88
CA PHE A 309 17.90 -30.16 7.77
C PHE A 309 18.13 -29.35 6.49
N ARG A 310 19.17 -28.53 6.44
CA ARG A 310 19.39 -27.69 5.27
C ARG A 310 19.64 -28.59 4.04
N GLY A 311 18.85 -28.40 2.99
CA GLY A 311 19.03 -29.15 1.75
C GLY A 311 18.54 -30.60 1.76
N ARG A 312 17.79 -30.98 2.79
CA ARG A 312 17.39 -32.37 2.99
C ARG A 312 15.93 -32.64 2.56
N VAL A 313 15.44 -31.82 1.64
CA VAL A 313 14.13 -32.04 1.02
C VAL A 313 14.13 -33.43 0.36
N LYS A 314 13.09 -34.23 0.65
CA LYS A 314 12.98 -35.57 0.08
C LYS A 314 12.23 -35.52 -1.27
N THR A 315 12.61 -36.42 -2.18
CA THR A 315 11.89 -36.61 -3.43
C THR A 315 11.43 -38.06 -3.53
N MET A 316 10.53 -38.32 -4.49
CA MET A 316 9.93 -39.63 -4.65
C MET A 316 10.55 -40.44 -5.81
N ASP A 317 11.56 -39.89 -6.47
CA ASP A 317 12.16 -40.59 -7.61
C ASP A 317 13.62 -40.96 -7.33
N MET B 5 -26.64 -6.62 -25.80
CA MET B 5 -25.50 -7.20 -25.01
C MET B 5 -25.01 -8.50 -25.67
N SER B 6 -23.70 -8.62 -25.82
CA SER B 6 -23.11 -9.74 -26.54
C SER B 6 -21.72 -10.12 -26.03
N LEU B 7 -21.56 -11.40 -25.69
CA LEU B 7 -20.26 -11.98 -25.38
C LEU B 7 -19.67 -12.65 -26.62
N LYS B 8 -20.28 -12.44 -27.79
CA LYS B 8 -19.82 -13.08 -29.02
C LYS B 8 -18.45 -12.59 -29.48
N VAL B 9 -17.77 -13.51 -30.18
CA VAL B 9 -16.45 -13.28 -30.72
C VAL B 9 -16.44 -13.86 -32.14
N ASN B 10 -16.00 -13.05 -33.10
CA ASN B 10 -16.02 -13.42 -34.48
C ASN B 10 -14.60 -13.35 -35.00
N ILE B 11 -13.94 -14.50 -35.03
CA ILE B 11 -12.55 -14.59 -35.42
C ILE B 11 -12.28 -15.89 -36.12
N LEU B 12 -11.18 -15.93 -36.86
CA LEU B 12 -10.66 -17.15 -37.43
C LEU B 12 -11.67 -17.86 -38.35
N GLY B 13 -12.55 -17.07 -38.97
CA GLY B 13 -13.61 -17.60 -39.80
C GLY B 13 -14.72 -18.32 -39.05
N HIS B 14 -14.89 -18.05 -37.76
CA HIS B 14 -15.93 -18.69 -36.93
C HIS B 14 -16.65 -17.64 -36.10
N GLU B 15 -17.90 -17.93 -35.72
CA GLU B 15 -18.61 -17.12 -34.71
C GLU B 15 -18.61 -17.91 -33.43
N PHE B 16 -18.02 -17.34 -32.40
CA PHE B 16 -18.05 -17.93 -31.07
C PHE B 16 -19.14 -17.26 -30.21
N SER B 17 -19.85 -18.09 -29.46
CA SER B 17 -20.94 -17.65 -28.60
C SER B 17 -20.44 -16.80 -27.43
N ASN B 18 -19.30 -17.19 -26.89
CA ASN B 18 -18.66 -16.46 -25.80
C ASN B 18 -17.16 -16.71 -25.90
N PRO B 19 -16.33 -15.91 -25.19
CA PRO B 19 -14.88 -16.01 -25.35
C PRO B 19 -14.23 -17.14 -24.57
N PHE B 20 -15.03 -17.85 -23.77
CA PHE B 20 -14.49 -18.88 -22.88
C PHE B 20 -14.29 -20.27 -23.52
N MET B 21 -13.21 -20.90 -23.09
CA MET B 21 -12.92 -22.29 -23.43
C MET B 21 -12.01 -22.85 -22.34
N ASN B 22 -11.83 -24.16 -22.34
CA ASN B 22 -10.80 -24.79 -21.49
C ASN B 22 -9.39 -24.47 -22.00
N ALA B 23 -8.44 -24.53 -21.07
CA ALA B 23 -7.03 -24.49 -21.39
C ALA B 23 -6.61 -25.90 -21.81
N ALA B 24 -5.75 -26.01 -22.81
CA ALA B 24 -5.26 -27.31 -23.25
C ALA B 24 -4.78 -28.11 -22.05
N GLY B 25 -5.19 -29.36 -22.01
CA GLY B 25 -4.76 -30.29 -20.99
C GLY B 25 -5.77 -30.52 -19.90
N VAL B 26 -6.67 -29.56 -19.69
CA VAL B 26 -7.71 -29.68 -18.68
C VAL B 26 -9.05 -30.08 -19.29
N LEU B 27 -9.60 -31.20 -18.81
CA LEU B 27 -10.91 -31.74 -19.26
C LEU B 27 -11.06 -31.88 -20.79
N CYS B 28 -10.10 -32.54 -21.41
CA CYS B 28 -10.05 -32.64 -22.87
C CYS B 28 -9.15 -33.77 -23.40
N THR B 29 -8.92 -34.80 -22.60
CA THR B 29 -8.05 -35.92 -22.99
C THR B 29 -8.87 -37.04 -23.63
N THR B 30 -9.96 -37.41 -22.96
CA THR B 30 -10.84 -38.53 -23.38
C THR B 30 -12.06 -38.04 -24.14
N GLU B 31 -12.77 -38.96 -24.82
CA GLU B 31 -14.00 -38.59 -25.53
C GLU B 31 -15.03 -37.98 -24.56
N GLU B 32 -15.17 -38.58 -23.38
CA GLU B 32 -16.06 -38.10 -22.30
CA GLU B 32 -16.11 -38.06 -22.37
C GLU B 32 -15.71 -36.67 -21.88
N ASP B 33 -14.41 -36.41 -21.69
CA ASP B 33 -13.95 -35.06 -21.30
C ASP B 33 -14.48 -34.08 -22.36
N LEU B 34 -14.19 -34.39 -23.62
CA LEU B 34 -14.57 -33.54 -24.75
C LEU B 34 -16.11 -33.41 -24.93
N ARG B 35 -16.86 -34.49 -24.66
CA ARG B 35 -18.30 -34.40 -24.69
CA ARG B 35 -18.34 -34.45 -24.64
C ARG B 35 -18.81 -33.45 -23.60
N ARG B 36 -18.26 -33.55 -22.39
CA ARG B 36 -18.63 -32.64 -21.31
C ARG B 36 -18.27 -31.16 -21.59
N MET B 37 -17.13 -30.92 -22.23
CA MET B 37 -16.79 -29.56 -22.70
C MET B 37 -17.78 -29.07 -23.75
N THR B 38 -18.18 -29.94 -24.66
CA THR B 38 -19.12 -29.54 -25.71
C THR B 38 -20.51 -29.25 -25.14
N GLU B 39 -20.94 -30.05 -24.17
CA GLU B 39 -22.21 -29.81 -23.47
C GLU B 39 -22.21 -28.56 -22.59
N SER B 40 -21.02 -28.17 -22.11
CA SER B 40 -20.89 -26.99 -21.26
C SER B 40 -21.29 -25.68 -21.99
N GLU B 41 -21.39 -24.60 -21.21
CA GLU B 41 -21.67 -23.27 -21.77
C GLU B 41 -20.48 -22.60 -22.45
N SER B 42 -19.31 -23.25 -22.48
CA SER B 42 -18.13 -22.66 -23.10
C SER B 42 -18.40 -22.25 -24.53
N GLY B 43 -17.80 -21.15 -24.94
CA GLY B 43 -17.81 -20.73 -26.34
C GLY B 43 -17.00 -21.65 -27.25
N SER B 44 -15.98 -22.31 -26.71
CA SER B 44 -15.25 -23.32 -27.50
C SER B 44 -14.58 -24.34 -26.60
N LEU B 45 -13.70 -25.15 -27.20
CA LEU B 45 -12.91 -26.15 -26.46
C LEU B 45 -11.67 -26.55 -27.27
N ILE B 46 -10.69 -27.08 -26.57
CA ILE B 46 -9.43 -27.48 -27.17
C ILE B 46 -9.00 -28.85 -26.65
N GLY B 47 -8.53 -29.70 -27.55
CA GLY B 47 -8.05 -31.01 -27.15
C GLY B 47 -6.69 -30.96 -26.47
N LYS B 48 -6.45 -31.96 -25.62
CA LYS B 48 -5.16 -32.19 -24.99
C LYS B 48 -4.07 -32.18 -26.03
N SER B 49 -2.98 -31.51 -25.70
CA SER B 49 -1.76 -31.59 -26.47
C SER B 49 -1.45 -33.06 -26.77
N CYS B 50 -1.56 -33.41 -28.04
CA CYS B 50 -1.35 -34.78 -28.44
C CYS B 50 0.04 -35.02 -29.02
N THR B 51 0.36 -36.30 -29.14
CA THR B 51 1.57 -36.79 -29.78
C THR B 51 1.18 -37.83 -30.83
N LEU B 52 2.11 -38.18 -31.72
CA LEU B 52 1.80 -39.05 -32.87
C LEU B 52 1.28 -40.39 -32.40
N ALA B 53 1.86 -40.86 -31.29
CA ALA B 53 1.46 -42.10 -30.66
C ALA B 53 0.79 -41.78 -29.33
N PRO B 54 -0.11 -42.68 -28.86
CA PRO B 54 -0.57 -42.53 -27.49
C PRO B 54 0.62 -42.42 -26.54
N ARG B 55 0.44 -41.65 -25.50
CA ARG B 55 1.53 -41.37 -24.62
C ARG B 55 1.03 -41.44 -23.21
N THR B 56 1.81 -42.13 -22.39
CA THR B 56 1.37 -42.52 -21.07
C THR B 56 1.62 -41.42 -20.01
N GLY B 57 2.72 -40.69 -20.18
CA GLY B 57 3.07 -39.58 -19.30
C GLY B 57 4.04 -39.91 -18.17
N ASN B 58 4.17 -38.94 -17.26
CA ASN B 58 5.06 -39.07 -16.10
C ASN B 58 4.42 -39.88 -14.98
N PRO B 59 5.24 -40.37 -14.03
CA PRO B 59 4.66 -41.14 -12.92
C PRO B 59 3.84 -40.29 -11.96
N GLU B 60 2.80 -40.89 -11.40
CA GLU B 60 1.96 -40.24 -10.40
C GLU B 60 2.56 -40.32 -8.99
N PRO B 61 2.25 -39.32 -8.14
CA PRO B 61 1.38 -38.19 -8.44
C PRO B 61 2.10 -37.12 -9.27
N ARG B 62 1.38 -36.58 -10.23
CA ARG B 62 1.92 -35.63 -11.19
C ARG B 62 1.08 -34.34 -11.25
N TYR B 63 0.04 -34.24 -10.43
CA TYR B 63 -0.75 -33.02 -10.25
C TYR B 63 -0.99 -32.82 -8.76
N PHE B 64 -0.88 -31.58 -8.30
CA PHE B 64 -1.22 -31.26 -6.93
C PHE B 64 -1.93 -29.93 -6.86
N GLY B 65 -3.13 -29.93 -6.26
CA GLY B 65 -3.92 -28.72 -6.09
C GLY B 65 -3.45 -27.95 -4.87
N LEU B 66 -3.39 -26.62 -5.02
CA LEU B 66 -2.85 -25.71 -4.01
C LEU B 66 -3.87 -24.62 -3.75
N PRO B 67 -3.84 -24.00 -2.55
CA PRO B 67 -4.71 -22.85 -2.25
C PRO B 67 -4.65 -21.72 -3.29
N LEU B 68 -3.46 -21.42 -3.79
CA LEU B 68 -3.29 -20.39 -4.82
C LEU B 68 -3.19 -20.92 -6.25
N GLY B 69 -3.44 -22.20 -6.47
CA GLY B 69 -3.43 -22.73 -7.82
C GLY B 69 -3.13 -24.20 -7.94
N SER B 70 -2.11 -24.51 -8.75
CA SER B 70 -1.78 -25.89 -9.06
C SER B 70 -0.35 -26.01 -9.47
N ILE B 71 0.19 -27.20 -9.29
CA ILE B 71 1.48 -27.58 -9.87
C ILE B 71 1.30 -28.93 -10.61
N ASN B 72 1.81 -29.02 -11.82
CA ASN B 72 1.73 -30.28 -12.56
C ASN B 72 2.98 -30.64 -13.34
N SER B 73 3.18 -31.95 -13.46
CA SER B 73 4.14 -32.51 -14.38
C SER B 73 3.50 -33.73 -15.06
N MET B 74 2.41 -33.49 -15.78
CA MET B 74 1.67 -34.61 -16.40
C MET B 74 2.58 -35.39 -17.38
N GLY B 75 3.35 -34.67 -18.20
CA GLY B 75 4.25 -35.32 -19.17
C GLY B 75 3.51 -35.74 -20.42
N LEU B 76 2.49 -34.96 -20.80
CA LEU B 76 1.73 -35.07 -22.05
C LEU B 76 0.98 -36.40 -22.21
N PRO B 77 0.28 -36.83 -21.16
CA PRO B 77 -0.48 -38.06 -21.34
C PRO B 77 -1.62 -37.80 -22.32
N ASN B 78 -1.69 -38.58 -23.39
CA ASN B 78 -2.75 -38.40 -24.34
C ASN B 78 -2.98 -39.66 -25.15
N LEU B 79 -4.07 -39.63 -25.89
CA LEU B 79 -4.59 -40.79 -26.63
C LEU B 79 -3.95 -41.01 -27.98
N GLY B 80 -3.07 -40.10 -28.40
CA GLY B 80 -2.47 -40.14 -29.73
C GLY B 80 -3.24 -39.31 -30.73
N VAL B 81 -2.52 -38.71 -31.69
CA VAL B 81 -3.12 -37.76 -32.62
C VAL B 81 -4.35 -38.29 -33.37
N ASP B 82 -4.36 -39.59 -33.71
CA ASP B 82 -5.47 -40.18 -34.49
C ASP B 82 -6.78 -40.13 -33.76
N PHE B 83 -6.77 -40.37 -32.44
CA PHE B 83 -7.97 -40.25 -31.64
C PHE B 83 -8.57 -38.84 -31.74
N TYR B 84 -7.75 -37.81 -31.57
CA TYR B 84 -8.21 -36.43 -31.61
C TYR B 84 -8.74 -36.04 -32.98
N LEU B 85 -8.06 -36.52 -34.02
CA LEU B 85 -8.44 -36.28 -35.42
C LEU B 85 -9.77 -36.93 -35.77
N SER B 86 -9.97 -38.17 -35.32
CA SER B 86 -11.26 -38.83 -35.49
C SER B 86 -12.39 -38.13 -34.73
N TYR B 87 -12.13 -37.70 -33.49
CA TYR B 87 -13.08 -36.87 -32.73
C TYR B 87 -13.51 -35.62 -33.52
N ALA B 88 -12.51 -34.86 -33.96
CA ALA B 88 -12.72 -33.69 -34.82
C ALA B 88 -13.41 -34.00 -36.16
N ALA B 89 -13.07 -35.14 -36.77
CA ALA B 89 -13.64 -35.53 -38.08
C ALA B 89 -15.12 -35.95 -38.00
N GLN B 90 -15.46 -36.84 -37.06
CA GLN B 90 -16.77 -37.49 -36.99
C GLN B 90 -17.62 -37.10 -35.79
N THR B 91 -16.99 -37.04 -34.62
CA THR B 91 -17.75 -37.04 -33.36
C THR B 91 -18.18 -35.66 -32.93
N HIS B 92 -17.28 -34.67 -33.01
CA HIS B 92 -17.59 -33.37 -32.49
C HIS B 92 -18.75 -32.70 -33.25
N ASP B 93 -19.71 -32.22 -32.46
CA ASP B 93 -20.83 -31.46 -32.96
C ASP B 93 -20.44 -29.98 -33.16
N TYR B 94 -20.12 -29.65 -34.40
CA TYR B 94 -19.68 -28.30 -34.76
C TYR B 94 -20.81 -27.29 -34.74
N SER B 95 -22.07 -27.75 -34.73
CA SER B 95 -23.22 -26.84 -34.63
C SER B 95 -23.32 -26.27 -33.21
N ARG B 96 -22.69 -26.95 -32.26
CA ARG B 96 -22.65 -26.51 -30.87
C ARG B 96 -21.56 -25.46 -30.64
N LYS B 97 -20.32 -25.79 -30.99
CA LYS B 97 -19.20 -24.84 -30.94
C LYS B 97 -18.04 -25.32 -31.82
N PRO B 98 -17.17 -24.39 -32.24
CA PRO B 98 -15.95 -24.74 -32.95
C PRO B 98 -14.98 -25.49 -32.06
N LEU B 99 -14.04 -26.21 -32.68
CA LEU B 99 -13.08 -27.04 -31.97
C LEU B 99 -11.65 -26.70 -32.35
N PHE B 100 -10.81 -26.54 -31.33
CA PHE B 100 -9.37 -26.49 -31.49
C PHE B 100 -8.79 -27.83 -31.10
N LEU B 101 -7.68 -28.20 -31.73
CA LEU B 101 -6.81 -29.26 -31.23
C LEU B 101 -5.45 -28.68 -30.92
N SER B 102 -4.92 -29.01 -29.72
CA SER B 102 -3.52 -28.74 -29.36
C SER B 102 -2.61 -29.89 -29.84
N MET B 103 -1.49 -29.53 -30.45
CA MET B 103 -0.50 -30.54 -30.85
C MET B 103 0.86 -30.17 -30.29
N SER B 104 1.54 -31.17 -29.71
CA SER B 104 2.83 -30.95 -29.08
C SER B 104 3.78 -32.06 -29.41
N GLY B 105 4.38 -31.98 -30.60
CA GLY B 105 5.47 -32.87 -30.94
C GLY B 105 6.68 -32.55 -30.06
N LEU B 106 7.39 -33.60 -29.65
CA LEU B 106 8.62 -33.40 -28.92
C LEU B 106 9.77 -33.10 -29.88
N SER B 107 9.47 -33.00 -31.19
CA SER B 107 10.45 -32.64 -32.22
C SER B 107 9.70 -31.98 -33.39
N VAL B 108 10.43 -31.22 -34.22
CA VAL B 108 9.83 -30.59 -35.41
CA VAL B 108 9.84 -30.58 -35.41
C VAL B 108 9.17 -31.63 -36.29
N GLU B 109 9.88 -32.73 -36.52
CA GLU B 109 9.46 -33.78 -37.43
C GLU B 109 8.15 -34.43 -36.96
N GLU B 110 8.00 -34.63 -35.65
CA GLU B 110 6.77 -35.17 -35.11
C GLU B 110 5.59 -34.20 -35.23
N SER B 111 5.82 -32.92 -34.90
CA SER B 111 4.76 -31.90 -35.08
C SER B 111 4.36 -31.74 -36.55
N VAL B 112 5.34 -31.69 -37.45
CA VAL B 112 5.07 -31.68 -38.89
C VAL B 112 4.19 -32.87 -39.32
N GLU B 113 4.51 -34.07 -38.85
CA GLU B 113 3.74 -35.27 -39.20
C GLU B 113 2.30 -35.17 -38.73
N MET B 114 2.07 -34.66 -37.53
CA MET B 114 0.70 -34.50 -37.01
C MET B 114 -0.10 -33.43 -37.75
N VAL B 115 0.53 -32.28 -38.00
CA VAL B 115 -0.16 -31.19 -38.71
C VAL B 115 -0.48 -31.56 -40.15
N LYS B 116 0.35 -32.38 -40.78
CA LYS B 116 0.04 -32.94 -42.10
C LYS B 116 -1.27 -33.75 -42.06
N LYS B 117 -1.42 -34.59 -41.04
CA LYS B 117 -2.62 -35.38 -40.83
C LYS B 117 -3.86 -34.53 -40.53
N LEU B 118 -3.67 -33.36 -39.92
CA LEU B 118 -4.78 -32.44 -39.58
C LEU B 118 -5.34 -31.72 -40.80
N VAL B 119 -4.50 -31.45 -41.79
CA VAL B 119 -4.85 -30.61 -42.95
C VAL B 119 -6.23 -30.96 -43.55
N PRO B 120 -6.43 -32.22 -43.99
CA PRO B 120 -7.73 -32.56 -44.56
C PRO B 120 -8.89 -32.40 -43.57
N ILE B 121 -8.65 -32.59 -42.28
CA ILE B 121 -9.71 -32.46 -41.29
C ILE B 121 -10.08 -31.01 -41.03
N THR B 122 -9.08 -30.12 -41.02
CA THR B 122 -9.31 -28.68 -40.97
C THR B 122 -10.10 -28.23 -42.21
N LYS B 123 -9.69 -28.71 -43.39
CA LYS B 123 -10.42 -28.42 -44.63
C LYS B 123 -11.86 -28.95 -44.58
N GLU B 124 -12.02 -30.16 -44.06
CA GLU B 124 -13.33 -30.81 -43.99
C GLU B 124 -14.26 -30.12 -43.00
N LYS B 125 -13.75 -29.90 -41.78
CA LYS B 125 -14.61 -29.52 -40.63
C LYS B 125 -14.33 -28.13 -40.03
N GLY B 126 -13.17 -27.54 -40.33
CA GLY B 126 -12.81 -26.23 -39.79
C GLY B 126 -12.14 -26.29 -38.43
N THR B 127 -11.54 -27.44 -38.13
CA THR B 127 -10.81 -27.69 -36.90
C THR B 127 -9.57 -26.80 -36.85
N ILE B 128 -9.40 -26.07 -35.74
CA ILE B 128 -8.31 -25.09 -35.59
C ILE B 128 -7.12 -25.66 -34.81
N LEU B 129 -5.91 -25.35 -35.27
CA LEU B 129 -4.68 -25.84 -34.66
C LEU B 129 -4.10 -24.82 -33.68
N GLU B 130 -3.80 -25.26 -32.45
CA GLU B 130 -2.90 -24.54 -31.53
C GLU B 130 -1.63 -25.38 -31.38
N LEU B 131 -0.50 -24.82 -31.81
CA LEU B 131 0.79 -25.49 -31.67
C LEU B 131 1.44 -25.16 -30.34
N ASN B 132 1.66 -26.20 -29.54
CA ASN B 132 2.26 -26.05 -28.23
C ASN B 132 3.78 -25.97 -28.30
N LEU B 133 4.33 -24.79 -28.04
CA LEU B 133 5.77 -24.59 -28.00
C LEU B 133 6.24 -24.23 -26.60
N SER B 134 5.53 -24.72 -25.59
CA SER B 134 5.81 -24.32 -24.22
C SER B 134 5.63 -25.39 -23.14
N CYS B 135 5.53 -26.67 -23.50
CA CYS B 135 5.52 -27.72 -22.48
C CYS B 135 6.80 -27.66 -21.61
N PRO B 136 6.63 -27.49 -20.29
CA PRO B 136 7.76 -27.46 -19.33
C PRO B 136 8.07 -28.79 -18.56
N ASN B 137 7.42 -29.89 -18.95
CA ASN B 137 7.25 -31.07 -18.09
C ASN B 137 7.78 -32.40 -18.63
N VAL B 138 8.36 -32.38 -19.84
CA VAL B 138 8.91 -33.60 -20.39
C VAL B 138 10.39 -33.58 -20.09
N PRO B 139 10.85 -34.51 -19.22
CA PRO B 139 12.26 -34.51 -18.89
C PRO B 139 13.18 -34.47 -20.14
N GLY B 140 14.15 -33.57 -20.13
CA GLY B 140 15.08 -33.39 -21.24
C GLY B 140 14.62 -32.55 -22.44
N LYS B 141 13.34 -32.18 -22.47
CA LYS B 141 12.78 -31.39 -23.57
C LYS B 141 12.39 -30.02 -23.04
N PRO B 142 13.31 -29.02 -23.12
CA PRO B 142 13.02 -27.70 -22.56
C PRO B 142 12.02 -26.96 -23.42
N GLN B 143 11.43 -25.90 -22.86
CA GLN B 143 10.36 -25.16 -23.55
C GLN B 143 10.92 -24.61 -24.87
N VAL B 144 10.30 -24.98 -25.99
CA VAL B 144 10.74 -24.53 -27.31
C VAL B 144 10.76 -23.02 -27.43
N GLY B 145 9.72 -22.37 -26.94
CA GLY B 145 9.66 -20.90 -26.96
C GLY B 145 10.75 -20.12 -26.26
N TYR B 146 11.54 -20.77 -25.39
CA TYR B 146 12.70 -20.12 -24.78
C TYR B 146 13.96 -20.20 -25.66
N ASP B 147 13.87 -20.88 -26.81
CA ASP B 147 14.95 -20.93 -27.80
C ASP B 147 14.39 -20.35 -29.10
N PHE B 148 14.81 -19.14 -29.46
CA PHE B 148 14.21 -18.44 -30.61
C PHE B 148 14.58 -19.07 -31.97
N ASP B 149 15.82 -19.58 -32.08
CA ASP B 149 16.24 -20.37 -33.25
C ASP B 149 15.37 -21.60 -33.48
N THR B 150 15.18 -22.39 -32.44
CA THR B 150 14.32 -23.58 -32.49
C THR B 150 12.86 -23.21 -32.79
N THR B 151 12.37 -22.16 -32.13
CA THR B 151 11.03 -21.67 -32.37
C THR B 151 10.85 -21.33 -33.85
N ARG B 152 11.82 -20.63 -34.42
CA ARG B 152 11.75 -20.25 -35.83
C ARG B 152 11.66 -21.48 -36.76
N THR B 153 12.40 -22.51 -36.42
CA THR B 153 12.43 -23.75 -37.20
C THR B 153 11.05 -24.42 -37.17
N TYR B 154 10.47 -24.57 -35.97
CA TYR B 154 9.11 -25.09 -35.83
C TYR B 154 8.10 -24.35 -36.68
N LEU B 155 8.15 -23.02 -36.64
CA LEU B 155 7.13 -22.16 -37.25
C LEU B 155 7.22 -22.18 -38.77
N GLN B 156 8.45 -22.20 -39.29
CA GLN B 156 8.72 -22.34 -40.71
C GLN B 156 8.14 -23.67 -41.22
N LYS B 157 8.61 -24.77 -40.63
CA LYS B 157 8.28 -26.10 -41.13
C LYS B 157 6.81 -26.44 -40.96
N VAL B 158 6.23 -26.04 -39.83
CA VAL B 158 4.77 -26.18 -39.61
C VAL B 158 3.98 -25.29 -40.55
N SER B 159 4.43 -24.05 -40.77
CA SER B 159 3.76 -23.18 -41.75
C SER B 159 3.73 -23.83 -43.13
N GLU B 160 4.88 -24.34 -43.55
CA GLU B 160 5.02 -25.07 -44.82
C GLU B 160 4.13 -26.32 -44.91
N ALA B 161 4.23 -27.20 -43.92
CA ALA B 161 3.52 -28.48 -43.92
C ALA B 161 2.01 -28.36 -43.77
N TYR B 162 1.56 -27.38 -42.98
CA TYR B 162 0.16 -27.25 -42.64
C TYR B 162 -0.51 -26.27 -43.61
N GLY B 163 0.16 -25.15 -43.85
CA GLY B 163 -0.29 -24.16 -44.83
C GLY B 163 -1.60 -23.49 -44.56
N LEU B 164 -2.13 -23.64 -43.35
CA LEU B 164 -3.38 -22.99 -43.00
C LEU B 164 -3.13 -22.14 -41.74
N PRO B 165 -4.00 -21.15 -41.49
CA PRO B 165 -3.91 -20.34 -40.27
C PRO B 165 -3.92 -21.19 -38.98
N PHE B 166 -2.95 -20.93 -38.10
CA PHE B 166 -2.85 -21.67 -36.86
C PHE B 166 -2.40 -20.76 -35.70
N GLY B 167 -2.41 -21.30 -34.49
CA GLY B 167 -1.98 -20.53 -33.32
C GLY B 167 -0.83 -21.21 -32.61
N VAL B 168 -0.22 -20.45 -31.70
CA VAL B 168 0.90 -20.97 -30.89
C VAL B 168 0.69 -20.73 -29.37
N LYS B 169 0.90 -21.79 -28.58
CA LYS B 169 0.89 -21.68 -27.14
C LYS B 169 2.31 -21.31 -26.68
N MET B 170 2.44 -20.08 -26.20
CA MET B 170 3.73 -19.52 -25.78
C MET B 170 4.01 -19.73 -24.29
N PRO B 171 5.29 -19.84 -23.94
CA PRO B 171 5.70 -19.88 -22.54
C PRO B 171 5.71 -18.44 -22.03
N PRO B 172 5.54 -18.27 -20.71
CA PRO B 172 5.64 -16.89 -20.21
C PRO B 172 7.06 -16.33 -20.31
N TYR B 173 7.16 -15.07 -20.71
CA TYR B 173 8.44 -14.35 -20.65
C TYR B 173 8.38 -13.28 -19.53
N PHE B 174 9.58 -12.90 -19.08
CA PHE B 174 9.78 -12.06 -17.90
C PHE B 174 10.80 -10.93 -18.11
N ASP B 175 11.13 -10.67 -19.37
CA ASP B 175 12.24 -9.80 -19.77
C ASP B 175 11.76 -9.06 -21.00
N ILE B 176 11.81 -7.73 -20.98
CA ILE B 176 11.33 -6.91 -22.10
C ILE B 176 12.06 -7.27 -23.42
N ALA B 177 13.36 -7.46 -23.34
CA ALA B 177 14.13 -7.87 -24.50
C ALA B 177 13.54 -9.18 -25.08
N HIS B 178 13.10 -10.10 -24.22
CA HIS B 178 12.53 -11.37 -24.68
CA HIS B 178 12.52 -11.36 -24.68
C HIS B 178 11.12 -11.22 -25.29
N PHE B 179 10.30 -10.30 -24.79
CA PHE B 179 9.04 -9.96 -25.48
C PHE B 179 9.36 -9.49 -26.92
N ASP B 180 10.39 -8.65 -27.04
CA ASP B 180 10.79 -8.07 -28.33
C ASP B 180 11.29 -9.15 -29.32
N MET B 181 12.20 -10.02 -28.83
CA MET B 181 12.81 -11.10 -29.61
C MET B 181 11.75 -12.15 -30.05
N ALA B 182 10.86 -12.52 -29.13
CA ALA B 182 9.76 -13.43 -29.43
C ALA B 182 8.79 -12.88 -30.49
N ALA B 183 8.36 -11.63 -30.33
CA ALA B 183 7.47 -10.95 -31.27
C ALA B 183 8.07 -10.89 -32.69
N ALA B 184 9.34 -10.55 -32.77
CA ALA B 184 10.06 -10.48 -34.04
C ALA B 184 9.98 -11.83 -34.78
N VAL B 185 10.23 -12.93 -34.07
CA VAL B 185 10.14 -14.25 -34.68
C VAL B 185 8.71 -14.49 -35.17
N LEU B 186 7.76 -14.27 -34.28
CA LEU B 186 6.36 -14.54 -34.51
C LEU B 186 5.85 -13.73 -35.68
N ASN B 187 6.24 -12.46 -35.70
CA ASN B 187 5.85 -11.57 -36.78
C ASN B 187 6.44 -11.95 -38.14
N ASP B 188 7.45 -12.81 -38.17
CA ASP B 188 7.94 -13.36 -39.44
C ASP B 188 7.05 -14.43 -40.05
N PHE B 189 5.92 -14.79 -39.42
CA PHE B 189 5.13 -15.92 -39.88
C PHE B 189 3.64 -15.57 -39.97
N PRO B 190 3.19 -15.19 -41.18
CA PRO B 190 1.82 -14.71 -41.35
C PRO B 190 0.72 -15.72 -41.13
N LEU B 191 1.02 -17.02 -41.23
CA LEU B 191 0.02 -18.07 -40.90
C LEU B 191 -0.20 -18.24 -39.40
N VAL B 192 0.66 -17.67 -38.56
CA VAL B 192 0.36 -17.61 -37.12
C VAL B 192 -0.65 -16.48 -36.91
N LYS B 193 -1.91 -16.86 -36.73
CA LYS B 193 -3.00 -15.89 -36.60
C LYS B 193 -3.40 -15.60 -35.18
N PHE B 194 -3.03 -16.49 -34.25
CA PHE B 194 -3.21 -16.24 -32.83
C PHE B 194 -2.06 -16.71 -31.96
N ILE B 195 -1.95 -16.07 -30.79
CA ILE B 195 -0.85 -16.30 -29.84
C ILE B 195 -1.54 -16.53 -28.50
N THR B 196 -1.34 -17.71 -27.90
CA THR B 196 -1.95 -18.02 -26.60
C THR B 196 -0.93 -17.83 -25.50
N CYS B 197 -1.24 -16.85 -24.66
CA CYS B 197 -0.40 -16.43 -23.55
C CYS B 197 -1.22 -16.63 -22.28
N VAL B 198 -0.87 -17.57 -21.39
CA VAL B 198 0.39 -18.34 -21.44
C VAL B 198 0.22 -19.79 -20.95
N ASN B 199 1.25 -20.59 -21.20
CA ASN B 199 1.40 -21.92 -20.57
C ASN B 199 1.84 -21.68 -19.10
N SER B 200 1.95 -22.76 -18.33
CA SER B 200 2.34 -22.68 -16.91
C SER B 200 3.75 -22.08 -16.68
N ILE B 201 3.96 -21.48 -15.51
CA ILE B 201 5.27 -21.01 -15.11
C ILE B 201 6.09 -22.25 -14.80
N GLY B 202 7.09 -22.51 -15.65
CA GLY B 202 7.81 -23.77 -15.64
C GLY B 202 8.63 -23.94 -14.39
N ASN B 203 8.72 -25.20 -13.93
CA ASN B 203 9.74 -25.65 -13.00
C ASN B 203 9.76 -24.95 -11.65
N GLY B 204 8.57 -24.74 -11.11
CA GLY B 204 8.36 -24.41 -9.70
C GLY B 204 8.46 -25.66 -8.82
N LEU B 205 8.54 -25.43 -7.51
CA LEU B 205 8.75 -26.52 -6.52
C LEU B 205 7.90 -26.28 -5.30
N VAL B 206 7.06 -27.27 -5.01
CA VAL B 206 6.19 -27.28 -3.85
C VAL B 206 6.60 -28.44 -2.93
N ILE B 207 6.72 -28.13 -1.64
CA ILE B 207 7.19 -29.10 -0.65
C ILE B 207 6.19 -29.22 0.50
N ASP B 208 5.93 -30.46 0.92
CA ASP B 208 5.09 -30.74 2.09
C ASP B 208 5.98 -30.68 3.32
N PRO B 209 5.77 -29.68 4.20
CA PRO B 209 6.58 -29.60 5.44
C PRO B 209 6.43 -30.77 6.43
N ALA B 210 5.32 -31.52 6.37
CA ALA B 210 5.02 -32.54 7.38
C ALA B 210 5.86 -33.79 7.16
N ASN B 211 5.89 -34.24 5.91
CA ASN B 211 6.77 -35.33 5.51
C ASN B 211 8.03 -34.85 4.81
N GLU B 212 8.24 -33.53 4.73
CA GLU B 212 9.46 -32.93 4.13
C GLU B 212 9.77 -33.38 2.69
N THR B 213 8.71 -33.76 1.96
CA THR B 213 8.83 -34.36 0.65
C THR B 213 8.10 -33.47 -0.35
N VAL B 214 8.64 -33.42 -1.58
CA VAL B 214 7.98 -32.74 -2.69
C VAL B 214 6.61 -33.40 -2.93
N VAL B 215 5.66 -32.66 -3.52
CA VAL B 215 4.30 -33.18 -3.71
C VAL B 215 4.09 -33.94 -5.01
N ILE B 216 5.00 -33.78 -5.98
CA ILE B 216 4.91 -34.59 -7.19
C ILE B 216 6.20 -35.41 -7.44
N LYS B 217 6.00 -36.58 -8.03
CA LYS B 217 7.06 -37.56 -8.27
C LYS B 217 8.05 -37.20 -9.39
N PRO B 218 7.53 -36.73 -10.55
CA PRO B 218 8.43 -36.48 -11.69
C PRO B 218 9.45 -35.38 -11.38
N LYS B 219 10.64 -35.50 -11.97
CA LYS B 219 11.64 -34.42 -12.00
C LYS B 219 11.99 -33.84 -10.63
N GLN B 220 12.04 -34.70 -9.63
CA GLN B 220 12.39 -34.31 -8.25
C GLN B 220 11.47 -33.19 -7.70
N GLY B 221 10.21 -33.19 -8.13
CA GLY B 221 9.19 -32.26 -7.61
C GLY B 221 8.99 -31.01 -8.45
N PHE B 222 9.77 -30.86 -9.51
CA PHE B 222 9.71 -29.64 -10.30
C PHE B 222 8.58 -29.71 -11.32
N GLY B 223 7.66 -28.75 -11.22
CA GLY B 223 6.44 -28.74 -12.03
C GLY B 223 5.96 -27.36 -12.42
N GLY B 224 5.07 -27.33 -13.42
CA GLY B 224 4.49 -26.11 -13.93
C GLY B 224 3.41 -25.59 -13.00
N LEU B 225 3.49 -24.29 -12.76
CA LEU B 225 2.51 -23.59 -11.92
C LEU B 225 1.39 -22.89 -12.73
N GLY B 226 0.16 -23.10 -12.29
CA GLY B 226 -1.01 -22.38 -12.79
C GLY B 226 -1.89 -21.90 -11.64
N GLY B 227 -2.96 -21.22 -12.01
CA GLY B 227 -3.93 -20.68 -11.04
C GLY B 227 -3.60 -19.25 -10.63
N LYS B 228 -3.84 -18.94 -9.36
CA LYS B 228 -3.71 -17.57 -8.87
C LYS B 228 -2.27 -17.04 -8.98
N TYR B 229 -1.31 -17.96 -8.95
CA TYR B 229 0.11 -17.67 -9.15
C TYR B 229 0.45 -16.87 -10.42
N VAL B 230 -0.28 -17.15 -11.49
CA VAL B 230 0.13 -16.74 -12.83
C VAL B 230 -0.61 -15.54 -13.42
N LEU B 231 -1.63 -15.06 -12.72
CA LEU B 231 -2.48 -14.02 -13.29
C LEU B 231 -1.69 -12.78 -13.78
N PRO B 232 -0.94 -12.12 -12.88
CA PRO B 232 -0.16 -10.97 -13.38
C PRO B 232 0.85 -11.28 -14.48
N THR B 233 1.47 -12.46 -14.43
CA THR B 233 2.34 -12.91 -15.53
C THR B 233 1.56 -13.09 -16.84
N ALA B 234 0.41 -13.75 -16.75
CA ALA B 234 -0.40 -13.99 -17.95
C ALA B 234 -0.86 -12.66 -18.62
N LEU B 235 -1.35 -11.72 -17.80
CA LEU B 235 -1.79 -10.42 -18.31
C LEU B 235 -0.67 -9.63 -18.96
N ALA B 236 0.54 -9.68 -18.38
CA ALA B 236 1.68 -8.98 -18.93
C ALA B 236 2.00 -9.53 -20.32
N ASN B 237 2.02 -10.85 -20.42
CA ASN B 237 2.32 -11.50 -21.73
C ASN B 237 1.26 -11.25 -22.81
N VAL B 238 -0.02 -11.31 -22.45
CA VAL B 238 -1.11 -10.99 -23.38
C VAL B 238 -0.95 -9.58 -23.92
N ASN B 239 -0.74 -8.62 -23.02
CA ASN B 239 -0.63 -7.22 -23.43
C ASN B 239 0.63 -6.94 -24.22
N ALA B 240 1.73 -7.54 -23.80
CA ALA B 240 3.01 -7.38 -24.50
C ALA B 240 2.87 -7.79 -25.95
N PHE B 241 2.27 -8.94 -26.19
CA PHE B 241 2.11 -9.45 -27.56
C PHE B 241 1.00 -8.72 -28.28
N PHE B 242 -0.07 -8.38 -27.57
CA PHE B 242 -1.12 -7.52 -28.14
C PHE B 242 -0.51 -6.26 -28.77
N ARG B 243 0.43 -5.64 -28.07
CA ARG B 243 1.09 -4.40 -28.55
C ARG B 243 2.10 -4.61 -29.68
N ARG B 244 2.75 -5.78 -29.71
CA ARG B 244 3.84 -6.04 -30.65
C ARG B 244 3.40 -6.76 -31.93
N CYS B 245 2.24 -7.42 -31.90
CA CYS B 245 1.82 -8.29 -32.99
C CYS B 245 0.50 -7.79 -33.55
N PRO B 246 0.58 -6.74 -34.40
CA PRO B 246 -0.64 -6.02 -34.81
C PRO B 246 -1.62 -6.83 -35.64
N ASP B 247 -1.13 -7.82 -36.38
CA ASP B 247 -1.96 -8.61 -37.27
C ASP B 247 -2.18 -10.03 -36.79
N LYS B 248 -2.10 -10.22 -35.48
CA LYS B 248 -2.40 -11.50 -34.84
C LYS B 248 -3.40 -11.26 -33.70
N LEU B 249 -4.20 -12.27 -33.36
CA LEU B 249 -5.00 -12.21 -32.15
C LEU B 249 -4.19 -12.80 -30.99
N VAL B 250 -4.57 -12.44 -29.76
CA VAL B 250 -3.97 -13.03 -28.59
C VAL B 250 -5.06 -13.67 -27.75
N PHE B 251 -4.81 -14.90 -27.31
CA PHE B 251 -5.72 -15.59 -26.40
C PHE B 251 -5.07 -15.49 -25.03
N GLY B 252 -5.88 -15.17 -24.02
CA GLY B 252 -5.44 -15.12 -22.64
C GLY B 252 -5.65 -16.44 -21.93
N CYS B 253 -4.62 -16.93 -21.26
CA CYS B 253 -4.67 -18.11 -20.46
C CYS B 253 -3.81 -17.90 -19.21
N GLY B 254 -4.43 -17.98 -18.04
CA GLY B 254 -3.70 -17.99 -16.76
C GLY B 254 -4.48 -17.22 -15.72
N GLY B 255 -4.83 -17.91 -14.64
CA GLY B 255 -5.43 -17.26 -13.46
C GLY B 255 -6.90 -16.89 -13.49
N VAL B 256 -7.63 -17.39 -14.50
CA VAL B 256 -9.03 -17.04 -14.60
C VAL B 256 -9.87 -17.97 -13.70
N TYR B 257 -10.46 -17.39 -12.65
CA TYR B 257 -11.41 -18.09 -11.78
C TYR B 257 -12.77 -17.38 -11.78
N SER B 258 -12.91 -16.28 -12.53
CA SER B 258 -14.11 -15.46 -12.45
C SER B 258 -14.29 -14.58 -13.67
N GLY B 259 -15.48 -14.00 -13.80
CA GLY B 259 -15.73 -12.98 -14.82
C GLY B 259 -14.81 -11.76 -14.72
N GLU B 260 -14.47 -11.35 -13.50
CA GLU B 260 -13.65 -10.15 -13.32
C GLU B 260 -12.22 -10.35 -13.82
N GLU B 261 -11.67 -11.56 -13.63
CA GLU B 261 -10.36 -11.91 -14.18
C GLU B 261 -10.42 -12.09 -15.70
N ALA B 262 -11.54 -12.60 -16.21
CA ALA B 262 -11.74 -12.69 -17.64
C ALA B 262 -11.75 -11.29 -18.27
N PHE B 263 -12.44 -10.37 -17.59
CA PHE B 263 -12.51 -8.97 -17.99
C PHE B 263 -11.11 -8.33 -18.09
N LEU B 264 -10.23 -8.66 -17.14
CA LEU B 264 -8.87 -8.13 -17.14
C LEU B 264 -8.07 -8.67 -18.31
N HIS B 265 -8.25 -9.96 -18.59
CA HIS B 265 -7.60 -10.56 -19.77
C HIS B 265 -8.04 -9.85 -21.06
N ILE B 266 -9.35 -9.65 -21.21
CA ILE B 266 -9.90 -8.96 -22.39
C ILE B 266 -9.38 -7.52 -22.46
N LEU B 267 -9.33 -6.83 -21.33
CA LEU B 267 -8.77 -5.48 -21.26
C LEU B 267 -7.32 -5.43 -21.75
N ALA B 268 -6.55 -6.46 -21.38
CA ALA B 268 -5.14 -6.58 -21.76
C ALA B 268 -4.92 -6.87 -23.25
N GLY B 269 -5.96 -7.39 -23.93
CA GLY B 269 -5.91 -7.69 -25.37
C GLY B 269 -6.53 -9.00 -25.83
N ALA B 270 -6.94 -9.85 -24.88
CA ALA B 270 -7.39 -11.22 -25.20
C ALA B 270 -8.68 -11.27 -26.01
N SER B 271 -8.63 -12.03 -27.10
CA SER B 271 -9.82 -12.38 -27.90
C SER B 271 -10.60 -13.52 -27.24
N MET B 272 -9.96 -14.67 -27.08
CA MET B 272 -10.56 -15.75 -26.30
C MET B 272 -9.86 -15.85 -24.94
N VAL B 273 -10.56 -16.47 -23.98
CA VAL B 273 -10.09 -16.64 -22.60
C VAL B 273 -10.18 -18.13 -22.16
N GLN B 274 -9.01 -18.69 -21.86
CA GLN B 274 -8.87 -20.10 -21.52
C GLN B 274 -8.80 -20.29 -20.00
N VAL B 275 -9.43 -21.35 -19.52
CA VAL B 275 -9.56 -21.62 -18.10
C VAL B 275 -9.01 -23.03 -17.80
N GLY B 276 -8.00 -23.10 -16.95
CA GLY B 276 -7.29 -24.34 -16.68
C GLY B 276 -7.56 -24.83 -15.27
N THR B 277 -6.70 -24.43 -14.34
CA THR B 277 -6.79 -24.80 -12.92
C THR B 277 -8.21 -24.65 -12.31
N ALA B 278 -8.83 -23.49 -12.45
CA ALA B 278 -10.17 -23.27 -11.91
C ALA B 278 -11.15 -24.35 -12.43
N LEU B 279 -11.09 -24.66 -13.73
CA LEU B 279 -11.91 -25.72 -14.32
C LEU B 279 -11.59 -27.11 -13.74
N HIS B 280 -10.31 -27.36 -13.48
CA HIS B 280 -9.89 -28.59 -12.84
C HIS B 280 -10.54 -28.71 -11.44
N ASP B 281 -10.59 -27.59 -10.71
CA ASP B 281 -11.16 -27.55 -9.36
C ASP B 281 -12.67 -27.74 -9.38
N GLU B 282 -13.30 -27.18 -10.39
CA GLU B 282 -14.74 -26.92 -10.34
C GLU B 282 -15.59 -27.75 -11.31
N GLY B 283 -14.99 -28.20 -12.40
CA GLY B 283 -15.73 -28.89 -13.45
C GLY B 283 -16.36 -27.91 -14.43
N PRO B 284 -16.92 -28.43 -15.53
CA PRO B 284 -17.43 -27.63 -16.65
C PRO B 284 -18.64 -26.71 -16.36
N ILE B 285 -19.30 -26.91 -15.21
CA ILE B 285 -20.35 -25.99 -14.76
C ILE B 285 -19.84 -24.54 -14.59
N ILE B 286 -18.53 -24.40 -14.33
CA ILE B 286 -17.84 -23.11 -14.24
C ILE B 286 -18.14 -22.15 -15.42
N PHE B 287 -18.35 -22.68 -16.62
CA PHE B 287 -18.59 -21.83 -17.79
C PHE B 287 -19.89 -21.03 -17.77
N ALA B 288 -20.93 -21.58 -17.15
CA ALA B 288 -22.18 -20.86 -17.01
C ALA B 288 -21.98 -19.65 -16.08
N ARG B 289 -21.32 -19.90 -14.95
CA ARG B 289 -20.93 -18.85 -14.00
C ARG B 289 -20.06 -17.74 -14.67
N LEU B 290 -19.03 -18.16 -15.40
CA LEU B 290 -18.14 -17.21 -16.06
C LEU B 290 -18.87 -16.28 -17.06
N ASN B 291 -19.79 -16.84 -17.85
CA ASN B 291 -20.63 -16.06 -18.76
C ASN B 291 -21.48 -15.01 -18.04
N LYS B 292 -22.16 -15.46 -16.99
CA LYS B 292 -23.02 -14.63 -16.17
C LYS B 292 -22.21 -13.48 -15.53
N GLU B 293 -21.05 -13.83 -14.98
CA GLU B 293 -20.18 -12.88 -14.29
C GLU B 293 -19.59 -11.83 -15.25
N LEU B 294 -19.12 -12.26 -16.42
CA LEU B 294 -18.58 -11.31 -17.40
C LEU B 294 -19.68 -10.39 -17.94
N GLN B 295 -20.86 -10.95 -18.19
CA GLN B 295 -22.00 -10.16 -18.64
C GLN B 295 -22.39 -9.09 -17.60
N GLU B 296 -22.45 -9.50 -16.34
CA GLU B 296 -22.79 -8.60 -15.23
C GLU B 296 -21.78 -7.43 -15.11
N ILE B 297 -20.49 -7.72 -15.19
CA ILE B 297 -19.48 -6.65 -15.09
C ILE B 297 -19.60 -5.66 -16.27
N MET B 298 -19.84 -6.18 -17.47
CA MET B 298 -20.09 -5.34 -18.63
C MET B 298 -21.30 -4.43 -18.44
N THR B 299 -22.39 -5.00 -17.93
CA THR B 299 -23.61 -4.25 -17.66
C THR B 299 -23.33 -3.13 -16.67
N ASN B 300 -22.62 -3.46 -15.59
CA ASN B 300 -22.24 -2.48 -14.58
C ASN B 300 -21.46 -1.29 -15.15
N LYS B 301 -20.56 -1.58 -16.08
CA LYS B 301 -19.69 -0.55 -16.69
C LYS B 301 -20.26 0.06 -17.98
N GLY B 302 -21.36 -0.49 -18.46
CA GLY B 302 -22.04 0.04 -19.63
C GLY B 302 -21.49 -0.42 -20.96
N TYR B 303 -20.80 -1.56 -20.95
CA TYR B 303 -20.29 -2.19 -22.15
C TYR B 303 -21.32 -3.13 -22.74
N LYS B 304 -21.47 -3.12 -24.07
CA LYS B 304 -22.43 -3.99 -24.76
C LYS B 304 -21.76 -5.12 -25.55
N THR B 305 -20.49 -4.94 -25.90
CA THR B 305 -19.71 -5.95 -26.63
C THR B 305 -18.29 -6.02 -26.09
N LEU B 306 -17.60 -7.11 -26.38
CA LEU B 306 -16.23 -7.31 -25.90
C LEU B 306 -15.26 -6.34 -26.57
N ASP B 307 -15.46 -6.07 -27.86
CA ASP B 307 -14.58 -5.13 -28.59
C ASP B 307 -14.77 -3.66 -28.21
N GLU B 308 -15.79 -3.37 -27.40
CA GLU B 308 -15.83 -2.06 -26.77
C GLU B 308 -14.71 -1.88 -25.73
N PHE B 309 -14.14 -2.97 -25.19
CA PHE B 309 -13.09 -2.84 -24.15
C PHE B 309 -11.82 -3.69 -24.36
N ARG B 310 -11.84 -4.59 -25.33
CA ARG B 310 -10.67 -5.41 -25.62
C ARG B 310 -9.40 -4.59 -26.00
N GLY B 311 -8.36 -4.74 -25.19
CA GLY B 311 -7.13 -3.98 -25.39
C GLY B 311 -7.19 -2.55 -24.88
N ARG B 312 -8.27 -2.19 -24.21
CA ARG B 312 -8.47 -0.82 -23.70
C ARG B 312 -7.99 -0.56 -22.28
N VAL B 313 -7.15 -1.45 -21.73
CA VAL B 313 -6.52 -1.22 -20.42
C VAL B 313 -5.86 0.16 -20.41
N LYS B 314 -6.06 0.91 -19.32
CA LYS B 314 -5.57 2.27 -19.23
C LYS B 314 -4.22 2.27 -18.55
N THR B 315 -3.30 3.08 -19.08
CA THR B 315 -2.00 3.28 -18.46
C THR B 315 -1.92 4.72 -17.96
N MET B 316 -0.92 4.99 -17.13
CA MET B 316 -0.68 6.33 -16.59
C MET B 316 0.51 7.01 -17.26
N ASP B 317 1.12 6.35 -18.23
CA ASP B 317 2.32 6.88 -18.88
C ASP B 317 2.04 8.20 -19.65
N MET C 5 28.93 23.12 6.45
CA MET C 5 27.67 22.60 7.08
C MET C 5 27.17 23.56 8.17
N SER C 6 25.89 23.93 8.11
CA SER C 6 25.34 24.89 9.07
C SER C 6 23.83 24.70 9.32
N LEU C 7 23.45 24.66 10.59
CA LEU C 7 22.04 24.66 10.94
C LEU C 7 21.53 26.05 11.28
N LYS C 8 22.31 27.09 10.97
CA LYS C 8 21.92 28.48 11.32
C LYS C 8 20.64 28.91 10.66
N VAL C 9 19.95 29.83 11.35
CA VAL C 9 18.76 30.48 10.86
C VAL C 9 18.87 31.95 11.21
N ASN C 10 18.83 32.79 10.17
CA ASN C 10 18.95 34.22 10.31
C ASN C 10 17.62 34.84 10.00
N ILE C 11 16.83 35.09 11.04
CA ILE C 11 15.50 35.65 10.88
C ILE C 11 15.18 36.59 12.02
N LEU C 12 14.21 37.47 11.77
CA LEU C 12 13.63 38.32 12.80
C LEU C 12 14.65 39.25 13.48
N GLY C 13 15.77 39.55 12.82
CA GLY C 13 16.81 40.38 13.41
C GLY C 13 17.77 39.63 14.33
N HIS C 14 17.72 38.30 14.30
CA HIS C 14 18.53 37.46 15.19
C HIS C 14 19.25 36.37 14.42
N GLU C 15 20.34 35.86 14.98
CA GLU C 15 20.99 34.65 14.44
C GLU C 15 20.87 33.50 15.45
N PHE C 16 20.25 32.43 14.97
CA PHE C 16 20.01 31.22 15.74
C PHE C 16 21.02 30.16 15.31
N SER C 17 21.63 29.47 16.28
CA SER C 17 22.60 28.39 16.01
C SER C 17 21.99 27.27 15.23
N ASN C 18 20.72 26.98 15.52
CA ASN C 18 19.97 25.89 14.89
C ASN C 18 18.46 26.21 14.94
N PRO C 19 17.64 25.46 14.17
CA PRO C 19 16.19 25.79 14.10
C PRO C 19 15.30 25.35 15.28
N PHE C 20 15.91 24.69 16.27
CA PHE C 20 15.16 24.00 17.31
C PHE C 20 14.83 24.86 18.54
N MET C 21 13.60 24.71 19.02
CA MET C 21 13.16 25.29 20.27
C MET C 21 12.08 24.38 20.88
N ASN C 22 11.75 24.62 22.13
CA ASN C 22 10.60 23.97 22.74
C ASN C 22 9.33 24.54 22.13
N ALA C 23 8.28 23.74 22.15
CA ALA C 23 6.95 24.21 21.88
C ALA C 23 6.49 24.89 23.15
N ALA C 24 5.68 25.94 23.02
CA ALA C 24 5.18 26.66 24.17
C ALA C 24 4.43 25.69 25.06
N GLY C 25 4.62 25.84 26.37
CA GLY C 25 3.96 24.94 27.31
C GLY C 25 4.80 23.81 27.85
N VAL C 26 5.75 23.31 27.07
CA VAL C 26 6.66 22.26 27.53
C VAL C 26 8.00 22.84 28.01
N LEU C 27 8.41 22.44 29.21
CA LEU C 27 9.67 22.88 29.84
C LEU C 27 9.93 24.41 29.76
N CYS C 28 8.96 25.19 30.23
CA CYS C 28 9.06 26.64 30.10
C CYS C 28 8.17 27.46 31.01
N THR C 29 7.73 26.90 32.14
CA THR C 29 6.77 27.57 33.04
C THR C 29 7.49 28.35 34.16
N THR C 30 8.47 27.70 34.78
CA THR C 30 9.26 28.26 35.88
C THR C 30 10.62 28.79 35.38
N GLU C 31 11.33 29.48 36.28
CA GLU C 31 12.66 29.98 35.98
C GLU C 31 13.59 28.84 35.69
N GLU C 32 13.47 27.78 36.49
CA GLU C 32 14.29 26.59 36.31
CA GLU C 32 14.29 26.59 36.31
C GLU C 32 14.04 25.96 34.95
N ASP C 33 12.76 25.86 34.55
CA ASP C 33 12.44 25.32 33.24
C ASP C 33 13.22 26.14 32.19
N LEU C 34 13.08 27.45 32.28
CA LEU C 34 13.72 28.34 31.30
C LEU C 34 15.25 28.31 31.33
N ARG C 35 15.84 28.25 32.51
CA ARG C 35 17.28 28.05 32.61
C ARG C 35 17.74 26.75 31.92
N ARG C 36 17.00 25.67 32.13
CA ARG C 36 17.37 24.38 31.54
C ARG C 36 17.24 24.39 30.01
N MET C 37 16.20 25.04 29.51
CA MET C 37 16.07 25.27 28.06
C MET C 37 17.22 26.12 27.52
N THR C 38 17.63 27.14 28.26
CA THR C 38 18.73 28.01 27.82
C THR C 38 20.10 27.27 27.83
N GLU C 39 20.31 26.42 28.83
CA GLU C 39 21.53 25.59 28.93
C GLU C 39 21.58 24.56 27.83
N SER C 40 20.42 24.16 27.34
CA SER C 40 20.33 23.14 26.30
C SER C 40 20.96 23.58 24.98
N GLU C 41 21.08 22.61 24.08
CA GLU C 41 21.58 22.85 22.73
C GLU C 41 20.52 23.44 21.75
N SER C 42 19.33 23.77 22.25
CA SER C 42 18.29 24.38 21.39
C SER C 42 18.79 25.69 20.79
N GLY C 43 18.36 25.97 19.57
CA GLY C 43 18.59 27.26 18.92
C GLY C 43 17.87 28.42 19.59
N SER C 44 16.74 28.15 20.23
CA SER C 44 15.99 29.17 20.99
C SER C 44 15.07 28.48 22.02
N LEU C 45 14.18 29.27 22.62
CA LEU C 45 13.23 28.78 23.60
C LEU C 45 12.09 29.77 23.69
N ILE C 46 10.95 29.33 24.21
CA ILE C 46 9.77 30.17 24.34
C ILE C 46 9.10 29.94 25.69
N GLY C 47 8.66 31.02 26.32
CA GLY C 47 8.00 30.94 27.63
C GLY C 47 6.62 30.32 27.56
N LYS C 48 6.19 29.65 28.64
CA LYS C 48 4.79 29.20 28.75
C LYS C 48 3.83 30.37 28.44
N SER C 49 2.81 30.09 27.62
CA SER C 49 1.70 31.02 27.38
C SER C 49 1.22 31.62 28.72
N CYS C 50 1.37 32.94 28.84
CA CYS C 50 1.03 33.61 30.08
C CYS C 50 -0.25 34.43 30.02
N THR C 51 -0.78 34.71 31.21
CA THR C 51 -1.95 35.55 31.40
C THR C 51 -1.54 36.70 32.32
N LEU C 52 -2.39 37.72 32.43
CA LEU C 52 -2.12 38.91 33.24
C LEU C 52 -1.87 38.54 34.70
N ALA C 53 -2.65 37.59 35.22
CA ALA C 53 -2.50 37.10 36.59
C ALA C 53 -2.04 35.64 36.58
N PRO C 54 -1.37 35.19 37.67
CA PRO C 54 -0.98 33.80 37.69
C PRO C 54 -2.23 32.95 37.58
N ARG C 55 -2.10 31.77 36.98
CA ARG C 55 -3.18 30.79 36.93
C ARG C 55 -2.69 29.45 37.41
N THR C 56 -3.55 28.78 38.16
CA THR C 56 -3.31 27.45 38.68
C THR C 56 -3.61 26.35 37.66
N GLY C 57 -4.47 26.67 36.69
CA GLY C 57 -4.85 25.73 35.64
C GLY C 57 -5.98 24.77 36.01
N ASN C 58 -6.17 23.77 35.15
CA ASN C 58 -7.26 22.80 35.29
C ASN C 58 -6.94 21.69 36.30
N PRO C 59 -7.98 21.00 36.80
CA PRO C 59 -7.81 19.86 37.69
C PRO C 59 -6.90 18.75 37.14
N GLU C 60 -6.08 18.13 38.01
CA GLU C 60 -5.26 16.99 37.63
C GLU C 60 -5.99 15.66 37.81
N PRO C 61 -5.59 14.63 37.05
CA PRO C 61 -4.59 14.69 35.99
C PRO C 61 -5.06 15.48 34.77
N ARG C 62 -4.12 16.18 34.15
CA ARG C 62 -4.43 17.00 32.99
C ARG C 62 -3.52 16.72 31.80
N TYR C 63 -2.66 15.70 31.94
CA TYR C 63 -1.77 15.24 30.88
C TYR C 63 -1.74 13.71 30.94
N PHE C 64 -1.72 13.08 29.78
CA PHE C 64 -1.50 11.64 29.69
C PHE C 64 -0.67 11.34 28.46
N GLY C 65 0.42 10.61 28.69
CA GLY C 65 1.32 10.15 27.64
C GLY C 65 0.79 8.87 26.99
N LEU C 66 0.66 8.90 25.68
CA LEU C 66 0.15 7.80 24.86
C LEU C 66 1.28 7.26 23.99
N PRO C 67 1.15 6.00 23.53
CA PRO C 67 2.09 5.45 22.56
C PRO C 67 2.27 6.32 21.29
N LEU C 68 1.22 7.00 20.83
CA LEU C 68 1.31 7.86 19.64
C LEU C 68 1.35 9.37 19.96
N GLY C 69 1.59 9.72 21.23
CA GLY C 69 1.77 11.11 21.60
C GLY C 69 1.21 11.50 22.97
N SER C 70 0.33 12.49 22.97
CA SER C 70 -0.14 13.07 24.21
C SER C 70 -1.53 13.63 24.06
N ILE C 71 -2.27 13.61 25.16
CA ILE C 71 -3.46 14.45 25.34
C ILE C 71 -3.22 15.35 26.57
N ASN C 72 -3.63 16.63 26.46
CA ASN C 72 -3.51 17.56 27.57
C ASN C 72 -4.66 18.56 27.64
N SER C 73 -5.01 18.92 28.88
CA SER C 73 -5.91 20.04 29.14
C SER C 73 -5.38 20.80 30.37
N MET C 74 -4.17 21.36 30.21
CA MET C 74 -3.44 21.98 31.32
C MET C 74 -4.24 23.17 31.89
N GLY C 75 -4.81 23.97 31.00
CA GLY C 75 -5.66 25.11 31.39
C GLY C 75 -4.87 26.39 31.68
N LEU C 76 -3.80 26.57 30.93
CA LEU C 76 -2.89 27.70 31.06
C LEU C 76 -2.41 27.99 32.47
N PRO C 77 -1.81 26.99 33.14
CA PRO C 77 -1.11 27.26 34.38
C PRO C 77 0.18 28.02 34.13
N ASN C 78 0.34 29.15 34.78
CA ASN C 78 1.49 30.00 34.53
C ASN C 78 1.68 30.95 35.70
N LEU C 79 2.89 31.48 35.79
CA LEU C 79 3.28 32.34 36.90
C LEU C 79 2.83 33.81 36.73
N GLY C 80 2.17 34.14 35.61
CA GLY C 80 1.70 35.53 35.35
C GLY C 80 2.69 36.33 34.52
N VAL C 81 2.19 37.28 33.74
CA VAL C 81 3.01 37.98 32.74
C VAL C 81 4.23 38.70 33.36
N ASP C 82 4.06 39.29 34.54
CA ASP C 82 5.18 40.01 35.22
C ASP C 82 6.40 39.12 35.43
N PHE C 83 6.18 37.84 35.78
CA PHE C 83 7.30 36.91 35.96
C PHE C 83 8.11 36.69 34.68
N TYR C 84 7.39 36.44 33.58
CA TYR C 84 8.00 36.17 32.28
C TYR C 84 8.71 37.40 31.73
N LEU C 85 8.11 38.57 31.92
CA LEU C 85 8.73 39.85 31.51
C LEU C 85 10.01 40.13 32.30
N SER C 86 9.95 39.91 33.61
CA SER C 86 11.13 40.00 34.48
C SER C 86 12.25 39.01 34.11
N TYR C 87 11.88 37.75 33.78
CA TYR C 87 12.84 36.78 33.20
C TYR C 87 13.46 37.32 31.91
N ALA C 88 12.61 37.92 31.08
CA ALA C 88 13.04 38.43 29.79
C ALA C 88 13.95 39.65 29.94
N ALA C 89 13.61 40.51 30.89
CA ALA C 89 14.32 41.77 31.09
C ALA C 89 15.66 41.56 31.79
N GLN C 90 15.62 40.84 32.92
CA GLN C 90 16.77 40.73 33.84
C GLN C 90 17.55 39.41 33.69
N THR C 91 16.83 38.30 33.74
CA THR C 91 17.46 36.99 33.96
C THR C 91 18.00 36.31 32.70
N HIS C 92 17.25 36.33 31.61
CA HIS C 92 17.61 35.51 30.46
C HIS C 92 18.94 35.95 29.88
N ASP C 93 19.82 34.97 29.68
CA ASP C 93 21.10 35.20 29.04
C ASP C 93 20.93 35.23 27.52
N TYR C 94 20.81 36.42 26.96
CA TYR C 94 20.64 36.57 25.51
C TYR C 94 21.88 36.23 24.68
N SER C 95 23.05 36.09 25.30
CA SER C 95 24.25 35.67 24.55
C SER C 95 24.26 34.16 24.28
N ARG C 96 23.40 33.41 24.97
CA ARG C 96 23.21 31.99 24.69
C ARG C 96 22.29 31.80 23.49
N LYS C 97 21.11 32.42 23.55
CA LYS C 97 20.14 32.32 22.46
C LYS C 97 19.06 33.38 22.65
N PRO C 98 18.34 33.72 21.56
CA PRO C 98 17.19 34.62 21.67
C PRO C 98 16.03 33.98 22.42
N LEU C 99 15.12 34.82 22.91
CA LEU C 99 14.00 34.37 23.71
C LEU C 99 12.68 34.85 23.11
N PHE C 100 11.73 33.92 23.00
CA PHE C 100 10.35 34.24 22.70
C PHE C 100 9.55 34.15 23.99
N LEU C 101 8.49 34.95 24.09
CA LEU C 101 7.46 34.71 25.10
C LEU C 101 6.13 34.50 24.42
N SER C 102 5.40 33.46 24.84
CA SER C 102 4.02 33.28 24.40
C SER C 102 3.07 34.00 25.34
N MET C 103 2.11 34.68 24.76
CA MET C 103 1.09 35.38 25.53
C MET C 103 -0.28 34.97 25.06
N SER C 104 -1.12 34.60 26.03
CA SER C 104 -2.41 34.00 25.77
C SER C 104 -3.47 34.59 26.68
N GLY C 105 -3.80 35.86 26.43
CA GLY C 105 -4.97 36.47 27.06
C GLY C 105 -6.25 35.75 26.70
N LEU C 106 -7.21 35.74 27.62
CA LEU C 106 -8.50 35.09 27.35
C LEU C 106 -9.49 36.07 26.72
N SER C 107 -9.02 37.30 26.45
CA SER C 107 -9.80 38.32 25.74
C SER C 107 -8.82 39.27 25.06
N VAL C 108 -9.29 40.02 24.05
CA VAL C 108 -8.39 40.97 23.38
C VAL C 108 -7.85 42.04 24.35
N GLU C 109 -8.69 42.46 25.32
CA GLU C 109 -8.27 43.47 26.31
C GLU C 109 -7.09 42.97 27.16
N GLU C 110 -7.16 41.70 27.59
CA GLU C 110 -6.09 41.09 28.36
C GLU C 110 -4.81 41.03 27.55
N SER C 111 -4.91 40.51 26.33
CA SER C 111 -3.75 40.40 25.44
C SER C 111 -3.12 41.76 25.16
N VAL C 112 -3.95 42.76 24.89
CA VAL C 112 -3.48 44.12 24.64
C VAL C 112 -2.74 44.67 25.87
N GLU C 113 -3.33 44.47 27.03
CA GLU C 113 -2.71 44.90 28.28
C GLU C 113 -1.33 44.24 28.44
N MET C 114 -1.23 42.95 28.13
CA MET C 114 0.06 42.24 28.23
C MET C 114 1.09 42.72 27.23
N VAL C 115 0.69 42.93 25.98
CA VAL C 115 1.67 43.31 24.94
C VAL C 115 2.22 44.71 25.14
N LYS C 116 1.41 45.58 25.74
CA LYS C 116 1.86 46.92 26.13
C LYS C 116 3.03 46.86 27.12
N LYS C 117 2.95 45.91 28.06
CA LYS C 117 4.00 45.70 29.06
C LYS C 117 5.26 45.14 28.43
N LEU C 118 5.11 44.43 27.32
CA LEU C 118 6.25 43.79 26.65
C LEU C 118 7.08 44.79 25.87
N VAL C 119 6.42 45.81 25.33
CA VAL C 119 7.07 46.75 24.40
C VAL C 119 8.45 47.23 24.88
N PRO C 120 8.53 47.78 26.11
CA PRO C 120 9.84 48.24 26.59
C PRO C 120 10.89 47.12 26.65
N ILE C 121 10.45 45.90 26.95
CA ILE C 121 11.38 44.78 27.11
C ILE C 121 11.88 44.26 25.76
N THR C 122 10.98 44.21 24.78
CA THR C 122 11.39 43.93 23.40
C THR C 122 12.40 44.98 22.94
N LYS C 123 12.11 46.24 23.18
CA LYS C 123 12.99 47.32 22.74
C LYS C 123 14.36 47.21 23.42
N GLU C 124 14.33 46.90 24.71
CA GLU C 124 15.53 46.81 25.54
C GLU C 124 16.35 45.56 25.21
N LYS C 125 15.68 44.41 25.15
CA LYS C 125 16.37 43.11 25.15
C LYS C 125 16.19 42.26 23.90
N GLY C 126 15.17 42.58 23.10
CA GLY C 126 14.93 41.91 21.83
C GLY C 126 14.00 40.71 21.95
N THR C 127 13.36 40.58 23.09
CA THR C 127 12.38 39.53 23.34
C THR C 127 11.31 39.55 22.24
N ILE C 128 11.00 38.36 21.72
CA ILE C 128 10.06 38.19 20.60
C ILE C 128 8.72 37.66 21.13
N LEU C 129 7.64 38.07 20.50
CA LEU C 129 6.30 37.74 20.95
C LEU C 129 5.69 36.72 20.02
N GLU C 130 5.12 35.66 20.61
CA GLU C 130 4.21 34.75 19.91
C GLU C 130 2.84 34.85 20.57
N LEU C 131 1.87 35.38 19.83
CA LEU C 131 0.49 35.52 20.31
C LEU C 131 -0.26 34.22 20.09
N ASN C 132 -0.70 33.64 21.20
CA ASN C 132 -1.41 32.37 21.18
C ASN C 132 -2.85 32.61 20.84
N LEU C 133 -3.23 32.21 19.62
CA LEU C 133 -4.63 32.30 19.18
C LEU C 133 -5.30 30.95 19.09
N SER C 134 -4.75 29.94 19.77
CA SER C 134 -5.19 28.57 19.53
C SER C 134 -5.31 27.67 20.76
N CYS C 135 -5.31 28.25 21.96
CA CYS C 135 -5.55 27.42 23.14
C CYS C 135 -6.92 26.72 23.05
N PRO C 136 -6.94 25.38 23.06
CA PRO C 136 -8.18 24.62 23.02
C PRO C 136 -8.76 24.12 24.36
N ASN C 137 -8.17 24.53 25.48
CA ASN C 137 -8.39 23.84 26.78
C ASN C 137 -8.98 24.68 27.94
N VAL C 138 -9.30 25.95 27.71
CA VAL C 138 -9.96 26.76 28.75
C VAL C 138 -11.47 26.68 28.54
N PRO C 139 -12.20 26.11 29.53
CA PRO C 139 -13.64 25.92 29.39
C PRO C 139 -14.34 27.25 29.03
N GLY C 140 -15.20 27.18 28.01
CA GLY C 140 -15.95 28.36 27.54
C GLY C 140 -15.19 29.33 26.65
N LYS C 141 -13.91 29.04 26.35
CA LYS C 141 -13.09 29.90 25.46
C LYS C 141 -12.68 29.15 24.19
N PRO C 142 -13.45 29.32 23.09
CA PRO C 142 -13.11 28.61 21.85
C PRO C 142 -11.80 29.11 21.26
N GLN C 143 -11.15 28.29 20.46
CA GLN C 143 -9.88 28.68 19.82
C GLN C 143 -10.14 29.93 19.02
N VAL C 144 -9.42 31.01 19.31
CA VAL C 144 -9.63 32.30 18.61
C VAL C 144 -9.50 32.15 17.09
N GLY C 145 -8.51 31.36 16.66
CA GLY C 145 -8.23 31.17 15.23
C GLY C 145 -9.31 30.51 14.38
N TYR C 146 -10.30 29.88 15.00
CA TYR C 146 -11.45 29.32 14.26
C TYR C 146 -12.58 30.33 14.03
N ASP C 147 -12.43 31.56 14.54
CA ASP C 147 -13.32 32.71 14.28
C ASP C 147 -12.48 33.80 13.60
N PHE C 148 -12.67 33.99 12.30
CA PHE C 148 -11.81 34.88 11.53
C PHE C 148 -12.01 36.36 11.85
N ASP C 149 -13.23 36.74 12.25
CA ASP C 149 -13.52 38.11 12.69
C ASP C 149 -12.88 38.43 14.04
N THR C 150 -13.01 37.54 15.00
CA THR C 150 -12.39 37.71 16.31
C THR C 150 -10.88 37.74 16.15
N THR C 151 -10.37 36.84 15.32
CA THR C 151 -8.95 36.80 14.98
C THR C 151 -8.50 38.11 14.35
N ARG C 152 -9.30 38.67 13.44
CA ARG C 152 -8.98 39.99 12.85
C ARG C 152 -8.91 41.11 13.90
N THR C 153 -9.79 41.05 14.89
CA THR C 153 -9.83 42.02 15.99
C THR C 153 -8.61 41.92 16.90
N TYR C 154 -8.19 40.70 17.23
CA TYR C 154 -6.97 40.54 18.04
C TYR C 154 -5.77 41.13 17.34
N LEU C 155 -5.63 40.79 16.06
CA LEU C 155 -4.48 41.19 15.28
C LEU C 155 -4.45 42.71 15.04
N GLN C 156 -5.64 43.32 14.99
CA GLN C 156 -5.72 44.77 14.81
C GLN C 156 -5.25 45.45 16.07
N LYS C 157 -5.83 45.05 17.20
CA LYS C 157 -5.53 45.65 18.49
C LYS C 157 -4.07 45.35 18.95
N VAL C 158 -3.59 44.13 18.77
CA VAL C 158 -2.22 43.81 19.16
C VAL C 158 -1.23 44.59 18.28
N SER C 159 -1.49 44.63 16.98
CA SER C 159 -0.67 45.42 16.05
C SER C 159 -0.59 46.90 16.49
N GLU C 160 -1.73 47.51 16.81
CA GLU C 160 -1.77 48.89 17.34
C GLU C 160 -1.01 49.08 18.68
N ALA C 161 -1.22 48.18 19.63
CA ALA C 161 -0.69 48.35 20.99
C ALA C 161 0.79 47.98 21.10
N TYR C 162 1.17 46.88 20.46
CA TYR C 162 2.54 46.38 20.50
C TYR C 162 3.42 47.15 19.54
N GLY C 163 3.00 47.22 18.27
CA GLY C 163 3.68 48.03 17.27
C GLY C 163 4.98 47.48 16.72
N LEU C 164 5.31 46.25 17.07
CA LEU C 164 6.59 45.64 16.69
C LEU C 164 6.31 44.28 16.03
N PRO C 165 7.28 43.75 15.27
CA PRO C 165 7.13 42.44 14.65
C PRO C 165 6.76 41.36 15.66
N PHE C 166 5.73 40.58 15.38
CA PHE C 166 5.31 39.50 16.27
C PHE C 166 4.79 38.32 15.47
N GLY C 167 4.49 37.23 16.15
CA GLY C 167 4.00 36.04 15.50
C GLY C 167 2.75 35.51 16.15
N VAL C 168 2.17 34.52 15.50
CA VAL C 168 0.90 33.94 15.92
C VAL C 168 0.91 32.39 16.01
N LYS C 169 0.45 31.87 17.14
CA LYS C 169 0.28 30.44 17.31
C LYS C 169 -1.10 30.09 16.82
N MET C 170 -1.12 29.39 15.69
CA MET C 170 -2.38 29.08 14.98
C MET C 170 -2.90 27.69 15.31
N PRO C 171 -4.23 27.52 15.26
CA PRO C 171 -4.80 26.20 15.40
C PRO C 171 -4.67 25.46 14.08
N PRO C 172 -4.74 24.11 14.11
CA PRO C 172 -4.73 23.43 12.81
C PRO C 172 -6.03 23.67 12.01
N TYR C 173 -5.90 23.87 10.70
CA TYR C 173 -7.09 23.86 9.83
C TYR C 173 -7.13 22.59 8.97
N PHE C 174 -8.32 22.23 8.52
CA PHE C 174 -8.56 20.94 7.87
C PHE C 174 -9.33 21.06 6.55
N ASP C 175 -9.37 22.27 6.01
CA ASP C 175 -10.31 22.69 4.96
C ASP C 175 -9.55 23.73 4.13
N ILE C 176 -9.51 23.52 2.81
CA ILE C 176 -8.76 24.41 1.90
C ILE C 176 -9.30 25.86 1.97
N ALA C 177 -10.62 25.99 2.00
CA ALA C 177 -11.25 27.30 2.08
C ALA C 177 -10.82 28.02 3.35
N HIS C 178 -10.64 27.28 4.46
CA HIS C 178 -10.16 27.89 5.70
C HIS C 178 -8.67 28.27 5.66
N PHE C 179 -7.81 27.50 4.99
CA PHE C 179 -6.43 27.96 4.75
C PHE C 179 -6.49 29.31 4.02
N ASP C 180 -7.34 29.37 2.99
CA ASP C 180 -7.49 30.57 2.17
C ASP C 180 -7.95 31.77 3.00
N MET C 181 -9.08 31.59 3.69
CA MET C 181 -9.65 32.59 4.61
C MET C 181 -8.64 33.02 5.71
N ALA C 182 -8.00 32.04 6.37
CA ALA C 182 -7.05 32.35 7.43
C ALA C 182 -5.87 33.17 6.89
N ALA C 183 -5.27 32.74 5.77
CA ALA C 183 -4.15 33.48 5.16
C ALA C 183 -4.51 34.92 4.81
N ALA C 184 -5.69 35.11 4.23
CA ALA C 184 -6.20 36.45 3.88
C ALA C 184 -6.35 37.39 5.09
N VAL C 185 -6.72 36.87 6.25
CA VAL C 185 -6.71 37.69 7.47
C VAL C 185 -5.26 37.97 7.90
N LEU C 186 -4.44 36.93 8.01
CA LEU C 186 -3.04 37.08 8.41
C LEU C 186 -2.27 38.04 7.48
N ASN C 187 -2.54 37.93 6.18
CA ASN C 187 -1.84 38.74 5.16
C ASN C 187 -2.23 40.24 5.24
N ASP C 188 -3.35 40.57 5.87
CA ASP C 188 -3.73 41.98 6.15
C ASP C 188 -2.96 42.69 7.27
N PHE C 189 -2.13 41.96 7.99
CA PHE C 189 -1.44 42.51 9.14
C PHE C 189 0.07 42.37 9.00
N PRO C 190 0.74 43.43 8.50
CA PRO C 190 2.16 43.35 8.22
C PRO C 190 3.09 43.20 9.42
N LEU C 191 2.64 43.52 10.65
CA LEU C 191 3.47 43.24 11.86
C LEU C 191 3.51 41.74 12.24
N VAL C 192 2.61 40.93 11.68
CA VAL C 192 2.70 39.47 11.86
C VAL C 192 3.79 38.95 10.92
N LYS C 193 4.96 38.65 11.49
CA LYS C 193 6.11 38.24 10.69
C LYS C 193 6.35 36.75 10.65
N PHE C 194 5.75 36.01 11.60
CA PHE C 194 5.80 34.56 11.60
C PHE C 194 4.49 33.94 12.08
N ILE C 195 4.24 32.72 11.62
CA ILE C 195 3.03 31.97 11.93
C ILE C 195 3.50 30.64 12.46
N THR C 196 3.06 30.27 13.66
CA THR C 196 3.45 28.97 14.22
C THR C 196 2.36 27.95 13.95
N CYS C 197 2.75 26.91 13.21
CA CYS C 197 1.83 25.88 12.72
C CYS C 197 2.33 24.52 13.21
N VAL C 198 1.68 23.87 14.17
CA VAL C 198 0.38 24.24 14.74
C VAL C 198 0.30 24.00 16.26
N ASN C 199 -0.79 24.48 16.87
CA ASN C 199 -1.17 24.08 18.22
C ASN C 199 -1.79 22.67 18.18
N SER C 200 -2.06 22.11 19.35
CA SER C 200 -2.63 20.77 19.43
C SER C 200 -3.96 20.67 18.70
N ILE C 201 -4.25 19.45 18.22
CA ILE C 201 -5.55 19.12 17.66
C ILE C 201 -6.55 19.07 18.82
N GLY C 202 -7.45 20.05 18.82
CA GLY C 202 -8.25 20.29 19.98
C GLY C 202 -9.36 19.30 20.17
N ASN C 203 -9.71 19.10 21.44
CA ASN C 203 -10.90 18.39 21.85
C ASN C 203 -11.01 16.97 21.29
N GLY C 204 -9.87 16.25 21.38
CA GLY C 204 -9.82 14.81 21.22
C GLY C 204 -10.24 14.20 22.54
N LEU C 205 -10.62 12.92 22.52
CA LEU C 205 -11.12 12.22 23.69
C LEU C 205 -10.48 10.85 23.81
N VAL C 206 -9.75 10.63 24.89
CA VAL C 206 -9.09 9.36 25.12
C VAL C 206 -9.72 8.63 26.30
N ILE C 207 -10.04 7.35 26.06
CA ILE C 207 -10.71 6.51 27.02
C ILE C 207 -9.90 5.24 27.28
N ASP C 208 -9.78 4.85 28.53
CA ASP C 208 -9.08 3.64 28.87
C ASP C 208 -10.08 2.49 28.76
N PRO C 209 -9.83 1.50 27.88
CA PRO C 209 -10.77 0.39 27.76
C PRO C 209 -10.78 -0.52 28.96
N ALA C 210 -9.76 -0.43 29.82
CA ALA C 210 -9.70 -1.29 30.99
C ALA C 210 -10.72 -0.84 32.03
N ASN C 211 -10.73 0.46 32.32
CA ASN C 211 -11.65 1.00 33.33
C ASN C 211 -12.79 1.86 32.77
N GLU C 212 -12.93 1.91 31.44
CA GLU C 212 -14.04 2.63 30.80
C GLU C 212 -14.13 4.12 31.17
N THR C 213 -12.99 4.67 31.58
CA THR C 213 -12.92 6.00 32.14
C THR C 213 -11.97 6.83 31.26
N VAL C 214 -12.31 8.10 31.07
CA VAL C 214 -11.46 9.02 30.32
C VAL C 214 -10.14 9.22 31.09
N VAL C 215 -9.07 9.56 30.37
CA VAL C 215 -7.72 9.51 30.97
C VAL C 215 -7.28 10.83 31.58
N ILE C 216 -8.02 11.91 31.36
CA ILE C 216 -7.74 13.17 32.05
C ILE C 216 -9.01 13.74 32.65
N LYS C 217 -8.84 14.48 33.74
CA LYS C 217 -9.94 15.04 34.54
C LYS C 217 -10.75 16.19 33.92
N PRO C 218 -10.08 17.19 33.31
CA PRO C 218 -10.84 18.37 32.86
C PRO C 218 -11.78 18.13 31.67
N LYS C 219 -12.80 18.99 31.54
CA LYS C 219 -13.69 18.98 30.37
C LYS C 219 -14.13 17.55 29.95
N GLN C 220 -14.46 16.72 30.92
CA GLN C 220 -15.00 15.37 30.69
C GLN C 220 -14.13 14.55 29.76
N GLY C 221 -12.81 14.74 29.85
CA GLY C 221 -11.85 13.93 29.10
C GLY C 221 -11.34 14.59 27.82
N PHE C 222 -11.97 15.70 27.45
CA PHE C 222 -11.72 16.37 26.17
C PHE C 222 -10.47 17.22 26.26
N GLY C 223 -9.52 16.96 25.37
CA GLY C 223 -8.21 17.59 25.44
C GLY C 223 -7.45 17.61 24.13
N GLY C 224 -6.36 18.38 24.10
CA GLY C 224 -5.56 18.62 22.92
C GLY C 224 -4.53 17.53 22.67
N LEU C 225 -4.46 17.07 21.43
CA LEU C 225 -3.52 16.02 21.00
C LEU C 225 -2.26 16.58 20.38
N GLY C 226 -1.12 16.05 20.80
CA GLY C 226 0.13 16.24 20.10
C GLY C 226 0.89 14.93 19.99
N GLY C 227 2.11 15.03 19.47
CA GLY C 227 2.97 13.86 19.22
C GLY C 227 2.72 13.30 17.83
N LYS C 228 2.80 11.98 17.73
CA LYS C 228 2.72 11.29 16.44
C LYS C 228 1.37 11.47 15.75
N TYR C 229 0.34 11.72 16.55
CA TYR C 229 -0.99 12.01 16.02
C TYR C 229 -1.01 13.15 15.01
N VAL C 230 -0.21 14.19 15.28
CA VAL C 230 -0.38 15.47 14.61
C VAL C 230 0.56 15.76 13.43
N LEU C 231 1.54 14.88 13.17
CA LEU C 231 2.56 15.22 12.17
C LEU C 231 2.03 15.61 10.76
N PRO C 232 1.18 14.76 10.13
CA PRO C 232 0.67 15.15 8.81
C PRO C 232 -0.16 16.42 8.79
N THR C 233 -0.93 16.64 9.84
CA THR C 233 -1.69 17.90 10.01
C THR C 233 -0.75 19.12 10.14
N ALA C 234 0.25 19.02 11.00
CA ALA C 234 1.23 20.08 11.16
C ALA C 234 1.93 20.40 9.84
N LEU C 235 2.36 19.37 9.12
CA LEU C 235 3.04 19.53 7.84
C LEU C 235 2.15 20.19 6.78
N ALA C 236 0.87 19.83 6.75
CA ALA C 236 -0.09 20.43 5.82
C ALA C 236 -0.27 21.93 6.10
N ASN C 237 -0.44 22.26 7.37
CA ASN C 237 -0.56 23.65 7.81
C ASN C 237 0.69 24.48 7.57
N VAL C 238 1.87 23.94 7.88
CA VAL C 238 3.13 24.61 7.55
C VAL C 238 3.22 24.93 6.05
N ASN C 239 2.93 23.95 5.23
CA ASN C 239 3.03 24.15 3.80
C ASN C 239 1.94 25.07 3.23
N ALA C 240 0.73 24.98 3.75
CA ALA C 240 -0.39 25.76 3.22
C ALA C 240 -0.15 27.24 3.47
N PHE C 241 0.32 27.58 4.66
CA PHE C 241 0.64 28.97 4.99
C PHE C 241 1.93 29.44 4.37
N PHE C 242 2.86 28.51 4.17
CA PHE C 242 4.10 28.82 3.50
C PHE C 242 3.79 29.30 2.08
N ARG C 243 2.92 28.57 1.39
CA ARG C 243 2.53 28.91 0.02
C ARG C 243 1.71 30.20 -0.09
N ARG C 244 0.94 30.50 0.95
CA ARG C 244 -0.06 31.55 0.92
C ARG C 244 0.41 32.89 1.47
N CYS C 245 1.42 32.85 2.33
CA CYS C 245 1.87 34.03 3.04
C CYS C 245 3.32 34.30 2.67
N PRO C 246 3.55 34.93 1.49
CA PRO C 246 4.92 35.10 0.98
C PRO C 246 5.83 36.02 1.78
N ASP C 247 5.27 36.98 2.51
CA ASP C 247 6.08 37.91 3.28
C ASP C 247 6.11 37.60 4.79
N LYS C 248 5.87 36.34 5.14
CA LYS C 248 5.97 35.88 6.52
C LYS C 248 6.77 34.59 6.59
N LEU C 249 7.29 34.29 7.78
CA LEU C 249 7.96 33.02 8.04
C LEU C 249 6.92 32.10 8.67
N VAL C 250 7.16 30.80 8.54
CA VAL C 250 6.32 29.81 9.16
C VAL C 250 7.19 28.98 10.08
N PHE C 251 6.75 28.80 11.31
CA PHE C 251 7.46 27.93 12.25
C PHE C 251 6.63 26.65 12.28
N GLY C 252 7.31 25.50 12.24
CA GLY C 252 6.67 24.21 12.33
C GLY C 252 6.60 23.73 13.77
N CYS C 253 5.49 23.09 14.15
CA CYS C 253 5.32 22.51 15.47
C CYS C 253 4.33 21.37 15.38
N GLY C 254 4.73 20.19 15.84
CA GLY C 254 3.83 19.04 15.87
C GLY C 254 4.51 17.78 15.37
N GLY C 255 4.61 16.78 16.23
CA GLY C 255 5.06 15.46 15.83
C GLY C 255 6.54 15.26 15.61
N VAL C 256 7.34 16.19 16.11
CA VAL C 256 8.80 16.07 15.96
C VAL C 256 9.45 15.25 17.11
N TYR C 257 10.04 14.10 16.73
CA TYR C 257 10.76 13.23 17.65
C TYR C 257 12.19 12.93 17.16
N SER C 258 12.56 13.45 16.01
CA SER C 258 13.81 13.08 15.37
C SER C 258 14.22 14.14 14.38
N GLY C 259 15.47 14.03 13.92
CA GLY C 259 15.97 14.87 12.84
C GLY C 259 15.18 14.74 11.55
N GLU C 260 14.72 13.52 11.23
CA GLU C 260 13.99 13.33 9.97
C GLU C 260 12.61 14.00 9.93
N GLU C 261 11.95 14.02 11.08
CA GLU C 261 10.68 14.74 11.20
C GLU C 261 10.88 16.26 11.14
N ALA C 262 11.98 16.73 11.73
CA ALA C 262 12.38 18.12 11.58
C ALA C 262 12.66 18.47 10.14
N PHE C 263 13.42 17.60 9.48
CA PHE C 263 13.74 17.71 8.07
C PHE C 263 12.45 17.84 7.24
N LEU C 264 11.41 17.06 7.57
CA LEU C 264 10.14 17.14 6.86
C LEU C 264 9.42 18.47 7.07
N HIS C 265 9.44 18.97 8.30
CA HIS C 265 8.92 20.32 8.58
C HIS C 265 9.63 21.41 7.77
N ILE C 266 10.96 21.31 7.64
CA ILE C 266 11.72 22.34 6.95
C ILE C 266 11.42 22.29 5.45
N LEU C 267 11.40 21.08 4.91
CA LEU C 267 10.93 20.82 3.55
C LEU C 267 9.59 21.47 3.23
N ALA C 268 8.65 21.38 4.18
CA ALA C 268 7.30 21.92 4.01
C ALA C 268 7.28 23.45 4.10
N GLY C 269 8.30 24.05 4.72
CA GLY C 269 8.48 25.50 4.76
C GLY C 269 9.01 26.08 6.05
N ALA C 270 9.24 25.24 7.06
CA ALA C 270 9.54 25.71 8.41
C ALA C 270 10.88 26.41 8.52
N SER C 271 10.86 27.60 9.10
CA SER C 271 12.09 28.31 9.49
C SER C 271 12.64 27.83 10.84
N MET C 272 11.79 27.87 11.87
CA MET C 272 12.09 27.24 13.16
C MET C 272 11.20 26.01 13.34
N VAL C 273 11.70 25.06 14.15
CA VAL C 273 11.01 23.81 14.48
C VAL C 273 10.91 23.64 15.99
N GLN C 274 9.66 23.50 16.46
CA GLN C 274 9.38 23.40 17.88
C GLN C 274 9.03 21.98 18.24
N VAL C 275 9.38 21.63 19.49
CA VAL C 275 9.30 20.28 20.00
C VAL C 275 8.58 20.30 21.36
N GLY C 276 7.40 19.68 21.39
CA GLY C 276 6.57 19.57 22.58
C GLY C 276 6.60 18.22 23.26
N THR C 277 5.76 17.31 22.81
CA THR C 277 5.59 16.01 23.46
C THR C 277 6.89 15.25 23.68
N ALA C 278 7.74 15.21 22.65
CA ALA C 278 8.99 14.47 22.71
C ALA C 278 9.93 15.05 23.77
N LEU C 279 9.92 16.38 23.92
CA LEU C 279 10.68 17.04 24.96
C LEU C 279 10.21 16.66 26.38
N HIS C 280 8.91 16.58 26.57
CA HIS C 280 8.36 16.02 27.79
C HIS C 280 8.90 14.60 28.08
N ASP C 281 8.96 13.76 27.05
CA ASP C 281 9.37 12.36 27.18
C ASP C 281 10.84 12.18 27.48
N GLU C 282 11.68 13.05 26.92
CA GLU C 282 13.11 12.84 26.89
C GLU C 282 13.94 13.82 27.73
N GLY C 283 13.41 15.00 27.99
CA GLY C 283 14.17 16.10 28.58
C GLY C 283 14.97 16.90 27.57
N PRO C 284 15.61 18.00 28.03
CA PRO C 284 16.33 18.92 27.15
C PRO C 284 17.56 18.34 26.41
N ILE C 285 18.04 17.18 26.82
CA ILE C 285 19.09 16.49 26.08
C ILE C 285 18.63 16.18 24.66
N ILE C 286 17.32 16.05 24.44
CA ILE C 286 16.79 15.82 23.08
C ILE C 286 17.35 16.83 22.04
N PHE C 287 17.64 18.07 22.45
CA PHE C 287 18.11 19.07 21.46
C PHE C 287 19.49 18.79 20.88
N ALA C 288 20.37 18.17 21.67
CA ALA C 288 21.66 17.71 21.17
C ALA C 288 21.43 16.63 20.10
N ARG C 289 20.66 15.62 20.45
CA ARG C 289 20.30 14.54 19.51
C ARG C 289 19.68 15.05 18.18
N LEU C 290 18.79 16.03 18.28
CA LEU C 290 18.12 16.59 17.13
C LEU C 290 19.06 17.30 16.18
N ASN C 291 20.00 18.08 16.74
CA ASN C 291 21.01 18.76 15.93
C ASN C 291 21.85 17.78 15.12
N LYS C 292 22.36 16.78 15.83
CA LYS C 292 23.16 15.68 15.28
C LYS C 292 22.37 14.94 14.17
N GLU C 293 21.14 14.55 14.47
CA GLU C 293 20.31 13.84 13.51
C GLU C 293 19.97 14.65 12.25
N LEU C 294 19.59 15.92 12.41
CA LEU C 294 19.28 16.76 11.26
C LEU C 294 20.53 17.01 10.41
N GLN C 295 21.67 17.24 11.06
CA GLN C 295 22.93 17.41 10.33
C GLN C 295 23.28 16.16 9.52
N GLU C 296 23.06 14.98 10.10
CA GLU C 296 23.42 13.72 9.45
C GLU C 296 22.60 13.49 8.17
N ILE C 297 21.29 13.74 8.27
CA ILE C 297 20.39 13.64 7.12
C ILE C 297 20.78 14.63 6.03
N MET C 298 21.11 15.85 6.44
CA MET C 298 21.62 16.83 5.50
C MET C 298 22.88 16.34 4.82
N THR C 299 23.80 15.79 5.61
CA THR C 299 25.04 15.21 5.08
C THR C 299 24.78 14.10 4.07
N ASN C 300 23.91 13.16 4.44
CA ASN C 300 23.56 12.03 3.55
C ASN C 300 22.96 12.49 2.23
N LYS C 301 22.23 13.61 2.26
CA LYS C 301 21.60 14.14 1.05
C LYS C 301 22.43 15.18 0.30
N GLY C 302 23.56 15.58 0.87
CA GLY C 302 24.41 16.61 0.27
C GLY C 302 23.93 18.03 0.44
N TYR C 303 23.18 18.28 1.52
CA TYR C 303 22.77 19.63 1.85
C TYR C 303 23.76 20.26 2.82
N LYS C 304 24.12 21.51 2.60
CA LYS C 304 25.03 22.24 3.50
C LYS C 304 24.35 23.22 4.44
N THR C 305 23.18 23.71 4.05
CA THR C 305 22.44 24.73 4.78
C THR C 305 20.94 24.45 4.72
N LEU C 306 20.18 25.03 5.64
CA LEU C 306 18.74 24.76 5.70
C LEU C 306 18.01 25.41 4.53
N ASP C 307 18.50 26.56 4.08
CA ASP C 307 17.93 27.31 2.95
CA ASP C 307 17.86 27.25 2.97
C ASP C 307 18.07 26.57 1.61
N GLU C 308 18.96 25.59 1.54
CA GLU C 308 19.07 24.77 0.33
C GLU C 308 17.83 23.87 0.15
N PHE C 309 17.12 23.54 1.23
CA PHE C 309 15.93 22.68 1.14
C PHE C 309 14.64 23.20 1.76
N ARG C 310 14.68 24.32 2.47
CA ARG C 310 13.48 24.84 3.08
CA ARG C 310 13.47 24.86 3.07
C ARG C 310 12.42 25.14 2.01
N GLY C 311 11.23 24.54 2.18
CA GLY C 311 10.11 24.79 1.28
C GLY C 311 10.23 24.08 -0.05
N ARG C 312 11.20 23.15 -0.15
CA ARG C 312 11.49 22.40 -1.37
C ARG C 312 10.86 21.01 -1.45
N VAL C 313 9.86 20.72 -0.61
CA VAL C 313 9.00 19.54 -0.82
C VAL C 313 8.60 19.44 -2.30
N LYS C 314 8.76 18.26 -2.88
CA LYS C 314 8.40 18.00 -4.26
C LYS C 314 6.98 17.48 -4.30
N THR C 315 6.23 17.91 -5.31
CA THR C 315 4.89 17.42 -5.55
C THR C 315 4.88 16.72 -6.90
N MET C 316 3.76 16.07 -7.22
CA MET C 316 3.65 15.32 -8.48
C MET C 316 2.75 16.01 -9.52
N ASP C 317 2.36 17.27 -9.32
CA ASP C 317 1.52 17.96 -10.33
C ASP C 317 2.24 18.17 -11.67
N SER D 6 -26.72 -10.70 21.51
CA SER D 6 -25.54 -10.25 22.32
C SER D 6 -24.86 -9.04 21.67
N LEU D 7 -24.45 -9.17 20.42
CA LEU D 7 -23.93 -8.02 19.63
C LEU D 7 -25.00 -7.33 18.79
N LYS D 8 -26.25 -7.79 18.89
CA LYS D 8 -27.32 -7.30 18.03
C LYS D 8 -27.66 -5.82 18.24
N VAL D 9 -28.11 -5.19 17.15
CA VAL D 9 -28.56 -3.81 17.16
C VAL D 9 -29.94 -3.74 16.50
N ASN D 10 -30.90 -3.15 17.20
CA ASN D 10 -32.24 -2.96 16.64
C ASN D 10 -32.56 -1.48 16.51
N ILE D 11 -32.22 -0.91 15.35
CA ILE D 11 -32.43 0.51 15.08
C ILE D 11 -32.97 0.68 13.67
N LEU D 12 -33.58 1.84 13.42
CA LEU D 12 -33.98 2.26 12.07
C LEU D 12 -34.91 1.25 11.37
N GLY D 13 -35.75 0.55 12.13
CA GLY D 13 -36.63 -0.48 11.58
C GLY D 13 -35.94 -1.77 11.13
N HIS D 14 -34.69 -1.98 11.54
CA HIS D 14 -33.93 -3.14 11.09
C HIS D 14 -33.30 -3.89 12.24
N GLU D 15 -32.94 -5.15 12.02
CA GLU D 15 -32.12 -5.86 12.99
C GLU D 15 -30.80 -6.19 12.35
N PHE D 16 -29.73 -5.89 13.10
CA PHE D 16 -28.36 -6.09 12.65
C PHE D 16 -27.76 -7.15 13.57
N SER D 17 -27.03 -8.11 13.00
CA SER D 17 -26.44 -9.20 13.77
C SER D 17 -25.30 -8.71 14.68
N ASN D 18 -24.65 -7.62 14.29
CA ASN D 18 -23.57 -7.04 15.07
C ASN D 18 -23.43 -5.58 14.63
N PRO D 19 -22.67 -4.76 15.38
CA PRO D 19 -22.63 -3.33 15.04
C PRO D 19 -21.72 -2.95 13.86
N PHE D 20 -20.98 -3.91 13.32
CA PHE D 20 -19.91 -3.60 12.40
C PHE D 20 -20.36 -3.48 10.94
N MET D 21 -19.73 -2.56 10.24
CA MET D 21 -19.89 -2.41 8.79
C MET D 21 -18.64 -1.74 8.23
N ASN D 22 -18.49 -1.73 6.91
CA ASN D 22 -17.43 -0.92 6.33
C ASN D 22 -17.74 0.56 6.49
N ALA D 23 -16.66 1.33 6.43
CA ALA D 23 -16.72 2.76 6.23
C ALA D 23 -17.05 3.05 4.74
N ALA D 24 -17.89 4.03 4.46
CA ALA D 24 -18.14 4.37 3.04
C ALA D 24 -16.84 4.66 2.35
N GLY D 25 -16.68 4.12 1.14
CA GLY D 25 -15.46 4.27 0.40
C GLY D 25 -14.54 3.05 0.42
N VAL D 26 -14.60 2.24 1.46
CA VAL D 26 -13.72 1.07 1.53
C VAL D 26 -14.50 -0.20 1.18
N LEU D 27 -13.95 -0.94 0.22
CA LEU D 27 -14.53 -2.20 -0.24
C LEU D 27 -16.00 -2.09 -0.52
N CYS D 28 -16.37 -1.14 -1.37
CA CYS D 28 -17.77 -0.94 -1.67
C CYS D 28 -18.02 -0.20 -2.99
N THR D 29 -17.07 -0.27 -3.92
CA THR D 29 -17.24 0.44 -5.20
C THR D 29 -17.89 -0.43 -6.29
N THR D 30 -17.47 -1.69 -6.37
CA THR D 30 -17.92 -2.60 -7.44
C THR D 30 -18.92 -3.61 -6.90
N GLU D 31 -19.59 -4.30 -7.82
CA GLU D 31 -20.43 -5.41 -7.41
C GLU D 31 -19.64 -6.46 -6.61
N GLU D 32 -18.43 -6.78 -7.06
CA GLU D 32 -17.61 -7.75 -6.33
C GLU D 32 -17.23 -7.29 -4.93
N ASP D 33 -16.97 -6.00 -4.77
CA ASP D 33 -16.69 -5.42 -3.45
C ASP D 33 -17.87 -5.63 -2.53
N LEU D 34 -19.04 -5.29 -3.02
CA LEU D 34 -20.27 -5.39 -2.24
C LEU D 34 -20.63 -6.85 -1.95
N ARG D 35 -20.47 -7.73 -2.94
CA ARG D 35 -20.62 -9.17 -2.69
C ARG D 35 -19.73 -9.62 -1.53
N ARG D 36 -18.47 -9.23 -1.57
CA ARG D 36 -17.53 -9.65 -0.54
C ARG D 36 -17.91 -9.02 0.82
N MET D 37 -18.37 -7.77 0.81
CA MET D 37 -18.88 -7.18 2.05
C MET D 37 -20.09 -7.95 2.58
N THR D 38 -20.97 -8.39 1.69
CA THR D 38 -22.19 -9.10 2.09
C THR D 38 -21.87 -10.49 2.65
N GLU D 39 -20.93 -11.18 2.01
CA GLU D 39 -20.45 -12.48 2.43
C GLU D 39 -19.66 -12.46 3.74
N SER D 40 -19.07 -11.31 4.08
CA SER D 40 -18.33 -11.15 5.34
C SER D 40 -19.21 -11.30 6.57
N GLU D 41 -18.59 -11.25 7.74
CA GLU D 41 -19.32 -11.34 9.00
C GLU D 41 -19.90 -10.02 9.52
N SER D 42 -19.75 -8.93 8.75
CA SER D 42 -20.25 -7.62 9.17
C SER D 42 -21.76 -7.64 9.40
N GLY D 43 -22.22 -6.83 10.33
CA GLY D 43 -23.63 -6.60 10.55
C GLY D 43 -24.31 -5.87 9.41
N SER D 44 -23.55 -5.03 8.70
CA SER D 44 -24.10 -4.30 7.56
C SER D 44 -23.01 -3.88 6.57
N LEU D 45 -23.40 -3.06 5.60
CA LEU D 45 -22.48 -2.51 4.62
C LEU D 45 -23.10 -1.27 4.00
N ILE D 46 -22.25 -0.47 3.38
CA ILE D 46 -22.65 0.79 2.75
C ILE D 46 -21.90 0.95 1.42
N GLY D 47 -22.59 1.42 0.39
CA GLY D 47 -21.96 1.65 -0.90
C GLY D 47 -21.03 2.85 -0.90
N LYS D 48 -20.08 2.84 -1.84
CA LYS D 48 -19.22 4.00 -2.13
C LYS D 48 -20.07 5.23 -2.36
N SER D 49 -19.66 6.36 -1.79
CA SER D 49 -20.29 7.65 -2.06
C SER D 49 -20.40 7.86 -3.57
N CYS D 50 -21.64 8.00 -4.04
CA CYS D 50 -21.85 8.02 -5.48
C CYS D 50 -22.33 9.39 -5.99
N THR D 51 -22.17 9.57 -7.29
CA THR D 51 -22.55 10.79 -7.97
C THR D 51 -23.54 10.39 -9.07
N LEU D 52 -24.23 11.36 -9.65
CA LEU D 52 -25.27 11.03 -10.63
C LEU D 52 -24.68 10.21 -11.80
N ALA D 53 -23.56 10.69 -12.34
CA ALA D 53 -22.81 10.03 -13.39
C ALA D 53 -21.58 9.32 -12.85
N PRO D 54 -21.09 8.30 -13.57
CA PRO D 54 -19.79 7.72 -13.21
C PRO D 54 -18.67 8.76 -13.05
N ARG D 55 -17.76 8.53 -12.11
CA ARG D 55 -16.62 9.44 -11.87
C ARG D 55 -15.34 8.62 -11.90
N THR D 56 -14.35 9.12 -12.62
CA THR D 56 -13.01 8.52 -12.62
C THR D 56 -12.25 8.93 -11.35
N GLY D 57 -12.48 10.15 -10.85
CA GLY D 57 -11.85 10.61 -9.60
C GLY D 57 -10.47 11.21 -9.83
N ASN D 58 -9.65 11.26 -8.79
CA ASN D 58 -8.39 11.98 -8.84
C ASN D 58 -7.26 11.13 -9.44
N PRO D 59 -6.20 11.77 -9.96
CA PRO D 59 -5.03 11.04 -10.45
C PRO D 59 -4.24 10.24 -9.37
N GLU D 60 -3.56 9.17 -9.81
CA GLU D 60 -2.84 8.29 -8.89
C GLU D 60 -1.36 8.70 -8.72
N PRO D 61 -0.74 8.32 -7.58
CA PRO D 61 -1.33 7.58 -6.45
C PRO D 61 -2.27 8.50 -5.67
N ARG D 62 -3.37 7.95 -5.20
CA ARG D 62 -4.36 8.70 -4.43
C ARG D 62 -4.79 8.05 -3.11
N TYR D 63 -4.26 6.86 -2.86
CA TYR D 63 -4.31 6.25 -1.55
C TYR D 63 -2.88 5.92 -1.15
N PHE D 64 -2.55 6.15 0.10
CA PHE D 64 -1.25 5.73 0.62
C PHE D 64 -1.40 5.22 2.04
N GLY D 65 -1.07 3.93 2.21
CA GLY D 65 -1.17 3.26 3.49
C GLY D 65 0.04 3.61 4.32
N LEU D 66 -0.21 3.83 5.61
CA LEU D 66 0.79 4.34 6.55
C LEU D 66 0.90 3.47 7.80
N PRO D 67 2.09 3.42 8.42
CA PRO D 67 2.21 2.69 9.69
C PRO D 67 1.10 3.04 10.68
N LEU D 68 0.73 4.32 10.77
CA LEU D 68 -0.32 4.77 11.69
C LEU D 68 -1.67 5.02 11.02
N GLY D 69 -1.82 4.61 9.75
CA GLY D 69 -3.13 4.61 9.13
C GLY D 69 -3.18 4.72 7.62
N SER D 70 -3.72 5.84 7.14
CA SER D 70 -3.88 6.13 5.71
C SER D 70 -4.03 7.62 5.43
N ILE D 71 -3.60 8.01 4.23
CA ILE D 71 -3.92 9.31 3.66
C ILE D 71 -4.59 9.03 2.30
N ASN D 72 -5.69 9.70 2.01
CA ASN D 72 -6.33 9.49 0.72
C ASN D 72 -6.86 10.75 0.09
N SER D 73 -6.88 10.73 -1.23
CA SER D 73 -7.56 11.74 -2.00
C SER D 73 -8.18 11.10 -3.25
N MET D 74 -9.11 10.18 -3.06
CA MET D 74 -9.63 9.38 -4.18
C MET D 74 -10.42 10.26 -5.16
N GLY D 75 -11.20 11.21 -4.61
CA GLY D 75 -11.94 12.17 -5.41
C GLY D 75 -13.23 11.57 -5.93
N LEU D 76 -13.83 10.73 -5.08
CA LEU D 76 -15.14 10.12 -5.32
C LEU D 76 -15.21 9.28 -6.61
N PRO D 77 -14.22 8.41 -6.85
CA PRO D 77 -14.40 7.54 -8.01
C PRO D 77 -15.55 6.59 -7.76
N ASN D 78 -16.50 6.48 -8.68
CA ASN D 78 -17.65 5.58 -8.48
C ASN D 78 -18.35 5.22 -9.79
N LEU D 79 -19.16 4.16 -9.74
CA LEU D 79 -19.83 3.60 -10.94
C LEU D 79 -21.11 4.35 -11.31
N GLY D 80 -21.43 5.40 -10.56
CA GLY D 80 -22.59 6.22 -10.87
C GLY D 80 -23.81 5.73 -10.15
N VAL D 81 -24.74 6.62 -9.86
CA VAL D 81 -25.88 6.30 -9.02
C VAL D 81 -26.73 5.12 -9.53
N ASP D 82 -26.89 5.00 -10.85
CA ASP D 82 -27.69 3.89 -11.42
C ASP D 82 -27.19 2.52 -10.95
N PHE D 83 -25.87 2.35 -10.88
CA PHE D 83 -25.32 1.08 -10.43
C PHE D 83 -25.71 0.75 -8.99
N TYR D 84 -25.51 1.70 -8.07
CA TYR D 84 -25.71 1.46 -6.63
C TYR D 84 -27.19 1.21 -6.31
N LEU D 85 -28.07 1.96 -6.97
CA LEU D 85 -29.52 1.76 -6.89
C LEU D 85 -29.93 0.39 -7.44
N SER D 86 -29.37 -0.01 -8.57
CA SER D 86 -29.64 -1.35 -9.12
C SER D 86 -29.15 -2.47 -8.20
N TYR D 87 -27.94 -2.30 -7.64
CA TYR D 87 -27.46 -3.22 -6.61
C TYR D 87 -28.47 -3.32 -5.44
N ALA D 88 -28.97 -2.15 -4.99
CA ALA D 88 -29.93 -2.06 -3.89
C ALA D 88 -31.29 -2.69 -4.20
N ALA D 89 -31.78 -2.49 -5.42
CA ALA D 89 -33.13 -2.95 -5.79
C ALA D 89 -33.15 -4.41 -6.20
N GLN D 90 -32.07 -4.89 -6.80
CA GLN D 90 -32.08 -6.13 -7.55
C GLN D 90 -31.05 -7.17 -7.16
N THR D 91 -29.93 -6.76 -6.57
CA THR D 91 -28.81 -7.69 -6.36
C THR D 91 -28.63 -8.07 -4.90
N HIS D 92 -28.66 -7.09 -4.01
CA HIS D 92 -28.30 -7.33 -2.61
C HIS D 92 -29.25 -8.29 -1.87
N ASP D 93 -28.65 -9.16 -1.07
CA ASP D 93 -29.38 -10.16 -0.33
C ASP D 93 -29.70 -9.62 1.05
N TYR D 94 -30.91 -9.07 1.18
CA TYR D 94 -31.36 -8.51 2.44
C TYR D 94 -31.61 -9.55 3.54
N SER D 95 -31.60 -10.85 3.18
CA SER D 95 -31.64 -11.95 4.16
C SER D 95 -30.30 -12.08 4.91
N ARG D 96 -29.21 -11.58 4.33
CA ARG D 96 -27.91 -11.58 4.98
C ARG D 96 -27.76 -10.41 5.94
N LYS D 97 -27.93 -9.20 5.42
CA LYS D 97 -27.77 -8.00 6.22
C LYS D 97 -28.44 -6.81 5.53
N PRO D 98 -28.85 -5.79 6.32
CA PRO D 98 -29.34 -4.55 5.72
C PRO D 98 -28.26 -3.81 4.92
N LEU D 99 -28.70 -2.93 4.01
CA LEU D 99 -27.79 -2.20 3.13
C LEU D 99 -28.01 -0.71 3.28
N PHE D 100 -26.89 0.03 3.42
CA PHE D 100 -26.86 1.49 3.31
C PHE D 100 -26.27 1.87 1.95
N LEU D 101 -26.74 2.98 1.38
CA LEU D 101 -26.05 3.65 0.29
C LEU D 101 -25.61 5.05 0.72
N SER D 102 -24.35 5.39 0.45
CA SER D 102 -23.85 6.76 0.62
C SER D 102 -24.00 7.53 -0.68
N MET D 103 -24.61 8.71 -0.60
CA MET D 103 -24.71 9.62 -1.74
C MET D 103 -23.93 10.91 -1.48
N SER D 104 -23.04 11.25 -2.41
CA SER D 104 -22.27 12.51 -2.32
C SER D 104 -22.37 13.33 -3.59
N GLY D 105 -23.53 13.94 -3.80
CA GLY D 105 -23.69 14.88 -4.92
C GLY D 105 -22.76 16.05 -4.63
N LEU D 106 -22.16 16.61 -5.68
CA LEU D 106 -21.29 17.78 -5.52
C LEU D 106 -22.04 19.09 -5.50
N SER D 107 -23.37 19.02 -5.63
CA SER D 107 -24.26 20.17 -5.41
C SER D 107 -25.53 19.67 -4.76
N VAL D 108 -26.31 20.58 -4.21
CA VAL D 108 -27.61 20.21 -3.66
C VAL D 108 -28.54 19.64 -4.73
N GLU D 109 -28.53 20.25 -5.93
CA GLU D 109 -29.37 19.80 -7.04
C GLU D 109 -29.09 18.34 -7.38
N GLU D 110 -27.82 17.99 -7.44
CA GLU D 110 -27.39 16.62 -7.72
C GLU D 110 -27.82 15.64 -6.62
N SER D 111 -27.62 16.01 -5.35
CA SER D 111 -28.05 15.17 -4.24
C SER D 111 -29.57 14.97 -4.24
N VAL D 112 -30.29 16.04 -4.50
CA VAL D 112 -31.75 15.97 -4.61
C VAL D 112 -32.19 14.98 -5.70
N GLU D 113 -31.55 15.05 -6.87
CA GLU D 113 -31.86 14.15 -7.97
C GLU D 113 -31.59 12.70 -7.60
N MET D 114 -30.45 12.46 -6.96
CA MET D 114 -30.08 11.14 -6.50
C MET D 114 -31.06 10.59 -5.44
N VAL D 115 -31.32 11.34 -4.38
CA VAL D 115 -32.21 10.85 -3.34
C VAL D 115 -33.62 10.59 -3.82
N LYS D 116 -34.07 11.35 -4.83
CA LYS D 116 -35.42 11.15 -5.41
C LYS D 116 -35.58 9.74 -6.00
N LYS D 117 -34.53 9.26 -6.64
CA LYS D 117 -34.50 7.93 -7.25
C LYS D 117 -34.47 6.82 -6.20
N LEU D 118 -33.89 7.12 -5.04
CA LEU D 118 -33.77 6.15 -3.96
C LEU D 118 -35.13 5.87 -3.28
N VAL D 119 -36.02 6.86 -3.25
CA VAL D 119 -37.31 6.74 -2.50
C VAL D 119 -38.06 5.39 -2.71
N PRO D 120 -38.40 5.04 -3.98
CA PRO D 120 -39.10 3.77 -4.23
C PRO D 120 -38.38 2.54 -3.68
N ILE D 121 -37.05 2.56 -3.76
CA ILE D 121 -36.23 1.41 -3.40
C ILE D 121 -36.16 1.24 -1.87
N THR D 122 -36.03 2.35 -1.15
CA THR D 122 -36.12 2.33 0.32
C THR D 122 -37.50 1.81 0.73
N LYS D 123 -38.54 2.38 0.16
CA LYS D 123 -39.92 1.93 0.40
C LYS D 123 -40.09 0.42 0.14
N GLU D 124 -39.54 -0.07 -0.97
CA GLU D 124 -39.68 -1.49 -1.36
C GLU D 124 -38.75 -2.45 -0.59
N LYS D 125 -37.47 -2.08 -0.44
CA LYS D 125 -36.43 -2.97 0.12
C LYS D 125 -35.83 -2.53 1.49
N GLY D 126 -36.07 -1.29 1.90
CA GLY D 126 -35.56 -0.79 3.18
C GLY D 126 -34.12 -0.30 3.14
N THR D 127 -33.63 -0.02 1.94
CA THR D 127 -32.29 0.52 1.74
C THR D 127 -32.15 1.84 2.53
N ILE D 128 -31.04 1.97 3.25
CA ILE D 128 -30.81 3.12 4.12
C ILE D 128 -29.87 4.16 3.48
N LEU D 129 -30.22 5.44 3.64
CA LEU D 129 -29.42 6.54 3.09
C LEU D 129 -28.47 7.13 4.15
N GLU D 130 -27.19 7.23 3.79
CA GLU D 130 -26.23 8.07 4.52
C GLU D 130 -25.82 9.20 3.55
N LEU D 131 -26.21 10.43 3.88
CA LEU D 131 -25.84 11.60 3.08
C LEU D 131 -24.45 12.10 3.43
N ASN D 132 -23.56 12.19 2.45
CA ASN D 132 -22.18 12.59 2.70
C ASN D 132 -22.04 14.09 2.67
N LEU D 133 -21.81 14.69 3.84
CA LEU D 133 -21.56 16.13 3.91
C LEU D 133 -20.13 16.46 4.32
N SER D 134 -19.16 15.61 3.98
CA SER D 134 -17.80 15.78 4.51
C SER D 134 -16.65 15.29 3.61
N CYS D 135 -16.86 15.21 2.31
CA CYS D 135 -15.79 14.87 1.37
C CYS D 135 -14.68 15.95 1.33
N PRO D 136 -13.45 15.60 1.77
CA PRO D 136 -12.39 16.61 1.80
C PRO D 136 -11.48 16.64 0.57
N ASN D 137 -11.84 15.94 -0.51
CA ASN D 137 -10.90 15.58 -1.59
C ASN D 137 -11.25 16.02 -3.03
N VAL D 138 -12.27 16.85 -3.17
CA VAL D 138 -12.67 17.39 -4.49
C VAL D 138 -12.23 18.86 -4.60
N PRO D 139 -11.22 19.16 -5.44
CA PRO D 139 -10.72 20.54 -5.56
C PRO D 139 -11.83 21.51 -5.91
N GLY D 140 -11.98 22.56 -5.08
CA GLY D 140 -13.01 23.58 -5.27
C GLY D 140 -14.34 23.35 -4.59
N LYS D 141 -14.50 22.20 -3.94
CA LYS D 141 -15.77 21.84 -3.30
C LYS D 141 -15.48 21.44 -1.85
N PRO D 142 -15.50 22.42 -0.92
CA PRO D 142 -15.14 22.16 0.49
C PRO D 142 -16.17 21.35 1.28
N GLN D 143 -15.79 20.93 2.47
CA GLN D 143 -16.63 20.08 3.31
C GLN D 143 -17.90 20.86 3.66
N VAL D 144 -19.04 20.39 3.15
CA VAL D 144 -20.32 21.04 3.35
C VAL D 144 -20.54 21.25 4.86
N GLY D 145 -20.20 20.23 5.63
CA GLY D 145 -20.35 20.24 7.09
C GLY D 145 -19.58 21.32 7.82
N TYR D 146 -18.65 21.99 7.14
CA TYR D 146 -17.92 23.08 7.77
C TYR D 146 -18.57 24.44 7.46
N ASP D 147 -19.66 24.42 6.69
CA ASP D 147 -20.45 25.63 6.48
C ASP D 147 -21.87 25.35 6.92
N PHE D 148 -22.28 25.94 8.04
CA PHE D 148 -23.58 25.58 8.63
C PHE D 148 -24.76 26.13 7.83
N ASP D 149 -24.53 27.17 7.02
CA ASP D 149 -25.57 27.60 6.05
C ASP D 149 -25.75 26.60 4.90
N THR D 150 -24.65 26.12 4.36
CA THR D 150 -24.71 25.13 3.29
C THR D 150 -25.32 23.82 3.79
N THR D 151 -24.94 23.42 5.01
CA THR D 151 -25.41 22.20 5.63
C THR D 151 -26.92 22.23 5.83
N ARG D 152 -27.42 23.35 6.36
CA ARG D 152 -28.86 23.52 6.57
C ARG D 152 -29.64 23.45 5.24
N THR D 153 -29.12 24.06 4.18
CA THR D 153 -29.80 23.96 2.87
C THR D 153 -29.84 22.53 2.33
N TYR D 154 -28.73 21.80 2.45
CA TYR D 154 -28.71 20.39 2.04
C TYR D 154 -29.78 19.58 2.75
N LEU D 155 -29.83 19.73 4.06
CA LEU D 155 -30.76 18.93 4.89
C LEU D 155 -32.22 19.28 4.64
N GLN D 156 -32.49 20.56 4.42
CA GLN D 156 -33.84 21.01 4.06
C GLN D 156 -34.27 20.43 2.70
N LYS D 157 -33.40 20.59 1.70
CA LYS D 157 -33.70 20.14 0.33
C LYS D 157 -33.81 18.62 0.25
N VAL D 158 -32.87 17.89 0.87
CA VAL D 158 -32.95 16.44 0.86
C VAL D 158 -34.11 15.93 1.72
N SER D 159 -34.35 16.56 2.87
CA SER D 159 -35.52 16.21 3.69
C SER D 159 -36.80 16.23 2.85
N GLU D 160 -37.01 17.31 2.11
CA GLU D 160 -38.19 17.42 1.22
C GLU D 160 -38.16 16.41 0.04
N ALA D 161 -37.00 16.28 -0.59
CA ALA D 161 -36.85 15.38 -1.75
C ALA D 161 -37.01 13.92 -1.36
N TYR D 162 -36.42 13.54 -0.23
CA TYR D 162 -36.40 12.15 0.23
C TYR D 162 -37.60 11.81 1.11
N GLY D 163 -37.90 12.67 2.09
CA GLY D 163 -39.10 12.51 2.94
C GLY D 163 -39.15 11.26 3.81
N LEU D 164 -38.00 10.61 3.98
CA LEU D 164 -37.89 9.39 4.77
C LEU D 164 -36.67 9.51 5.68
N PRO D 165 -36.60 8.71 6.75
CA PRO D 165 -35.42 8.64 7.64
C PRO D 165 -34.07 8.44 6.91
N PHE D 166 -33.08 9.28 7.25
CA PHE D 166 -31.72 9.10 6.71
C PHE D 166 -30.65 9.49 7.73
N GLY D 167 -29.40 9.31 7.37
CA GLY D 167 -28.28 9.76 8.19
C GLY D 167 -27.34 10.67 7.45
N VAL D 168 -26.40 11.24 8.20
CA VAL D 168 -25.45 12.22 7.67
CA VAL D 168 -25.46 12.21 7.67
C VAL D 168 -24.04 11.82 8.05
N LYS D 169 -23.11 11.94 7.11
CA LYS D 169 -21.70 11.68 7.37
C LYS D 169 -21.04 13.03 7.64
N MET D 170 -20.62 13.23 8.88
CA MET D 170 -20.11 14.53 9.33
C MET D 170 -18.60 14.59 9.31
N PRO D 171 -18.04 15.79 9.07
CA PRO D 171 -16.59 15.95 9.23
C PRO D 171 -16.30 15.99 10.72
N PRO D 172 -15.05 15.72 11.12
CA PRO D 172 -14.62 15.93 12.49
C PRO D 172 -14.55 17.42 12.81
N TYR D 173 -15.10 17.78 13.97
CA TYR D 173 -15.00 19.11 14.56
C TYR D 173 -13.99 19.09 15.70
N PHE D 174 -13.45 20.27 16.01
CA PHE D 174 -12.38 20.39 16.97
C PHE D 174 -12.60 21.49 18.00
N ASP D 175 -13.81 22.03 18.02
CA ASP D 175 -14.11 23.28 18.70
C ASP D 175 -15.47 23.01 19.34
N ILE D 176 -15.54 23.20 20.65
CA ILE D 176 -16.79 23.03 21.38
C ILE D 176 -17.94 23.83 20.76
N ALA D 177 -17.67 25.07 20.34
CA ALA D 177 -18.71 25.94 19.74
C ALA D 177 -19.22 25.36 18.45
N HIS D 178 -18.37 24.62 17.74
CA HIS D 178 -18.80 23.93 16.54
C HIS D 178 -19.58 22.63 16.82
N PHE D 179 -19.17 21.82 17.81
CA PHE D 179 -20.06 20.72 18.27
C PHE D 179 -21.45 21.33 18.51
N ASP D 180 -21.48 22.45 19.23
CA ASP D 180 -22.74 23.10 19.62
C ASP D 180 -23.58 23.55 18.41
N MET D 181 -22.94 24.23 17.46
CA MET D 181 -23.65 24.71 16.28
C MET D 181 -24.17 23.57 15.41
N ALA D 182 -23.30 22.61 15.12
CA ALA D 182 -23.64 21.49 14.27
C ALA D 182 -24.81 20.70 14.80
N ALA D 183 -24.79 20.42 16.11
CA ALA D 183 -25.86 19.63 16.72
C ALA D 183 -27.18 20.38 16.64
N ALA D 184 -27.18 21.70 16.88
CA ALA D 184 -28.42 22.50 16.73
C ALA D 184 -28.99 22.46 15.30
N VAL D 185 -28.10 22.52 14.31
CA VAL D 185 -28.52 22.43 12.91
C VAL D 185 -29.14 21.05 12.67
N LEU D 186 -28.49 20.00 13.17
CA LEU D 186 -28.97 18.64 12.95
C LEU D 186 -30.29 18.39 13.65
N ASN D 187 -30.45 18.96 14.84
CA ASN D 187 -31.69 18.82 15.62
C ASN D 187 -32.89 19.57 15.02
N ASP D 188 -32.67 20.42 14.02
CA ASP D 188 -33.79 21.04 13.30
C ASP D 188 -34.36 20.16 12.17
N PHE D 189 -33.84 18.93 12.04
CA PHE D 189 -34.25 18.04 10.96
C PHE D 189 -34.59 16.66 11.51
N PRO D 190 -35.89 16.45 11.82
CA PRO D 190 -36.30 15.20 12.45
C PRO D 190 -36.14 13.95 11.59
N LEU D 191 -36.10 14.08 10.26
CA LEU D 191 -35.78 12.94 9.38
C LEU D 191 -34.28 12.51 9.45
N VAL D 192 -33.43 13.37 10.00
CA VAL D 192 -32.05 12.96 10.32
C VAL D 192 -32.09 12.06 11.58
N LYS D 193 -32.09 10.74 11.35
CA LYS D 193 -32.22 9.76 12.43
C LYS D 193 -30.87 9.26 12.95
N PHE D 194 -29.81 9.38 12.15
CA PHE D 194 -28.46 9.00 12.60
C PHE D 194 -27.37 9.97 12.11
N ILE D 195 -26.30 10.07 12.90
CA ILE D 195 -25.17 10.95 12.65
C ILE D 195 -23.93 10.07 12.63
N THR D 196 -23.20 10.02 11.51
CA THR D 196 -21.95 9.28 11.44
C THR D 196 -20.73 10.19 11.65
N CYS D 197 -20.03 9.89 12.74
CA CYS D 197 -18.85 10.64 13.19
C CYS D 197 -17.69 9.68 13.18
N VAL D 198 -16.71 9.84 12.28
CA VAL D 198 -16.47 11.01 11.45
C VAL D 198 -15.84 10.56 10.13
N ASN D 199 -15.92 11.44 9.15
CA ASN D 199 -15.13 11.35 7.91
C ASN D 199 -13.64 11.58 8.22
N SER D 200 -12.77 11.44 7.21
CA SER D 200 -11.35 11.61 7.44
C SER D 200 -11.01 13.02 7.95
N ILE D 201 -9.87 13.12 8.64
CA ILE D 201 -9.35 14.41 9.05
C ILE D 201 -8.78 15.03 7.78
N GLY D 202 -9.45 16.08 7.32
CA GLY D 202 -9.17 16.65 5.99
C GLY D 202 -7.80 17.28 5.85
N ASN D 203 -7.23 17.12 4.66
CA ASN D 203 -6.10 17.93 4.22
C ASN D 203 -4.86 17.91 5.10
N GLY D 204 -4.45 16.70 5.46
CA GLY D 204 -3.11 16.45 5.96
C GLY D 204 -2.13 16.30 4.81
N LEU D 205 -0.86 16.17 5.15
CA LEU D 205 0.21 16.14 4.16
C LEU D 205 1.29 15.22 4.69
N VAL D 206 1.56 14.16 3.95
CA VAL D 206 2.59 13.19 4.30
C VAL D 206 3.68 13.34 3.25
N ILE D 207 4.90 13.48 3.74
CA ILE D 207 6.08 13.61 2.89
C ILE D 207 7.05 12.46 3.20
N ASP D 208 7.63 11.89 2.13
CA ASP D 208 8.61 10.83 2.23
C ASP D 208 10.01 11.44 2.33
N PRO D 209 10.72 11.16 3.44
CA PRO D 209 12.02 11.82 3.64
C PRO D 209 13.09 11.32 2.67
N ALA D 210 12.92 10.10 2.16
CA ALA D 210 13.93 9.51 1.24
C ALA D 210 14.04 10.33 -0.03
N ASN D 211 12.90 10.65 -0.62
CA ASN D 211 12.85 11.34 -1.90
C ASN D 211 12.34 12.78 -1.83
N GLU D 212 12.02 13.22 -0.60
CA GLU D 212 11.60 14.59 -0.35
C GLU D 212 10.33 14.97 -1.11
N THR D 213 9.50 13.96 -1.39
CA THR D 213 8.30 14.09 -2.22
C THR D 213 7.04 13.67 -1.43
N VAL D 214 5.93 14.36 -1.67
CA VAL D 214 4.63 13.99 -1.09
C VAL D 214 4.28 12.59 -1.60
N VAL D 215 3.35 11.92 -0.93
CA VAL D 215 3.06 10.52 -1.22
C VAL D 215 1.80 10.31 -2.06
N ILE D 216 0.90 11.29 -2.11
CA ILE D 216 -0.18 11.26 -3.08
C ILE D 216 -0.11 12.44 -4.04
N LYS D 217 -0.65 12.25 -5.25
CA LYS D 217 -0.57 13.24 -6.34
C LYS D 217 -1.57 14.40 -6.23
N PRO D 218 -2.87 14.11 -5.99
CA PRO D 218 -3.83 15.20 -6.09
C PRO D 218 -3.56 16.28 -5.04
N LYS D 219 -3.86 17.52 -5.40
CA LYS D 219 -3.87 18.63 -4.46
C LYS D 219 -2.55 18.85 -3.73
N GLN D 220 -1.46 18.79 -4.47
CA GLN D 220 -0.13 19.02 -3.94
C GLN D 220 0.22 18.14 -2.72
N GLY D 221 -0.41 16.98 -2.62
CA GLY D 221 -0.12 16.05 -1.56
C GLY D 221 -1.11 16.03 -0.42
N PHE D 222 -2.10 16.93 -0.46
CA PHE D 222 -3.05 17.08 0.65
C PHE D 222 -4.20 16.07 0.54
N GLY D 223 -4.40 15.33 1.62
CA GLY D 223 -5.41 14.27 1.67
C GLY D 223 -5.95 14.04 3.06
N GLY D 224 -7.06 13.32 3.12
CA GLY D 224 -7.71 13.02 4.37
C GLY D 224 -6.99 11.92 5.10
N LEU D 225 -6.93 12.04 6.43
CA LEU D 225 -6.25 11.04 7.26
C LEU D 225 -7.26 10.10 7.92
N GLY D 226 -6.89 8.82 7.96
CA GLY D 226 -7.67 7.79 8.59
C GLY D 226 -6.77 6.87 9.41
N GLY D 227 -7.41 6.00 10.18
CA GLY D 227 -6.74 4.97 10.97
C GLY D 227 -6.35 5.47 12.34
N LYS D 228 -5.15 5.08 12.77
CA LYS D 228 -4.74 5.29 14.16
C LYS D 228 -4.63 6.77 14.51
N TYR D 229 -4.25 7.58 13.51
CA TYR D 229 -4.22 9.04 13.65
C TYR D 229 -5.48 9.62 14.26
N VAL D 230 -6.64 9.05 13.96
CA VAL D 230 -7.91 9.76 14.18
C VAL D 230 -8.78 9.22 15.30
N LEU D 231 -8.33 8.19 16.02
CA LEU D 231 -9.21 7.59 17.05
C LEU D 231 -9.71 8.60 18.12
N PRO D 232 -8.81 9.37 18.77
CA PRO D 232 -9.32 10.33 19.75
C PRO D 232 -10.30 11.41 19.20
N THR D 233 -10.06 11.84 17.98
CA THR D 233 -10.93 12.77 17.33
C THR D 233 -12.29 12.13 17.09
N ALA D 234 -12.29 10.87 16.63
CA ALA D 234 -13.55 10.18 16.34
C ALA D 234 -14.37 9.98 17.60
N LEU D 235 -13.71 9.51 18.67
CA LEU D 235 -14.39 9.25 19.95
C LEU D 235 -15.01 10.51 20.55
N ALA D 236 -14.24 11.59 20.48
CA ALA D 236 -14.69 12.90 20.91
C ALA D 236 -15.94 13.33 20.17
N ASN D 237 -15.91 13.20 18.85
CA ASN D 237 -17.06 13.61 18.06
C ASN D 237 -18.26 12.73 18.33
N VAL D 238 -18.06 11.43 18.39
CA VAL D 238 -19.14 10.49 18.74
C VAL D 238 -19.82 10.94 20.04
N ASN D 239 -19.01 11.16 21.07
CA ASN D 239 -19.53 11.53 22.40
C ASN D 239 -20.19 12.91 22.41
N ALA D 240 -19.59 13.87 21.72
CA ALA D 240 -20.15 15.23 21.63
C ALA D 240 -21.59 15.23 21.09
N PHE D 241 -21.80 14.52 19.98
CA PHE D 241 -23.10 14.47 19.35
C PHE D 241 -24.05 13.53 20.09
N PHE D 242 -23.51 12.49 20.71
CA PHE D 242 -24.32 11.60 21.55
C PHE D 242 -25.03 12.43 22.63
N ARG D 243 -24.27 13.30 23.29
CA ARG D 243 -24.77 14.18 24.37
C ARG D 243 -25.73 15.26 23.85
N ARG D 244 -25.41 15.83 22.69
CA ARG D 244 -26.17 16.96 22.15
C ARG D 244 -27.43 16.56 21.39
N CYS D 245 -27.47 15.31 20.90
CA CYS D 245 -28.58 14.84 20.08
C CYS D 245 -29.22 13.60 20.69
N PRO D 246 -29.92 13.78 21.84
CA PRO D 246 -30.52 12.63 22.54
C PRO D 246 -31.63 11.99 21.73
N ASP D 247 -32.18 12.74 20.78
CA ASP D 247 -33.19 12.25 19.81
C ASP D 247 -32.66 11.32 18.72
N LYS D 248 -31.35 11.33 18.50
CA LYS D 248 -30.78 10.68 17.32
C LYS D 248 -29.88 9.55 17.72
N LEU D 249 -29.44 8.78 16.73
CA LEU D 249 -28.40 7.78 16.95
C LEU D 249 -27.09 8.32 16.39
N VAL D 250 -25.98 7.88 16.97
CA VAL D 250 -24.67 8.23 16.47
C VAL D 250 -23.98 6.95 16.01
N PHE D 251 -23.43 6.98 14.80
CA PHE D 251 -22.56 5.90 14.31
C PHE D 251 -21.14 6.37 14.46
N GLY D 252 -20.26 5.48 14.94
CA GLY D 252 -18.84 5.78 15.08
C GLY D 252 -18.04 5.30 13.89
N CYS D 253 -17.11 6.13 13.43
CA CYS D 253 -16.17 5.79 12.37
C CYS D 253 -14.86 6.51 12.65
N GLY D 254 -13.76 5.75 12.71
CA GLY D 254 -12.45 6.32 12.88
C GLY D 254 -11.57 5.53 13.83
N GLY D 255 -10.48 4.96 13.30
CA GLY D 255 -9.46 4.32 14.13
C GLY D 255 -9.72 2.94 14.68
N VAL D 256 -10.76 2.26 14.17
CA VAL D 256 -11.12 0.92 14.64
C VAL D 256 -10.28 -0.14 13.93
N TYR D 257 -9.39 -0.78 14.72
CA TYR D 257 -8.60 -1.91 14.26
C TYR D 257 -8.92 -3.16 15.06
N SER D 258 -9.78 -3.04 16.06
CA SER D 258 -9.93 -4.12 17.05
C SER D 258 -11.27 -3.97 17.76
N GLY D 259 -11.75 -5.08 18.34
CA GLY D 259 -12.95 -5.04 19.17
C GLY D 259 -12.85 -4.09 20.34
N GLU D 260 -11.64 -3.92 20.88
CA GLU D 260 -11.37 -2.94 21.92
C GLU D 260 -11.69 -1.49 21.51
N GLU D 261 -11.25 -1.10 20.31
CA GLU D 261 -11.54 0.25 19.82
C GLU D 261 -13.02 0.43 19.48
N ALA D 262 -13.65 -0.64 19.00
CA ALA D 262 -15.10 -0.65 18.78
C ALA D 262 -15.87 -0.48 20.10
N PHE D 263 -15.34 -1.06 21.16
CA PHE D 263 -15.91 -0.92 22.49
C PHE D 263 -15.88 0.52 22.96
N LEU D 264 -14.80 1.24 22.68
CA LEU D 264 -14.67 2.66 23.05
C LEU D 264 -15.64 3.55 22.28
N HIS D 265 -15.80 3.27 20.99
CA HIS D 265 -16.81 3.95 20.20
C HIS D 265 -18.20 3.75 20.80
N ILE D 266 -18.52 2.53 21.20
CA ILE D 266 -19.84 2.22 21.70
C ILE D 266 -20.04 2.91 23.04
N LEU D 267 -19.01 2.85 23.88
CA LEU D 267 -18.95 3.50 25.19
C LEU D 267 -19.07 5.02 25.04
N ALA D 268 -18.47 5.56 23.98
CA ALA D 268 -18.60 6.98 23.63
C ALA D 268 -20.02 7.41 23.21
N GLY D 269 -20.81 6.48 22.67
CA GLY D 269 -22.14 6.76 22.14
C GLY D 269 -22.60 5.98 20.89
N ALA D 270 -21.71 5.20 20.28
CA ALA D 270 -21.98 4.58 18.95
C ALA D 270 -23.00 3.43 19.00
N SER D 271 -23.91 3.44 18.03
CA SER D 271 -24.83 2.32 17.76
C SER D 271 -24.20 1.34 16.77
N MET D 272 -23.86 1.82 15.57
CA MET D 272 -23.06 1.06 14.62
C MET D 272 -21.63 1.60 14.65
N VAL D 273 -20.69 0.71 14.26
CA VAL D 273 -19.26 1.00 14.21
C VAL D 273 -18.73 0.69 12.81
N GLN D 274 -18.20 1.71 12.15
CA GLN D 274 -17.67 1.57 10.79
C GLN D 274 -16.15 1.44 10.78
N VAL D 275 -15.65 0.62 9.85
CA VAL D 275 -14.22 0.28 9.74
C VAL D 275 -13.74 0.64 8.33
N GLY D 276 -12.77 1.54 8.26
CA GLY D 276 -12.25 1.96 6.96
C GLY D 276 -10.85 1.45 6.69
N THR D 277 -9.88 2.22 7.15
CA THR D 277 -8.46 1.93 6.94
C THR D 277 -8.09 0.48 7.27
N ALA D 278 -8.55 -0.03 8.41
CA ALA D 278 -8.14 -1.36 8.88
C ALA D 278 -8.64 -2.43 7.91
N LEU D 279 -9.85 -2.24 7.42
CA LEU D 279 -10.43 -3.07 6.36
C LEU D 279 -9.64 -2.95 5.03
N HIS D 280 -9.19 -1.74 4.72
CA HIS D 280 -8.39 -1.55 3.51
C HIS D 280 -7.10 -2.35 3.64
N ASP D 281 -6.53 -2.33 4.84
CA ASP D 281 -5.31 -3.04 5.13
C ASP D 281 -5.53 -4.57 5.07
N GLU D 282 -6.62 -5.05 5.66
CA GLU D 282 -6.75 -6.47 6.04
C GLU D 282 -7.74 -7.29 5.19
N GLY D 283 -8.75 -6.63 4.63
CA GLY D 283 -9.78 -7.30 3.82
C GLY D 283 -10.92 -7.75 4.73
N PRO D 284 -12.03 -8.23 4.12
CA PRO D 284 -13.31 -8.47 4.86
C PRO D 284 -13.26 -9.54 5.98
N ILE D 285 -12.24 -10.38 5.96
CA ILE D 285 -12.02 -11.35 7.04
C ILE D 285 -11.88 -10.67 8.41
N ILE D 286 -11.45 -9.40 8.42
CA ILE D 286 -11.39 -8.60 9.66
C ILE D 286 -12.69 -8.63 10.49
N PHE D 287 -13.84 -8.72 9.82
CA PHE D 287 -15.10 -8.66 10.54
C PHE D 287 -15.34 -9.86 11.46
N ALA D 288 -14.76 -11.01 11.12
CA ALA D 288 -14.90 -12.21 11.94
C ALA D 288 -14.16 -12.00 13.28
N ARG D 289 -12.96 -11.45 13.18
CA ARG D 289 -12.11 -11.07 14.30
C ARG D 289 -12.73 -10.01 15.20
N LEU D 290 -13.34 -8.99 14.58
CA LEU D 290 -13.94 -7.88 15.30
C LEU D 290 -15.11 -8.34 16.17
N ASN D 291 -15.95 -9.22 15.64
CA ASN D 291 -17.04 -9.85 16.42
C ASN D 291 -16.52 -10.63 17.64
N LYS D 292 -15.55 -11.52 17.40
CA LYS D 292 -14.88 -12.27 18.47
C LYS D 292 -14.31 -11.35 19.56
N GLU D 293 -13.60 -10.31 19.12
CA GLU D 293 -12.95 -9.41 20.06
C GLU D 293 -13.94 -8.57 20.88
N LEU D 294 -14.99 -8.05 20.26
CA LEU D 294 -15.97 -7.24 21.00
C LEU D 294 -16.72 -8.10 22.04
N GLN D 295 -17.05 -9.32 21.64
CA GLN D 295 -17.64 -10.34 22.54
C GLN D 295 -16.76 -10.63 23.75
N GLU D 296 -15.47 -10.78 23.49
CA GLU D 296 -14.52 -11.10 24.52
C GLU D 296 -14.46 -10.02 25.60
N ILE D 297 -14.38 -8.74 25.20
CA ILE D 297 -14.32 -7.66 26.18
C ILE D 297 -15.67 -7.35 26.85
N MET D 298 -16.77 -7.67 26.18
CA MET D 298 -18.09 -7.58 26.82
C MET D 298 -18.19 -8.56 27.99
N THR D 299 -17.72 -9.79 27.79
CA THR D 299 -17.75 -10.82 28.86
C THR D 299 -16.74 -10.53 29.99
N ASN D 300 -15.63 -9.86 29.68
CA ASN D 300 -14.73 -9.36 30.71
C ASN D 300 -15.41 -8.38 31.66
N LYS D 301 -16.31 -7.57 31.12
CA LYS D 301 -17.03 -6.58 31.90
C LYS D 301 -18.40 -7.08 32.34
N GLY D 302 -18.74 -8.29 31.90
CA GLY D 302 -20.01 -8.92 32.24
C GLY D 302 -21.20 -8.32 31.52
N TYR D 303 -20.96 -7.58 30.43
CA TYR D 303 -22.04 -6.96 29.67
C TYR D 303 -22.70 -7.97 28.74
N LYS D 304 -24.03 -7.88 28.64
CA LYS D 304 -24.80 -8.85 27.82
C LYS D 304 -25.37 -8.25 26.54
N THR D 305 -25.69 -6.96 26.58
CA THR D 305 -26.12 -6.22 25.41
C THR D 305 -25.24 -4.96 25.24
N LEU D 306 -25.29 -4.41 24.03
CA LEU D 306 -24.60 -3.18 23.73
C LEU D 306 -25.26 -1.99 24.44
N ASP D 307 -26.58 -2.02 24.58
CA ASP D 307 -27.30 -0.91 25.24
C ASP D 307 -26.91 -0.74 26.72
N GLU D 308 -26.39 -1.79 27.34
CA GLU D 308 -25.90 -1.73 28.71
C GLU D 308 -24.74 -0.75 28.94
N PHE D 309 -23.94 -0.49 27.91
CA PHE D 309 -22.83 0.45 28.06
C PHE D 309 -22.75 1.56 27.02
N ARG D 310 -23.71 1.59 26.08
CA ARG D 310 -23.69 2.60 25.03
C ARG D 310 -23.73 4.00 25.65
N GLY D 311 -22.74 4.82 25.32
CA GLY D 311 -22.69 6.18 25.86
C GLY D 311 -22.40 6.28 27.35
N ARG D 312 -21.97 5.18 27.97
CA ARG D 312 -21.75 5.13 29.41
C ARG D 312 -20.27 5.34 29.80
N VAL D 313 -19.49 5.91 28.88
CA VAL D 313 -18.12 6.29 29.19
C VAL D 313 -18.12 7.07 30.51
N LYS D 314 -17.19 6.72 31.41
CA LYS D 314 -17.09 7.38 32.69
C LYS D 314 -16.10 8.54 32.60
N THR D 315 -16.41 9.62 33.30
CA THR D 315 -15.48 10.72 33.45
C THR D 315 -14.77 10.57 34.80
N MET D 316 -13.76 11.42 35.02
CA MET D 316 -13.22 11.71 36.36
C MET D 316 -13.79 13.08 36.78
N ASP D 317 -14.88 13.52 36.14
CA ASP D 317 -15.16 14.96 35.94
C ASP D 317 -16.44 15.49 36.60
BR BR E . 13.26 -6.53 -18.33
BR BR F . 14.19 -19.08 -17.64
BR BR G . 15.18 -4.13 -22.38
BR BR H . 33.97 -16.51 2.22
N1 FMN I . 16.20 -6.66 -5.18
C2 FMN I . 17.49 -6.30 -5.39
O2 FMN I . 18.34 -7.16 -5.62
N3 FMN I . 17.82 -4.96 -5.35
C4 FMN I . 16.90 -3.97 -5.09
O4 FMN I . 17.33 -2.87 -4.74
C4A FMN I . 15.59 -4.34 -4.87
N5 FMN I . 14.61 -3.41 -4.62
C5A FMN I . 13.32 -3.81 -4.37
C6 FMN I . 12.33 -2.86 -4.07
C7 FMN I . 11.02 -3.26 -3.84
C7M FMN I . 10.07 -2.28 -3.19
C8 FMN I . 10.70 -4.63 -3.88
C8M FMN I . 9.49 -5.17 -3.15
C9 FMN I . 11.69 -5.56 -4.16
C9A FMN I . 13.00 -5.18 -4.39
N10 FMN I . 13.97 -6.12 -4.70
C10 FMN I . 15.25 -5.71 -4.92
C1' FMN I . 13.64 -7.58 -4.92
C2' FMN I . 13.67 -8.25 -3.55
O2' FMN I . 14.96 -8.08 -2.99
C3' FMN I . 13.27 -9.72 -3.62
O3' FMN I . 14.19 -10.43 -4.42
C4' FMN I . 11.85 -9.93 -4.18
O4' FMN I . 11.02 -8.87 -3.78
C5' FMN I . 11.20 -11.25 -3.76
O5' FMN I . 11.19 -11.47 -2.36
P FMN I . 9.83 -11.30 -1.53
O1P FMN I . 8.80 -12.27 -2.04
O2P FMN I . 9.33 -9.90 -1.79
O3P FMN I . 10.14 -11.52 -0.08
N1 ORO J . 13.17 -3.85 -7.96
C2 ORO J . 13.28 -5.18 -7.87
O2 ORO J . 12.23 -5.86 -7.70
N3 ORO J . 14.48 -5.77 -7.99
C4 ORO J . 15.60 -5.06 -8.19
O4 ORO J . 16.72 -5.65 -8.30
C5 ORO J . 15.50 -3.66 -8.29
C6 ORO J . 14.24 -3.07 -8.16
C7 ORO J . 14.01 -1.59 -8.33
O71 ORO J . 14.74 -0.73 -7.80
O72 ORO J . 13.05 -1.27 -9.09
C1 GOL K . 14.67 -31.37 -12.11
O1 GOL K . 14.58 -32.34 -13.14
C2 GOL K . 16.13 -30.97 -11.93
O2 GOL K . 16.64 -30.50 -13.15
C3 GOL K . 16.23 -29.86 -10.89
O3 GOL K . 17.43 -29.93 -10.18
C1 GOL L . -0.06 -2.67 6.55
O1 GOL L . -0.52 -3.84 7.19
C2 GOL L . -0.85 -2.37 5.27
O2 GOL L . -0.68 -0.99 4.98
C3 GOL L . -0.36 -3.20 4.09
O3 GOL L . -0.68 -4.56 4.25
BR BR M . 16.54 -29.93 -20.08
BR BR N . -18.80 -3.99 -11.24
N1 FMN O . -1.07 -26.56 -21.70
C2 FMN O . -0.86 -26.98 -22.99
O2 FMN O . -0.57 -26.16 -23.86
N3 FMN O . -0.94 -28.32 -23.30
C4 FMN O . -1.27 -29.27 -22.33
O4 FMN O . -1.69 -30.38 -22.71
C4A FMN O . -1.48 -28.83 -21.03
N5 FMN O . -1.78 -29.73 -20.01
C5A FMN O . -2.03 -29.28 -18.73
C6 FMN O . -2.37 -30.17 -17.72
C7 FMN O . -2.60 -29.72 -16.44
C7M FMN O . -3.24 -30.69 -15.48
C8 FMN O . -2.50 -28.35 -16.14
C8M FMN O . -3.09 -27.73 -14.90
C9 FMN O . -2.17 -27.48 -17.15
C9A FMN O . -1.93 -27.92 -18.45
N10 FMN O . -1.61 -27.02 -19.45
C10 FMN O . -1.37 -27.48 -20.73
C1' FMN O . -1.31 -25.58 -19.14
C2' FMN O . -2.65 -24.85 -19.25
O2' FMN O . -3.15 -24.94 -20.58
C3' FMN O . -2.47 -23.38 -18.87
O3' FMN O . -1.54 -22.78 -19.75
C4' FMN O . -1.97 -23.17 -17.43
O4' FMN O . -2.54 -24.10 -16.54
C5' FMN O . -2.30 -21.75 -16.98
O5' FMN O . -3.69 -21.56 -16.94
P FMN O . -4.53 -21.62 -15.57
O1P FMN O . -4.05 -20.58 -14.58
O2P FMN O . -4.29 -22.99 -14.97
O3P FMN O . -6.01 -21.36 -15.87
N1 ORO P . 1.60 -29.37 -18.60
C2 ORO P . 1.63 -28.04 -18.72
O2 ORO P . 1.51 -27.31 -17.69
N3 ORO P . 1.76 -27.50 -19.95
C4 ORO P . 1.89 -28.26 -21.06
O4 ORO P . 2.02 -27.76 -22.22
C5 ORO P . 1.87 -29.63 -20.92
C6 ORO P . 1.70 -30.18 -19.67
C7 ORO P . 1.77 -31.66 -19.43
O71 ORO P . 1.13 -32.53 -20.07
O72 ORO P . 2.57 -31.95 -18.51
BR BR Q . 19.22 9.61 5.06
BR BR R . 5.96 20.34 30.64
BR BR S . -16.74 26.88 23.98
N1 FMN T . 0.77 25.64 23.07
C2 FMN T . 0.72 27.00 23.32
O2 FMN T . 0.64 27.80 22.40
N3 FMN T . 0.76 27.47 24.62
C4 FMN T . 0.87 26.63 25.69
O4 FMN T . 1.22 27.12 26.77
C4A FMN T . 0.93 25.26 25.46
N5 FMN T . 1.02 24.35 26.50
C5A FMN T . 1.12 22.99 26.26
C6 FMN T . 1.23 22.10 27.33
C7 FMN T . 1.31 20.73 27.12
C7M FMN T . 1.83 19.93 28.28
C8 FMN T . 1.29 20.22 25.81
C8M FMN T . 1.64 18.79 25.50
C9 FMN T . 1.18 21.11 24.73
C9A FMN T . 1.08 22.49 24.96
N10 FMN T . 0.94 23.41 23.90
C10 FMN T . 0.88 24.77 24.14
C1' FMN T . 0.89 22.95 22.48
C2' FMN T . 2.32 22.76 22.03
O2' FMN T . 2.98 24.00 21.99
C3' FMN T . 2.34 22.14 20.64
O3' FMN T . 1.73 23.06 19.76
C4' FMN T . 1.63 20.78 20.54
O4' FMN T . 1.90 19.95 21.66
C5' FMN T . 2.08 20.07 19.27
O5' FMN T . 3.46 19.81 19.30
P FMN T . 4.07 18.35 19.68
O1P FMN T . 3.52 17.30 18.76
O2P FMN T . 3.62 18.00 21.07
O3P FMN T . 5.58 18.39 19.52
N1 ORO U . -2.43 23.29 25.89
C2 ORO U . -2.30 23.21 24.56
O2 ORO U . -2.21 22.08 24.03
N3 ORO U . -2.24 24.36 23.86
C4 ORO U . -2.35 25.59 24.44
O4 ORO U . -2.29 26.66 23.77
C5 ORO U . -2.53 25.68 25.81
C6 ORO U . -2.55 24.48 26.52
C7 ORO U . -2.80 24.48 27.97
O71 ORO U . -2.13 25.17 28.75
O72 ORO U . -3.80 23.79 28.31
C1 GOL V . 1.09 17.38 33.90
O1 GOL V . 1.50 18.42 34.75
C2 GOL V . 2.29 16.88 33.10
O2 GOL V . 3.40 16.77 33.96
C3 GOL V . 2.69 17.84 31.98
O3 GOL V . 4.07 17.69 31.71
BR BR W . -12.12 24.62 -1.47
BR BR X . -36.04 5.33 11.84
N1 FMN Y . -16.10 8.44 3.34
C2 FMN Y . -17.27 8.74 2.72
O2 FMN Y . -18.20 9.23 3.40
N3 FMN Y . -17.43 8.48 1.36
C4 FMN Y . -16.40 7.91 0.61
O4 FMN Y . -16.65 7.42 -0.52
C4A FMN Y . -15.19 7.62 1.25
N5 FMN Y . -14.13 7.07 0.57
C5A FMN Y . -12.97 6.75 1.24
C6 FMN Y . -11.93 6.17 0.54
C7 FMN Y . -10.73 5.85 1.18
C7M FMN Y . -9.80 4.95 0.42
C8 FMN Y . -10.59 6.12 2.57
C8M FMN Y . -9.61 5.32 3.39
C9 FMN Y . -11.64 6.70 3.28
C9A FMN Y . -12.84 7.01 2.62
N10 FMN Y . -13.88 7.61 3.29
C10 FMN Y . -15.06 7.90 2.62
C1' FMN Y . -13.76 8.05 4.72
C2' FMN Y . -14.09 6.82 5.57
O2' FMN Y . -15.43 6.49 5.37
C3' FMN Y . -13.81 7.09 7.05
O3' FMN Y . -14.64 8.15 7.52
C4' FMN Y . -12.33 7.42 7.34
O4' FMN Y . -11.45 6.63 6.55
C5' FMN Y . -12.04 7.25 8.83
O5' FMN Y . -12.28 5.93 9.27
P FMN Y . -11.06 4.89 9.44
O1P FMN Y . -10.08 5.39 10.47
O2P FMN Y . -10.29 4.80 8.13
O3P FMN Y . -11.64 3.59 9.90
N1 ORO Z . -12.35 10.37 0.77
C2 ORO Z . -12.64 10.56 2.06
O2 ORO Z . -11.75 10.40 2.94
N3 ORO Z . -13.90 10.88 2.39
C4 ORO Z . -14.87 11.05 1.47
O4 ORO Z . -16.04 11.36 1.80
C5 ORO Z . -14.56 10.88 0.11
C6 ORO Z . -13.26 10.52 -0.21
C7 ORO Z . -12.84 10.38 -1.64
O71 ORO Z . -13.55 9.79 -2.50
O72 ORO Z . -11.73 10.92 -1.92
C1 GOL AA . -16.47 18.99 26.76
O1 GOL AA . -16.19 20.18 27.48
C2 GOL AA . -17.91 18.98 26.22
O2 GOL AA . -18.12 20.11 25.41
C3 GOL AA . -18.14 17.75 25.35
O3 GOL AA . -19.48 17.30 25.40
#